data_4GX2
#
_entry.id   4GX2
#
_cell.length_a   232.548
_cell.length_b   111.104
_cell.length_c   164.561
_cell.angle_alpha   90.00
_cell.angle_beta   134.78
_cell.angle_gamma   90.00
#
_symmetry.space_group_name_H-M   'C 1 2 1'
#
loop_
_entity.id
_entity.type
_entity.pdbx_description
1 polymer 'TrkA domain protein'
2 non-polymer 'POTASSIUM ION'
3 non-polymer 'ZINC ION'
4 non-polymer 'CALCIUM ION'
5 non-polymer NICOTINAMIDE-ADENINE-DINUCLEOTIDE
6 non-polymer 'PHOSPHATE ION'
7 water water
#
_entity_poly.entity_id   1
_entity_poly.type   'polypeptide(L)'
_entity_poly.pdbx_seq_one_letter_code
;MQRGSAYFLRGRARQNLKVLLLYCAFLLVMLLAYASIFRYLMWHLEGRAYSFMAGIYWTITVMTTLGFGDITFESDAGYL
FASIVTVSGVIFLDIILPFGFVSMFLAPWIERRLRYHPTIELPDDTRGHILIFGIDPITRTLIRKLESRNHLFVVVTDNY
DQALHLEEQEGFKVVYGSPTDAHVLAGLRVAAARSIIANLSDPDNANLCLTVRSLCQTPIIAVVKEPVHGELLRLAGANQ
VVPLTRILGRYLGIRATTCGALAHILDSFGNLQIAELPVHGTPFAGKTIGESGIRQRTGLSIIGVWERGSLTTPQRETVL
TEQSLLVLAGTKSQLAALEYLIGEAPEDELIFIIGHGRIGCAAAAFLDRKPVPFILIDRQESPVCNDHVVVYGDATVGQT
LRQAGIDRASGIIVTTNDDSTNIFLTLACRHLHSHIRIVARANGEENVDQLYAAGADFVVSNASVGANILGNLLEHKESA
FLSEGMAVFRRPLPPAMAGKTIAETRLRPLTGCSIVAIEAPDRADILISPPPETILAEGARLILIGTSEQEKTFDQTIAA
RLVPR
;
_entity_poly.pdbx_strand_id   A,B,C,D
#
loop_
_chem_comp.id
_chem_comp.type
_chem_comp.name
_chem_comp.formula
CA non-polymer 'CALCIUM ION' 'Ca 2'
K non-polymer 'POTASSIUM ION' 'K 1'
NAD non-polymer NICOTINAMIDE-ADENINE-DINUCLEOTIDE 'C21 H27 N7 O14 P2'
PO4 non-polymer 'PHOSPHATE ION' 'O4 P -3'
ZN non-polymer 'ZINC ION' 'Zn 2'
#
# COMPACT_ATOMS: atom_id res chain seq x y z
N GLN A 15 -42.30 22.78 -19.61
CA GLN A 15 -42.17 22.99 -18.18
C GLN A 15 -41.64 24.38 -17.85
N ASN A 16 -40.60 24.79 -18.58
CA ASN A 16 -39.99 26.10 -18.37
C ASN A 16 -40.95 27.25 -18.70
N LEU A 17 -42.05 26.90 -19.37
CA LEU A 17 -43.09 27.84 -19.74
C LEU A 17 -43.67 28.57 -18.51
N LYS A 18 -43.93 27.81 -17.46
CA LYS A 18 -44.59 28.34 -16.27
C LYS A 18 -43.80 29.46 -15.58
N VAL A 19 -42.47 29.39 -15.65
CA VAL A 19 -41.63 30.43 -15.09
C VAL A 19 -41.60 31.64 -16.02
N LEU A 20 -41.73 31.36 -17.31
CA LEU A 20 -41.64 32.40 -18.35
C LEU A 20 -42.89 33.28 -18.43
N LEU A 21 -44.07 32.67 -18.41
CA LEU A 21 -45.29 33.45 -18.55
C LEU A 21 -45.73 34.08 -17.22
N LEU A 22 -45.20 33.56 -16.12
CA LEU A 22 -45.36 34.20 -14.81
C LEU A 22 -44.63 35.53 -14.87
N TYR A 23 -43.50 35.52 -15.58
CA TYR A 23 -42.72 36.72 -15.77
C TYR A 23 -43.48 37.69 -16.67
N CYS A 24 -44.18 37.13 -17.66
CA CYS A 24 -45.03 37.94 -18.53
C CYS A 24 -46.22 38.50 -17.76
N ALA A 25 -46.68 37.76 -16.76
CA ALA A 25 -47.75 38.22 -15.89
C ALA A 25 -47.25 39.37 -15.03
N PHE A 26 -46.06 39.22 -14.48
CA PHE A 26 -45.43 40.28 -13.69
C PHE A 26 -45.18 41.52 -14.54
N LEU A 27 -44.74 41.29 -15.78
CA LEU A 27 -44.49 42.38 -16.72
C LEU A 27 -45.77 43.11 -17.05
N LEU A 28 -46.83 42.35 -17.30
CA LEU A 28 -48.14 42.93 -17.61
C LEU A 28 -48.65 43.77 -16.44
N VAL A 29 -48.46 43.26 -15.23
CA VAL A 29 -48.85 43.98 -14.02
C VAL A 29 -48.05 45.26 -13.87
N MET A 30 -46.73 45.13 -14.07
CA MET A 30 -45.82 46.27 -13.98
C MET A 30 -46.19 47.33 -15.01
N LEU A 31 -46.65 46.88 -16.17
CA LEU A 31 -47.11 47.78 -17.23
C LEU A 31 -48.29 48.62 -16.76
N LEU A 32 -49.38 47.94 -16.40
CA LEU A 32 -50.59 48.61 -15.93
C LEU A 32 -50.33 49.47 -14.72
N ALA A 33 -49.43 49.01 -13.85
CA ALA A 33 -49.06 49.77 -12.66
C ALA A 33 -48.39 51.08 -13.05
N TYR A 34 -47.46 51.01 -14.00
CA TYR A 34 -46.75 52.20 -14.46
C TYR A 34 -47.65 53.13 -15.26
N ALA A 35 -48.53 52.55 -16.07
CA ALA A 35 -49.48 53.32 -16.85
C ALA A 35 -50.43 54.10 -15.93
N SER A 36 -50.80 53.47 -14.82
CA SER A 36 -51.69 54.09 -13.85
C SER A 36 -51.04 55.25 -13.12
N ILE A 37 -49.83 55.02 -12.60
CA ILE A 37 -49.10 56.06 -11.88
C ILE A 37 -48.80 57.24 -12.80
N PHE A 38 -48.52 56.94 -14.06
CA PHE A 38 -48.25 57.96 -15.08
C PHE A 38 -49.40 58.97 -15.15
N ARG A 39 -50.62 58.47 -15.32
CA ARG A 39 -51.80 59.32 -15.39
C ARG A 39 -51.99 60.07 -14.08
N TYR A 40 -51.81 59.36 -12.97
CA TYR A 40 -51.96 59.95 -11.66
C TYR A 40 -50.96 61.07 -11.44
N LEU A 41 -49.71 60.82 -11.82
CA LEU A 41 -48.67 61.83 -11.67
C LEU A 41 -48.89 63.00 -12.62
N MET A 42 -49.03 62.71 -13.92
CA MET A 42 -49.29 63.74 -14.93
C MET A 42 -50.39 64.70 -14.48
N TRP A 43 -51.45 64.14 -13.92
CA TRP A 43 -52.54 64.95 -13.40
C TRP A 43 -52.09 65.79 -12.21
N HIS A 44 -51.70 65.15 -11.13
CA HIS A 44 -51.37 65.87 -9.90
C HIS A 44 -50.10 66.72 -9.99
N LEU A 45 -49.12 66.27 -10.76
CA LEU A 45 -47.86 66.99 -10.86
C LEU A 45 -47.92 68.20 -11.79
N GLU A 46 -48.55 68.03 -12.94
CA GLU A 46 -48.50 69.06 -13.97
C GLU A 46 -49.87 69.47 -14.55
N GLY A 47 -50.94 68.99 -13.94
CA GLY A 47 -52.29 69.38 -14.36
C GLY A 47 -52.65 68.95 -15.76
N ARG A 48 -52.22 67.75 -16.14
CA ARG A 48 -52.50 67.23 -17.47
C ARG A 48 -53.35 65.95 -17.39
N ALA A 49 -54.37 65.87 -18.23
CA ALA A 49 -55.26 64.71 -18.23
C ALA A 49 -55.00 63.79 -19.42
N TYR A 50 -54.39 62.64 -19.15
CA TYR A 50 -54.12 61.66 -20.19
C TYR A 50 -55.04 60.44 -20.06
N SER A 51 -55.31 59.79 -21.19
CA SER A 51 -56.19 58.62 -21.21
C SER A 51 -55.47 57.38 -20.74
N PHE A 52 -56.19 56.26 -20.68
CA PHE A 52 -55.58 55.00 -20.30
C PHE A 52 -54.62 54.52 -21.39
N MET A 53 -55.06 54.63 -22.64
CA MET A 53 -54.22 54.22 -23.77
C MET A 53 -52.97 55.07 -23.86
N ALA A 54 -53.05 56.33 -23.45
CA ALA A 54 -51.89 57.20 -23.44
C ALA A 54 -50.85 56.70 -22.44
N GLY A 55 -51.31 56.15 -21.33
CA GLY A 55 -50.43 55.61 -20.31
C GLY A 55 -49.76 54.33 -20.74
N ILE A 56 -50.52 53.47 -21.42
CA ILE A 56 -49.98 52.24 -21.99
C ILE A 56 -48.94 52.59 -23.04
N TYR A 57 -49.36 53.41 -24.00
CA TYR A 57 -48.51 53.86 -25.09
C TYR A 57 -47.23 54.52 -24.61
N TRP A 58 -47.33 55.33 -23.56
CA TRP A 58 -46.16 56.01 -23.00
C TRP A 58 -45.23 55.02 -22.32
N THR A 59 -45.79 54.18 -21.47
CA THR A 59 -45.00 53.21 -20.70
C THR A 59 -44.23 52.28 -21.61
N ILE A 60 -44.92 51.74 -22.62
CA ILE A 60 -44.29 50.87 -23.60
C ILE A 60 -43.12 51.59 -24.25
N THR A 61 -43.39 52.80 -24.75
CA THR A 61 -42.38 53.64 -25.41
C THR A 61 -41.12 53.85 -24.57
N VAL A 62 -41.29 53.95 -23.25
CA VAL A 62 -40.17 54.18 -22.34
C VAL A 62 -39.34 52.92 -22.06
N MET A 63 -40.00 51.83 -21.68
CA MET A 63 -39.31 50.60 -21.31
C MET A 63 -38.62 49.94 -22.51
N THR A 64 -39.27 49.99 -23.67
CA THR A 64 -38.74 49.43 -24.91
C THR A 64 -37.61 50.30 -25.44
N THR A 65 -37.40 51.40 -24.73
CA THR A 65 -36.47 52.49 -25.03
C THR A 65 -36.69 53.14 -26.40
N LEU A 66 -37.89 53.09 -26.94
CA LEU A 66 -38.18 53.79 -28.18
C LEU A 66 -38.00 55.30 -27.96
N GLY A 67 -38.71 55.86 -26.98
CA GLY A 67 -38.51 57.25 -26.58
C GLY A 67 -38.98 58.38 -27.50
N PHE A 68 -40.19 58.29 -28.04
CA PHE A 68 -40.72 59.35 -28.91
C PHE A 68 -40.56 60.79 -28.40
N GLY A 69 -40.61 60.99 -27.08
CA GLY A 69 -40.44 62.32 -26.53
C GLY A 69 -41.61 63.28 -26.75
N ASP A 70 -42.71 62.76 -27.30
CA ASP A 70 -43.89 63.56 -27.56
C ASP A 70 -44.68 63.81 -26.28
N ILE A 71 -44.60 62.86 -25.36
CA ILE A 71 -45.22 63.01 -24.05
C ILE A 71 -44.14 62.90 -22.97
N THR A 72 -43.67 64.05 -22.48
CA THR A 72 -42.62 64.07 -21.47
C THR A 72 -43.00 64.98 -20.30
N PHE A 73 -42.53 64.64 -19.11
CA PHE A 73 -42.76 65.47 -17.94
C PHE A 73 -41.91 66.74 -18.00
N GLU A 74 -42.18 67.68 -17.11
CA GLU A 74 -41.41 68.92 -17.04
C GLU A 74 -41.03 69.25 -15.60
N SER A 75 -41.45 68.39 -14.67
CA SER A 75 -41.15 68.56 -13.26
C SER A 75 -40.06 67.58 -12.82
N ASP A 76 -39.45 67.84 -11.67
CA ASP A 76 -38.43 66.95 -11.13
C ASP A 76 -39.03 65.63 -10.68
N ALA A 77 -40.21 65.70 -10.06
CA ALA A 77 -40.92 64.51 -9.64
C ALA A 77 -41.29 63.66 -10.85
N GLY A 78 -41.59 64.33 -11.95
CA GLY A 78 -41.90 63.65 -13.20
C GLY A 78 -40.66 63.09 -13.84
N TYR A 79 -39.55 63.79 -13.69
CA TYR A 79 -38.26 63.33 -14.19
C TYR A 79 -37.80 62.07 -13.45
N LEU A 80 -37.95 62.07 -12.13
CA LEU A 80 -37.58 60.93 -11.31
C LEU A 80 -38.34 59.69 -11.76
N PHE A 81 -39.67 59.82 -11.82
CA PHE A 81 -40.54 58.73 -12.25
C PHE A 81 -40.14 58.18 -13.61
N ALA A 82 -39.91 59.09 -14.55
CA ALA A 82 -39.49 58.71 -15.90
C ALA A 82 -38.19 57.91 -15.86
N SER A 83 -37.26 58.34 -15.02
CA SER A 83 -35.99 57.64 -14.86
C SER A 83 -36.19 56.25 -14.28
N ILE A 84 -37.11 56.13 -13.33
CA ILE A 84 -37.41 54.85 -12.70
C ILE A 84 -38.01 53.87 -13.70
N VAL A 85 -38.95 54.36 -14.51
CA VAL A 85 -39.59 53.52 -15.53
C VAL A 85 -38.57 53.11 -16.59
N THR A 86 -37.63 54.01 -16.88
CA THR A 86 -36.60 53.73 -17.88
C THR A 86 -35.64 52.64 -17.41
N VAL A 87 -35.15 52.77 -16.18
CA VAL A 87 -34.26 51.77 -15.59
C VAL A 87 -34.94 50.41 -15.53
N SER A 88 -36.21 50.40 -15.15
CA SER A 88 -37.00 49.18 -15.08
C SER A 88 -37.08 48.48 -16.43
N GLY A 89 -37.19 49.27 -17.49
CA GLY A 89 -37.25 48.73 -18.84
C GLY A 89 -35.94 48.08 -19.23
N VAL A 90 -34.85 48.56 -18.65
CA VAL A 90 -33.53 48.00 -18.94
C VAL A 90 -33.32 46.70 -18.18
N ILE A 91 -33.57 46.74 -16.88
CA ILE A 91 -33.39 45.57 -16.03
C ILE A 91 -34.34 44.43 -16.41
N PHE A 92 -35.62 44.76 -16.60
CA PHE A 92 -36.63 43.72 -16.80
C PHE A 92 -36.90 43.35 -18.26
N LEU A 93 -36.06 43.83 -19.17
CA LEU A 93 -36.22 43.50 -20.60
C LEU A 93 -34.91 43.30 -21.34
N ASP A 94 -33.85 43.97 -20.87
CA ASP A 94 -32.55 43.88 -21.52
C ASP A 94 -31.51 43.18 -20.64
N ILE A 95 -31.90 42.83 -19.42
CA ILE A 95 -31.01 42.10 -18.53
C ILE A 95 -31.65 40.80 -18.06
N ILE A 96 -32.76 40.89 -17.33
CA ILE A 96 -33.40 39.70 -16.79
C ILE A 96 -34.00 38.81 -17.89
N LEU A 97 -34.64 39.42 -18.87
CA LEU A 97 -35.24 38.66 -19.95
C LEU A 97 -34.22 37.81 -20.75
N PRO A 98 -33.04 38.36 -21.06
CA PRO A 98 -32.04 37.46 -21.66
C PRO A 98 -31.33 36.56 -20.64
N PHE A 99 -31.06 37.09 -19.45
CA PHE A 99 -30.43 36.28 -18.39
C PHE A 99 -31.29 35.08 -18.05
N GLY A 100 -32.60 35.28 -18.05
CA GLY A 100 -33.54 34.19 -17.88
C GLY A 100 -33.33 33.16 -18.97
N PHE A 101 -33.51 33.59 -20.22
CA PHE A 101 -33.32 32.76 -21.41
C PHE A 101 -32.17 31.76 -21.31
N VAL A 102 -30.98 32.29 -21.04
CA VAL A 102 -29.78 31.45 -20.99
C VAL A 102 -29.78 30.53 -19.76
N SER A 103 -30.20 31.06 -18.63
CA SER A 103 -30.19 30.30 -17.37
C SER A 103 -31.54 29.63 -17.07
N MET A 104 -32.26 29.26 -18.11
CA MET A 104 -33.55 28.60 -17.94
C MET A 104 -33.75 27.45 -18.94
N PHE A 105 -33.36 27.67 -20.19
CA PHE A 105 -33.41 26.59 -21.18
C PHE A 105 -32.25 26.57 -22.17
N LEU A 106 -31.20 27.32 -21.87
CA LEU A 106 -29.94 27.16 -22.60
C LEU A 106 -28.97 26.45 -21.65
N ALA A 107 -29.30 26.49 -20.36
CA ALA A 107 -28.54 25.76 -19.35
C ALA A 107 -28.85 24.25 -19.31
N PRO A 108 -30.14 23.88 -19.39
CA PRO A 108 -30.39 22.44 -19.52
C PRO A 108 -29.93 21.90 -20.87
N TRP A 109 -29.64 22.80 -21.81
CA TRP A 109 -29.18 22.38 -23.12
C TRP A 109 -27.76 21.82 -23.10
N ILE A 110 -26.93 22.31 -22.18
CA ILE A 110 -25.56 21.81 -22.04
C ILE A 110 -25.49 20.55 -21.17
N GLU A 111 -26.35 20.50 -20.14
CA GLU A 111 -26.32 19.40 -19.19
C GLU A 111 -27.04 18.17 -19.74
N ARG A 112 -27.49 18.23 -20.98
CA ARG A 112 -28.27 17.14 -21.55
C ARG A 112 -27.94 16.89 -23.03
N ARG A 113 -27.04 17.67 -23.59
CA ARG A 113 -26.64 17.49 -25.00
C ARG A 113 -25.15 17.66 -25.27
N LEU A 114 -24.42 18.17 -24.28
CA LEU A 114 -22.98 18.39 -24.41
C LEU A 114 -22.22 17.48 -23.46
N ARG A 115 -22.87 17.12 -22.37
CA ARG A 115 -22.31 16.19 -21.40
C ARG A 115 -23.42 15.21 -21.02
N TYR A 116 -23.27 13.95 -21.41
CA TYR A 116 -24.32 12.95 -21.23
C TYR A 116 -24.82 12.85 -19.81
N HIS A 117 -26.12 13.08 -19.63
CA HIS A 117 -26.74 13.02 -18.31
C HIS A 117 -27.59 11.75 -18.22
N PRO A 118 -27.10 10.75 -17.48
CA PRO A 118 -27.81 9.49 -17.32
C PRO A 118 -29.02 9.61 -16.40
N THR A 119 -30.13 8.98 -16.79
CA THR A 119 -31.33 8.97 -15.97
C THR A 119 -31.17 7.98 -14.82
N ILE A 120 -31.14 8.51 -13.59
CA ILE A 120 -30.88 7.68 -12.43
C ILE A 120 -32.15 7.30 -11.69
N GLU A 121 -33.28 7.83 -12.15
CA GLU A 121 -34.55 7.63 -11.45
C GLU A 121 -35.72 7.91 -12.38
N LEU A 122 -36.82 7.20 -12.17
CA LEU A 122 -38.03 7.42 -12.96
C LEU A 122 -39.01 8.33 -12.23
N PRO A 123 -39.84 9.07 -12.99
CA PRO A 123 -40.88 9.93 -12.42
C PRO A 123 -41.77 9.19 -11.45
N ASP A 124 -42.18 9.86 -10.37
CA ASP A 124 -42.94 9.24 -9.30
C ASP A 124 -44.21 8.52 -9.78
N ASP A 125 -44.87 9.10 -10.78
CA ASP A 125 -46.17 8.61 -11.23
C ASP A 125 -46.07 7.47 -12.24
N THR A 126 -44.85 7.05 -12.57
CA THR A 126 -44.64 6.02 -13.58
C THR A 126 -45.31 4.70 -13.21
N ARG A 127 -46.17 4.21 -14.11
CA ARG A 127 -46.93 2.99 -13.86
C ARG A 127 -47.04 2.13 -15.13
N GLY A 128 -47.13 0.82 -14.94
CA GLY A 128 -47.34 -0.10 -16.03
C GLY A 128 -46.14 -0.28 -16.94
N HIS A 129 -44.94 -0.06 -16.39
CA HIS A 129 -43.72 -0.20 -17.17
C HIS A 129 -43.04 -1.54 -16.95
N ILE A 130 -42.25 -1.96 -17.94
CA ILE A 130 -41.55 -3.25 -17.87
C ILE A 130 -40.05 -3.04 -17.69
N LEU A 131 -39.53 -3.51 -16.56
CA LEU A 131 -38.10 -3.39 -16.24
C LEU A 131 -37.28 -4.47 -16.93
N ILE A 132 -36.26 -4.06 -17.67
CA ILE A 132 -35.35 -5.00 -18.32
C ILE A 132 -33.96 -4.94 -17.70
N PHE A 133 -33.54 -6.04 -17.08
CA PHE A 133 -32.23 -6.12 -16.45
C PHE A 133 -31.30 -7.03 -17.23
N GLY A 134 -30.35 -6.44 -17.95
CA GLY A 134 -29.43 -7.19 -18.77
C GLY A 134 -29.86 -7.22 -20.23
N ILE A 135 -29.40 -6.26 -21.00
CA ILE A 135 -29.78 -6.14 -22.40
C ILE A 135 -28.88 -6.98 -23.31
N ASP A 136 -29.51 -7.70 -24.24
CA ASP A 136 -28.82 -8.54 -25.21
C ASP A 136 -29.70 -8.67 -26.45
N PRO A 137 -29.18 -9.25 -27.56
CA PRO A 137 -29.98 -9.43 -28.77
C PRO A 137 -31.36 -10.07 -28.53
N ILE A 138 -31.49 -10.86 -27.47
CA ILE A 138 -32.78 -11.45 -27.12
C ILE A 138 -33.74 -10.40 -26.59
N THR A 139 -33.34 -9.70 -25.54
CA THR A 139 -34.19 -8.69 -24.91
C THR A 139 -34.29 -7.44 -25.77
N ARG A 140 -33.32 -7.24 -26.66
CA ARG A 140 -33.35 -6.10 -27.58
C ARG A 140 -34.42 -6.36 -28.64
N THR A 141 -34.59 -7.63 -28.99
CA THR A 141 -35.61 -8.03 -29.95
C THR A 141 -36.98 -8.09 -29.28
N LEU A 142 -37.01 -8.48 -28.01
CA LEU A 142 -38.25 -8.51 -27.23
C LEU A 142 -38.87 -7.12 -27.16
N ILE A 143 -38.04 -6.09 -27.19
CA ILE A 143 -38.51 -4.71 -27.16
C ILE A 143 -39.15 -4.31 -28.49
N ARG A 144 -38.45 -4.54 -29.59
CA ARG A 144 -38.94 -4.14 -30.91
C ARG A 144 -40.02 -5.08 -31.42
N LYS A 145 -40.36 -6.09 -30.64
CA LYS A 145 -41.39 -7.04 -31.03
C LYS A 145 -42.71 -6.74 -30.32
N LEU A 146 -42.63 -5.91 -29.28
CA LEU A 146 -43.82 -5.53 -28.52
C LEU A 146 -44.04 -4.01 -28.51
N GLU A 147 -43.67 -3.36 -29.61
CA GLU A 147 -43.84 -1.90 -29.71
C GLU A 147 -45.25 -1.54 -30.14
N SER A 148 -45.93 -2.48 -30.79
CA SER A 148 -47.29 -2.26 -31.26
C SER A 148 -48.27 -2.27 -30.09
N ARG A 149 -47.87 -2.94 -29.01
CA ARG A 149 -48.67 -2.95 -27.78
C ARG A 149 -48.39 -1.68 -27.00
N ASN A 150 -47.33 -0.98 -27.41
CA ASN A 150 -46.93 0.29 -26.82
C ASN A 150 -46.71 0.25 -25.31
N HIS A 151 -45.87 -0.67 -24.86
CA HIS A 151 -45.46 -0.71 -23.47
C HIS A 151 -44.30 0.26 -23.28
N LEU A 152 -43.99 0.58 -22.02
CA LEU A 152 -42.83 1.40 -21.73
C LEU A 152 -41.69 0.52 -21.23
N PHE A 153 -40.79 0.16 -22.14
CA PHE A 153 -39.64 -0.66 -21.77
C PHE A 153 -38.50 0.18 -21.23
N VAL A 154 -38.07 -0.16 -20.02
CA VAL A 154 -36.93 0.51 -19.40
C VAL A 154 -35.82 -0.50 -19.16
N VAL A 155 -34.67 -0.30 -19.81
CA VAL A 155 -33.53 -1.17 -19.58
C VAL A 155 -32.61 -0.54 -18.53
N VAL A 156 -32.06 -1.38 -17.67
CA VAL A 156 -31.22 -0.89 -16.57
C VAL A 156 -29.83 -1.50 -16.62
N THR A 157 -28.81 -0.65 -16.63
CA THR A 157 -27.44 -1.11 -16.71
C THR A 157 -26.53 -0.37 -15.72
N ASP A 158 -25.65 -1.11 -15.06
CA ASP A 158 -24.72 -0.52 -14.10
C ASP A 158 -23.44 -0.05 -14.80
N ASN A 159 -23.42 -0.16 -16.12
CA ASN A 159 -22.28 0.27 -16.91
C ASN A 159 -22.55 1.60 -17.61
N TYR A 160 -21.65 2.56 -17.41
CA TYR A 160 -21.82 3.90 -17.95
C TYR A 160 -21.82 3.90 -19.48
N ASP A 161 -20.80 3.30 -20.06
CA ASP A 161 -20.63 3.28 -21.51
C ASP A 161 -21.82 2.66 -22.22
N GLN A 162 -22.34 1.56 -21.66
CA GLN A 162 -23.48 0.88 -22.24
C GLN A 162 -24.73 1.75 -22.19
N ALA A 163 -24.85 2.53 -21.12
CA ALA A 163 -25.99 3.43 -20.97
C ALA A 163 -25.98 4.50 -22.04
N LEU A 164 -24.77 4.98 -22.37
CA LEU A 164 -24.62 6.02 -23.39
C LEU A 164 -24.95 5.53 -24.79
N HIS A 165 -24.52 4.31 -25.12
CA HIS A 165 -24.80 3.73 -26.42
C HIS A 165 -26.29 3.43 -26.58
N LEU A 166 -26.93 3.03 -25.50
CA LEU A 166 -28.34 2.70 -25.52
C LEU A 166 -29.21 3.95 -25.46
N GLU A 167 -28.58 5.11 -25.32
CA GLU A 167 -29.32 6.36 -25.20
C GLU A 167 -29.50 7.06 -26.55
N GLU A 168 -28.49 6.96 -27.41
CA GLU A 168 -28.55 7.60 -28.73
C GLU A 168 -29.54 6.86 -29.63
N GLN A 169 -29.46 5.54 -29.66
CA GLN A 169 -30.47 4.73 -30.33
C GLN A 169 -31.57 4.46 -29.30
N GLU A 170 -32.84 4.59 -29.70
CA GLU A 170 -33.93 4.40 -28.75
C GLU A 170 -35.19 3.75 -29.30
N GLY A 171 -35.79 2.93 -28.44
CA GLY A 171 -37.11 2.39 -28.63
C GLY A 171 -37.58 2.06 -27.22
N PHE A 172 -36.74 2.44 -26.26
CA PHE A 172 -36.94 2.13 -24.86
C PHE A 172 -36.29 3.20 -23.99
N LYS A 173 -36.47 3.11 -22.68
CA LYS A 173 -35.88 4.08 -21.75
C LYS A 173 -34.63 3.46 -21.10
N VAL A 174 -33.63 4.29 -20.83
CA VAL A 174 -32.37 3.80 -20.27
C VAL A 174 -32.06 4.40 -18.89
N VAL A 175 -32.00 3.53 -17.89
CA VAL A 175 -31.66 3.96 -16.54
C VAL A 175 -30.31 3.40 -16.11
N TYR A 176 -29.48 4.27 -15.53
CA TYR A 176 -28.13 3.89 -15.11
C TYR A 176 -28.02 3.79 -13.59
N GLY A 177 -27.60 2.61 -13.12
CA GLY A 177 -27.45 2.38 -11.69
C GLY A 177 -27.29 0.91 -11.36
N SER A 178 -27.04 0.61 -10.09
CA SER A 178 -26.88 -0.76 -9.65
C SER A 178 -28.23 -1.48 -9.59
N PRO A 179 -28.40 -2.52 -10.41
CA PRO A 179 -29.66 -3.28 -10.49
C PRO A 179 -29.97 -3.93 -9.15
N THR A 180 -28.93 -4.26 -8.41
CA THR A 180 -29.09 -4.96 -7.14
C THR A 180 -29.05 -4.00 -5.96
N ASP A 181 -29.58 -2.80 -6.15
CA ASP A 181 -29.67 -1.84 -5.06
C ASP A 181 -31.13 -1.53 -4.76
N ALA A 182 -31.49 -1.57 -3.48
CA ALA A 182 -32.87 -1.34 -3.06
C ALA A 182 -33.32 0.08 -3.36
N HIS A 183 -32.43 1.05 -3.15
CA HIS A 183 -32.76 2.45 -3.38
C HIS A 183 -32.90 2.74 -4.87
N VAL A 184 -32.17 2.00 -5.70
CA VAL A 184 -32.26 2.15 -7.14
C VAL A 184 -33.55 1.53 -7.67
N LEU A 185 -33.93 0.38 -7.09
CA LEU A 185 -35.17 -0.29 -7.47
C LEU A 185 -36.38 0.52 -7.04
N ALA A 186 -36.24 1.27 -5.95
CA ALA A 186 -37.31 2.13 -5.45
C ALA A 186 -37.54 3.31 -6.39
N GLY A 187 -36.47 3.83 -6.96
CA GLY A 187 -36.55 4.94 -7.90
C GLY A 187 -37.01 4.48 -9.27
N LEU A 188 -36.98 3.17 -9.48
CA LEU A 188 -37.46 2.58 -10.72
C LEU A 188 -38.95 2.29 -10.62
N ARG A 189 -39.50 2.53 -9.43
CA ARG A 189 -40.92 2.32 -9.14
C ARG A 189 -41.34 0.88 -9.47
N VAL A 190 -40.59 -0.09 -8.96
CA VAL A 190 -40.85 -1.50 -9.24
C VAL A 190 -42.22 -1.95 -8.73
N ALA A 191 -42.69 -1.30 -7.68
CA ALA A 191 -43.99 -1.65 -7.09
C ALA A 191 -45.12 -1.32 -8.05
N ALA A 192 -44.86 -0.39 -8.96
CA ALA A 192 -45.86 0.05 -9.92
C ALA A 192 -45.61 -0.57 -11.29
N ALA A 193 -44.60 -1.44 -11.36
CA ALA A 193 -44.20 -2.04 -12.62
C ALA A 193 -45.18 -3.11 -13.09
N ARG A 194 -45.25 -3.28 -14.42
CA ARG A 194 -46.10 -4.31 -15.00
C ARG A 194 -45.45 -5.67 -14.79
N SER A 195 -44.16 -5.75 -15.12
CA SER A 195 -43.40 -6.99 -14.97
C SER A 195 -41.91 -6.70 -15.07
N ILE A 196 -41.10 -7.59 -14.49
CA ILE A 196 -39.65 -7.43 -14.51
C ILE A 196 -38.99 -8.63 -15.20
N ILE A 197 -38.05 -8.36 -16.09
CA ILE A 197 -37.30 -9.42 -16.75
C ILE A 197 -35.85 -9.49 -16.26
N ALA A 198 -35.50 -10.60 -15.62
CA ALA A 198 -34.16 -10.80 -15.07
C ALA A 198 -33.28 -11.60 -16.04
N ASN A 199 -32.38 -10.89 -16.71
CA ASN A 199 -31.52 -11.51 -17.71
C ASN A 199 -30.04 -11.35 -17.36
N LEU A 200 -29.77 -11.23 -16.06
CA LEU A 200 -28.39 -11.16 -15.57
C LEU A 200 -27.91 -12.57 -15.25
N SER A 201 -26.66 -12.67 -14.79
CA SER A 201 -26.11 -13.96 -14.39
C SER A 201 -26.93 -14.56 -13.25
N ASP A 202 -26.83 -15.87 -13.05
CA ASP A 202 -27.59 -16.55 -12.01
C ASP A 202 -27.41 -15.98 -10.59
N PRO A 203 -26.15 -15.70 -10.17
CA PRO A 203 -26.03 -15.08 -8.85
C PRO A 203 -26.66 -13.70 -8.79
N ASP A 204 -26.57 -12.95 -9.88
CA ASP A 204 -27.14 -11.61 -9.93
C ASP A 204 -28.67 -11.65 -9.88
N ASN A 205 -29.27 -12.54 -10.67
CA ASN A 205 -30.72 -12.71 -10.67
C ASN A 205 -31.26 -13.11 -9.31
N ALA A 206 -30.51 -13.97 -8.60
CA ALA A 206 -30.88 -14.38 -7.26
C ALA A 206 -30.86 -13.16 -6.34
N ASN A 207 -29.87 -12.30 -6.54
CA ASN A 207 -29.77 -11.07 -5.77
C ASN A 207 -30.87 -10.10 -6.18
N LEU A 208 -31.15 -10.06 -7.48
CA LEU A 208 -32.17 -9.16 -8.02
C LEU A 208 -33.57 -9.51 -7.48
N CYS A 209 -33.89 -10.80 -7.46
CA CYS A 209 -35.20 -11.24 -6.99
C CYS A 209 -35.39 -10.96 -5.50
N LEU A 210 -34.43 -11.37 -4.69
CA LEU A 210 -34.50 -11.20 -3.24
C LEU A 210 -34.63 -9.73 -2.85
N THR A 211 -34.08 -8.84 -3.68
CA THR A 211 -34.14 -7.41 -3.42
C THR A 211 -35.51 -6.87 -3.79
N VAL A 212 -36.00 -7.29 -4.96
CA VAL A 212 -37.33 -6.88 -5.42
C VAL A 212 -38.39 -7.37 -4.44
N ARG A 213 -38.28 -8.61 -3.99
CA ARG A 213 -39.25 -9.21 -3.10
C ARG A 213 -39.32 -8.53 -1.73
N SER A 214 -38.25 -7.83 -1.36
CA SER A 214 -38.23 -7.10 -0.09
C SER A 214 -39.10 -5.84 -0.20
N LEU A 215 -39.30 -5.38 -1.44
CA LEU A 215 -40.09 -4.19 -1.68
C LEU A 215 -41.51 -4.55 -2.10
N CYS A 216 -41.63 -5.26 -3.22
CA CYS A 216 -42.93 -5.53 -3.80
C CYS A 216 -43.09 -7.00 -4.18
N GLN A 217 -44.16 -7.30 -4.92
CA GLN A 217 -44.38 -8.64 -5.44
C GLN A 217 -44.68 -8.57 -6.94
N THR A 218 -43.96 -7.68 -7.62
CA THR A 218 -44.01 -7.59 -9.07
C THR A 218 -43.59 -8.91 -9.68
N PRO A 219 -44.36 -9.41 -10.66
CA PRO A 219 -44.02 -10.64 -11.38
C PRO A 219 -42.62 -10.59 -12.00
N ILE A 220 -41.80 -11.57 -11.68
CA ILE A 220 -40.44 -11.64 -12.20
C ILE A 220 -40.26 -12.81 -13.16
N ILE A 221 -39.88 -12.51 -14.40
CA ILE A 221 -39.53 -13.53 -15.36
C ILE A 221 -38.01 -13.61 -15.47
N ALA A 222 -37.42 -14.58 -14.78
CA ALA A 222 -35.97 -14.71 -14.75
C ALA A 222 -35.47 -15.72 -15.78
N VAL A 223 -34.52 -15.28 -16.59
CA VAL A 223 -33.88 -16.14 -17.57
C VAL A 223 -32.64 -16.77 -16.92
N VAL A 224 -32.75 -18.05 -16.57
CA VAL A 224 -31.74 -18.75 -15.78
C VAL A 224 -30.59 -19.24 -16.66
N LYS A 225 -29.37 -19.25 -16.12
CA LYS A 225 -28.18 -19.63 -16.89
C LYS A 225 -27.93 -21.14 -16.86
N GLU A 226 -28.30 -21.77 -15.75
CA GLU A 226 -28.16 -23.22 -15.61
C GLU A 226 -29.48 -23.81 -15.10
N PRO A 227 -30.04 -24.78 -15.84
CA PRO A 227 -31.32 -25.42 -15.52
C PRO A 227 -31.42 -25.88 -14.07
N VAL A 228 -30.30 -26.28 -13.49
CA VAL A 228 -30.25 -26.69 -12.09
C VAL A 228 -30.57 -25.53 -11.17
N HIS A 229 -30.19 -24.32 -11.59
CA HIS A 229 -30.39 -23.12 -10.78
C HIS A 229 -31.82 -22.61 -10.86
N GLY A 230 -32.63 -23.22 -11.73
CA GLY A 230 -34.01 -22.81 -11.92
C GLY A 230 -34.83 -22.88 -10.64
N GLU A 231 -34.60 -23.95 -9.87
CA GLU A 231 -35.30 -24.13 -8.60
C GLU A 231 -34.92 -23.04 -7.62
N LEU A 232 -33.65 -22.66 -7.62
CA LEU A 232 -33.15 -21.64 -6.72
C LEU A 232 -33.73 -20.26 -7.01
N LEU A 233 -33.99 -19.99 -8.28
CA LEU A 233 -34.55 -18.71 -8.69
C LEU A 233 -36.00 -18.57 -8.26
N ARG A 234 -36.74 -19.67 -8.28
CA ARG A 234 -38.10 -19.70 -7.76
C ARG A 234 -38.06 -19.41 -6.26
N LEU A 235 -37.05 -19.97 -5.60
CA LEU A 235 -36.86 -19.79 -4.16
C LEU A 235 -36.57 -18.32 -3.87
N ALA A 236 -35.81 -17.69 -4.77
CA ALA A 236 -35.48 -16.27 -4.62
C ALA A 236 -36.72 -15.39 -4.73
N GLY A 237 -37.60 -15.72 -5.66
CA GLY A 237 -38.86 -15.02 -5.79
C GLY A 237 -39.39 -14.86 -7.20
N ALA A 238 -38.77 -15.55 -8.16
CA ALA A 238 -39.19 -15.46 -9.55
C ALA A 238 -40.50 -16.17 -9.80
N ASN A 239 -41.37 -15.54 -10.58
CA ASN A 239 -42.68 -16.12 -10.90
C ASN A 239 -42.63 -17.07 -12.08
N GLN A 240 -41.64 -16.85 -12.95
CA GLN A 240 -41.41 -17.74 -14.09
C GLN A 240 -39.92 -17.85 -14.38
N VAL A 241 -39.49 -19.04 -14.78
CA VAL A 241 -38.09 -19.29 -15.07
C VAL A 241 -37.94 -19.85 -16.48
N VAL A 242 -37.05 -19.25 -17.27
CA VAL A 242 -36.88 -19.65 -18.66
C VAL A 242 -35.46 -20.13 -18.98
N PRO A 243 -35.28 -21.45 -19.12
CA PRO A 243 -34.01 -22.04 -19.54
C PRO A 243 -33.88 -22.09 -21.07
N LEU A 244 -33.44 -20.98 -21.67
CA LEU A 244 -33.30 -20.89 -23.12
C LEU A 244 -32.24 -21.78 -23.76
N THR A 245 -31.03 -21.83 -23.18
CA THR A 245 -29.97 -22.64 -23.79
C THR A 245 -30.32 -24.13 -23.79
N ARG A 246 -31.06 -24.57 -22.77
CA ARG A 246 -31.59 -25.92 -22.79
C ARG A 246 -32.58 -26.03 -23.96
N ILE A 247 -33.44 -25.03 -24.09
CA ILE A 247 -34.41 -24.98 -25.18
C ILE A 247 -33.72 -24.80 -26.53
N LEU A 248 -32.80 -23.85 -26.62
CA LEU A 248 -32.06 -23.61 -27.85
C LEU A 248 -31.19 -24.80 -28.21
N GLY A 249 -30.63 -25.46 -27.20
CA GLY A 249 -29.83 -26.64 -27.41
C GLY A 249 -30.68 -27.80 -27.86
N ARG A 250 -31.88 -27.90 -27.28
CA ARG A 250 -32.83 -28.93 -27.65
C ARG A 250 -33.30 -28.76 -29.10
N TYR A 251 -33.50 -27.52 -29.51
CA TYR A 251 -33.93 -27.23 -30.88
C TYR A 251 -32.88 -27.68 -31.89
N LEU A 252 -31.62 -27.31 -31.64
CA LEU A 252 -30.52 -27.69 -32.52
C LEU A 252 -30.42 -29.20 -32.66
N GLY A 253 -30.66 -29.91 -31.56
CA GLY A 253 -30.59 -31.36 -31.55
C GLY A 253 -31.76 -32.01 -32.27
N ILE A 254 -32.94 -31.43 -32.11
CA ILE A 254 -34.12 -31.93 -32.80
C ILE A 254 -33.99 -31.75 -34.31
N ARG A 255 -33.41 -30.64 -34.73
CA ARG A 255 -33.25 -30.35 -36.16
C ARG A 255 -32.12 -31.15 -36.80
N ALA A 256 -31.15 -31.57 -36.00
CA ALA A 256 -29.98 -32.29 -36.51
C ALA A 256 -30.33 -33.72 -36.92
N THR A 257 -31.35 -34.30 -36.29
CA THR A 257 -31.77 -35.67 -36.60
C THR A 257 -33.08 -35.70 -37.38
N THR A 258 -34.15 -35.22 -36.77
CA THR A 258 -35.46 -35.19 -37.42
C THR A 258 -36.08 -33.79 -37.36
N GLU A 347 -27.16 -47.68 -36.02
CA GLU A 347 -26.93 -47.17 -37.36
C GLU A 347 -25.70 -46.27 -37.40
N ASP A 348 -25.21 -45.98 -38.60
CA ASP A 348 -24.07 -45.09 -38.77
C ASP A 348 -24.51 -43.64 -38.92
N GLU A 349 -24.75 -42.97 -37.80
CA GLU A 349 -25.16 -41.57 -37.81
C GLU A 349 -24.29 -40.74 -36.87
N LEU A 350 -23.43 -39.90 -37.45
CA LEU A 350 -22.49 -39.08 -36.67
C LEU A 350 -22.78 -37.60 -36.84
N ILE A 351 -23.01 -36.92 -35.72
CA ILE A 351 -23.28 -35.48 -35.74
C ILE A 351 -22.12 -34.68 -35.12
N PHE A 352 -21.69 -33.64 -35.84
CA PHE A 352 -20.65 -32.75 -35.34
C PHE A 352 -21.25 -31.51 -34.70
N ILE A 353 -20.89 -31.26 -33.46
CA ILE A 353 -21.30 -30.03 -32.78
C ILE A 353 -20.09 -29.12 -32.62
N ILE A 354 -20.04 -28.07 -33.43
CA ILE A 354 -18.92 -27.13 -33.40
C ILE A 354 -19.20 -25.99 -32.45
N GLY A 355 -18.71 -26.13 -31.21
CA GLY A 355 -18.93 -25.12 -30.19
C GLY A 355 -19.45 -25.76 -28.91
N HIS A 356 -18.66 -25.67 -27.85
CA HIS A 356 -18.99 -26.34 -26.60
C HIS A 356 -19.34 -25.35 -25.49
N GLY A 357 -20.23 -24.41 -25.79
CA GLY A 357 -20.74 -23.52 -24.78
C GLY A 357 -21.98 -24.12 -24.15
N ARG A 358 -22.73 -23.31 -23.40
CA ARG A 358 -23.91 -23.82 -22.72
C ARG A 358 -25.00 -24.31 -23.68
N ILE A 359 -25.06 -23.72 -24.87
CA ILE A 359 -26.01 -24.18 -25.88
C ILE A 359 -25.52 -25.47 -26.54
N GLY A 360 -24.28 -25.44 -27.01
CA GLY A 360 -23.67 -26.61 -27.62
C GLY A 360 -23.69 -27.81 -26.69
N CYS A 361 -23.45 -27.54 -25.40
CA CYS A 361 -23.51 -28.57 -24.37
C CYS A 361 -24.92 -29.13 -24.24
N ALA A 362 -25.91 -28.24 -24.27
CA ALA A 362 -27.30 -28.63 -24.15
C ALA A 362 -27.72 -29.48 -25.35
N ALA A 363 -27.15 -29.18 -26.51
CA ALA A 363 -27.40 -29.96 -27.71
C ALA A 363 -26.84 -31.37 -27.53
N ALA A 364 -25.61 -31.44 -27.05
CA ALA A 364 -24.96 -32.72 -26.79
C ALA A 364 -25.71 -33.50 -25.72
N ALA A 365 -26.17 -32.78 -24.69
CA ALA A 365 -26.92 -33.39 -23.60
C ALA A 365 -28.24 -33.98 -24.11
N PHE A 366 -28.77 -33.40 -25.17
CA PHE A 366 -30.03 -33.85 -25.76
C PHE A 366 -29.80 -35.09 -26.64
N LEU A 367 -28.66 -35.13 -27.32
CA LEU A 367 -28.36 -36.24 -28.22
C LEU A 367 -27.86 -37.47 -27.47
N ASP A 368 -27.86 -37.41 -26.15
CA ASP A 368 -27.51 -38.55 -25.32
C ASP A 368 -28.78 -39.32 -24.97
N ARG A 369 -29.91 -38.64 -25.00
CA ARG A 369 -31.19 -39.24 -24.66
C ARG A 369 -31.75 -40.07 -25.80
N LYS A 370 -31.31 -39.77 -27.02
CA LYS A 370 -31.84 -40.44 -28.21
C LYS A 370 -31.58 -41.95 -28.25
N PRO A 371 -30.31 -42.39 -28.16
CA PRO A 371 -29.01 -41.70 -28.17
C PRO A 371 -28.41 -41.69 -29.57
N VAL A 372 -27.77 -40.58 -29.93
CA VAL A 372 -27.07 -40.49 -31.21
C VAL A 372 -25.63 -40.03 -30.98
N PRO A 373 -24.66 -40.79 -31.50
CA PRO A 373 -23.23 -40.46 -31.32
C PRO A 373 -22.87 -39.10 -31.92
N PHE A 374 -22.04 -38.35 -31.20
CA PHE A 374 -21.67 -37.01 -31.62
C PHE A 374 -20.24 -36.68 -31.25
N ILE A 375 -19.74 -35.57 -31.78
CA ILE A 375 -18.40 -35.09 -31.46
C ILE A 375 -18.43 -33.60 -31.16
N LEU A 376 -17.87 -33.20 -30.02
CA LEU A 376 -17.79 -31.80 -29.65
C LEU A 376 -16.42 -31.22 -29.96
N ILE A 377 -16.40 -30.18 -30.79
CA ILE A 377 -15.16 -29.50 -31.14
C ILE A 377 -15.16 -28.09 -30.57
N ASP A 378 -14.09 -27.73 -29.88
CA ASP A 378 -13.99 -26.43 -29.26
C ASP A 378 -12.52 -26.02 -29.12
N ARG A 379 -12.29 -24.71 -29.02
CA ARG A 379 -10.93 -24.21 -28.89
C ARG A 379 -10.53 -24.14 -27.42
N GLN A 380 -11.51 -24.29 -26.53
CA GLN A 380 -11.27 -24.16 -25.10
C GLN A 380 -12.05 -25.17 -24.29
N GLU A 381 -11.52 -25.54 -23.12
CA GLU A 381 -12.20 -26.43 -22.19
C GLU A 381 -13.32 -25.68 -21.47
N SER A 382 -14.51 -26.28 -21.44
CA SER A 382 -15.65 -25.66 -20.78
C SER A 382 -15.37 -25.41 -19.29
N PRO A 383 -15.60 -24.18 -18.84
CA PRO A 383 -15.37 -23.78 -17.44
C PRO A 383 -16.50 -24.22 -16.53
N VAL A 384 -17.58 -24.74 -17.09
CA VAL A 384 -18.74 -25.14 -16.30
C VAL A 384 -19.05 -26.63 -16.45
N CYS A 385 -18.62 -27.22 -17.56
CA CYS A 385 -18.94 -28.63 -17.81
C CYS A 385 -17.73 -29.55 -17.74
N ASN A 386 -17.96 -30.75 -17.22
CA ASN A 386 -16.93 -31.77 -17.14
C ASN A 386 -17.51 -33.17 -17.36
N ASP A 387 -18.64 -33.23 -18.05
CA ASP A 387 -19.34 -34.49 -18.28
C ASP A 387 -19.28 -34.94 -19.74
N HIS A 388 -18.82 -34.06 -20.61
CA HIS A 388 -18.71 -34.36 -22.03
C HIS A 388 -17.26 -34.45 -22.49
N VAL A 389 -17.02 -35.11 -23.61
CA VAL A 389 -15.68 -35.23 -24.17
C VAL A 389 -15.51 -34.29 -25.35
N VAL A 390 -14.56 -33.37 -25.24
CA VAL A 390 -14.35 -32.36 -26.28
C VAL A 390 -13.06 -32.56 -27.06
N VAL A 391 -13.16 -32.54 -28.38
CA VAL A 391 -11.98 -32.52 -29.25
C VAL A 391 -11.47 -31.09 -29.32
N TYR A 392 -10.33 -30.84 -28.70
CA TYR A 392 -9.80 -29.48 -28.59
C TYR A 392 -9.07 -29.02 -29.85
N GLY A 393 -9.07 -27.71 -30.07
CA GLY A 393 -8.48 -27.13 -31.25
C GLY A 393 -9.43 -26.16 -31.93
N ASP A 394 -8.88 -25.12 -32.55
CA ASP A 394 -9.70 -24.13 -33.24
C ASP A 394 -10.25 -24.70 -34.53
N ALA A 395 -11.51 -24.40 -34.83
CA ALA A 395 -12.19 -24.96 -35.99
C ALA A 395 -11.97 -24.15 -37.27
N THR A 396 -11.57 -22.89 -37.11
CA THR A 396 -11.38 -21.99 -38.24
C THR A 396 -10.03 -22.24 -38.93
N VAL A 397 -9.06 -22.73 -38.16
CA VAL A 397 -7.71 -22.93 -38.66
C VAL A 397 -7.65 -23.81 -39.91
N GLY A 398 -8.23 -25.00 -39.84
CA GLY A 398 -8.32 -25.84 -41.01
C GLY A 398 -8.45 -27.33 -40.79
N GLN A 399 -7.34 -27.97 -40.43
CA GLN A 399 -7.25 -29.43 -40.42
C GLN A 399 -8.22 -30.10 -39.44
N THR A 400 -8.61 -29.36 -38.40
CA THR A 400 -9.43 -29.92 -37.31
C THR A 400 -10.73 -30.54 -37.79
N LEU A 401 -11.36 -29.91 -38.79
CA LEU A 401 -12.58 -30.46 -39.36
C LEU A 401 -12.28 -31.73 -40.15
N ARG A 402 -11.16 -31.72 -40.87
CA ARG A 402 -10.75 -32.88 -41.66
C ARG A 402 -10.15 -33.95 -40.76
N GLN A 403 -9.46 -33.53 -39.71
CA GLN A 403 -8.83 -34.45 -38.77
C GLN A 403 -9.84 -35.29 -38.01
N ALA A 404 -10.82 -34.63 -37.40
CA ALA A 404 -11.85 -35.31 -36.61
C ALA A 404 -12.73 -36.19 -37.49
N GLY A 405 -12.78 -35.88 -38.78
CA GLY A 405 -13.56 -36.67 -39.73
C GLY A 405 -14.92 -36.08 -40.02
N ILE A 406 -14.94 -34.94 -40.69
CA ILE A 406 -16.19 -34.29 -41.07
C ILE A 406 -16.80 -35.02 -42.26
N ASP A 407 -16.05 -35.98 -42.79
CA ASP A 407 -16.45 -36.73 -43.97
C ASP A 407 -17.53 -37.76 -43.67
N ARG A 408 -17.28 -38.63 -42.70
CA ARG A 408 -18.20 -39.72 -42.38
C ARG A 408 -19.32 -39.26 -41.43
N ALA A 409 -19.44 -37.96 -41.23
CA ALA A 409 -20.50 -37.40 -40.40
C ALA A 409 -21.80 -37.30 -41.21
N SER A 410 -22.93 -37.37 -40.52
CA SER A 410 -24.23 -37.29 -41.17
C SER A 410 -24.85 -35.90 -40.98
N GLY A 411 -24.52 -35.27 -39.87
CA GLY A 411 -25.04 -33.94 -39.57
C GLY A 411 -24.01 -33.05 -38.91
N ILE A 412 -24.21 -31.74 -39.03
CA ILE A 412 -23.32 -30.75 -38.40
C ILE A 412 -24.14 -29.68 -37.69
N ILE A 413 -23.77 -29.39 -36.45
CA ILE A 413 -24.41 -28.30 -35.72
C ILE A 413 -23.38 -27.22 -35.40
N VAL A 414 -23.53 -26.05 -36.03
CA VAL A 414 -22.62 -24.94 -35.79
C VAL A 414 -23.14 -24.06 -34.66
N THR A 415 -22.48 -24.13 -33.50
CA THR A 415 -22.95 -23.42 -32.32
C THR A 415 -21.86 -22.58 -31.67
N THR A 416 -21.56 -21.45 -32.29
CA THR A 416 -20.60 -20.50 -31.76
C THR A 416 -21.32 -19.21 -31.40
N ASN A 417 -20.83 -18.50 -30.39
CA ASN A 417 -21.42 -17.23 -29.98
C ASN A 417 -21.17 -16.11 -30.99
N ASP A 418 -20.46 -16.44 -32.07
CA ASP A 418 -20.16 -15.47 -33.11
C ASP A 418 -20.85 -15.86 -34.42
N ASP A 419 -21.81 -15.04 -34.84
CA ASP A 419 -22.57 -15.29 -36.06
C ASP A 419 -21.70 -15.28 -37.32
N SER A 420 -20.68 -14.43 -37.32
CA SER A 420 -19.76 -14.34 -38.45
C SER A 420 -18.96 -15.63 -38.58
N THR A 421 -18.59 -16.21 -37.45
CA THR A 421 -17.88 -17.48 -37.43
C THR A 421 -18.80 -18.59 -37.94
N ASN A 422 -20.03 -18.61 -37.44
CA ASN A 422 -21.05 -19.56 -37.87
C ASN A 422 -21.22 -19.57 -39.38
N ILE A 423 -21.50 -18.39 -39.92
CA ILE A 423 -21.67 -18.19 -41.35
C ILE A 423 -20.47 -18.72 -42.13
N PHE A 424 -19.28 -18.48 -41.61
CA PHE A 424 -18.05 -18.92 -42.27
C PHE A 424 -17.90 -20.44 -42.23
N LEU A 425 -18.24 -21.04 -41.09
CA LEU A 425 -18.17 -22.49 -40.93
C LEU A 425 -19.23 -23.18 -41.78
N THR A 426 -20.41 -22.55 -41.87
CA THR A 426 -21.49 -23.09 -42.68
C THR A 426 -21.08 -23.12 -44.16
N LEU A 427 -20.38 -22.08 -44.60
CA LEU A 427 -19.85 -22.04 -45.95
C LEU A 427 -18.85 -23.16 -46.18
N ALA A 428 -17.88 -23.28 -45.29
CA ALA A 428 -16.82 -24.29 -45.41
C ALA A 428 -17.37 -25.70 -45.49
N CYS A 429 -18.27 -26.03 -44.57
CA CYS A 429 -18.88 -27.35 -44.53
C CYS A 429 -19.68 -27.63 -45.81
N ARG A 430 -20.50 -26.67 -46.21
CA ARG A 430 -21.30 -26.81 -47.42
C ARG A 430 -20.42 -26.92 -48.67
N HIS A 431 -19.24 -26.30 -48.61
CA HIS A 431 -18.29 -26.36 -49.72
C HIS A 431 -17.60 -27.71 -49.78
N LEU A 432 -17.40 -28.32 -48.61
CA LEU A 432 -16.75 -29.62 -48.53
C LEU A 432 -17.73 -30.74 -48.82
N HIS A 433 -18.79 -30.80 -48.03
CA HIS A 433 -19.85 -31.79 -48.24
C HIS A 433 -21.12 -31.08 -48.69
N SER A 434 -21.47 -31.25 -49.95
CA SER A 434 -22.53 -30.48 -50.57
C SER A 434 -23.96 -30.88 -50.16
N HIS A 435 -24.09 -31.93 -49.36
CA HIS A 435 -25.42 -32.41 -48.98
C HIS A 435 -25.63 -32.67 -47.49
N ILE A 436 -24.55 -32.62 -46.71
CA ILE A 436 -24.64 -32.95 -45.28
C ILE A 436 -25.56 -32.00 -44.51
N ARG A 437 -26.34 -32.56 -43.59
CA ARG A 437 -27.26 -31.78 -42.78
C ARG A 437 -26.50 -30.75 -41.95
N ILE A 438 -26.81 -29.47 -42.19
CA ILE A 438 -26.19 -28.39 -41.44
C ILE A 438 -27.22 -27.56 -40.68
N VAL A 439 -27.17 -27.64 -39.36
CA VAL A 439 -28.02 -26.82 -38.50
C VAL A 439 -27.18 -25.72 -37.86
N ALA A 440 -27.52 -24.47 -38.17
CA ALA A 440 -26.73 -23.33 -37.69
C ALA A 440 -27.45 -22.53 -36.62
N ARG A 441 -26.66 -21.81 -35.82
CA ARG A 441 -27.20 -21.00 -34.74
C ARG A 441 -27.05 -19.52 -35.05
N ALA A 442 -28.11 -18.75 -34.81
CA ALA A 442 -28.08 -17.32 -35.03
C ALA A 442 -28.21 -16.56 -33.71
N ASN A 443 -27.15 -15.85 -33.33
CA ASN A 443 -27.19 -15.04 -32.11
C ASN A 443 -28.08 -13.83 -32.31
N GLY A 444 -27.89 -13.14 -33.43
CA GLY A 444 -28.75 -12.04 -33.82
C GLY A 444 -29.67 -12.48 -34.93
N GLU A 445 -30.79 -11.79 -35.08
CA GLU A 445 -31.76 -12.14 -36.12
C GLU A 445 -31.36 -11.53 -37.45
N GLU A 446 -30.36 -10.65 -37.43
CA GLU A 446 -29.88 -10.01 -38.65
C GLU A 446 -29.03 -10.95 -39.49
N ASN A 447 -28.59 -12.07 -38.89
CA ASN A 447 -27.73 -13.02 -39.58
C ASN A 447 -28.43 -14.28 -40.07
N VAL A 448 -29.71 -14.40 -39.75
CA VAL A 448 -30.50 -15.59 -40.09
C VAL A 448 -30.49 -15.88 -41.59
N ASP A 449 -30.72 -14.84 -42.39
CA ASP A 449 -30.80 -15.00 -43.84
C ASP A 449 -29.47 -15.42 -44.46
N GLN A 450 -28.37 -15.00 -43.85
CA GLN A 450 -27.04 -15.30 -44.38
C GLN A 450 -26.58 -16.72 -44.04
N LEU A 451 -27.12 -17.27 -42.95
CA LEU A 451 -26.84 -18.65 -42.59
C LEU A 451 -27.47 -19.58 -43.60
N TYR A 452 -28.68 -19.26 -44.05
CA TYR A 452 -29.34 -20.00 -45.11
C TYR A 452 -28.62 -19.80 -46.43
N ALA A 453 -28.20 -18.56 -46.68
CA ALA A 453 -27.46 -18.24 -47.89
C ALA A 453 -26.12 -18.97 -47.92
N ALA A 454 -25.60 -19.27 -46.73
CA ALA A 454 -24.33 -19.98 -46.61
C ALA A 454 -24.53 -21.46 -46.91
N GLY A 455 -25.75 -21.95 -46.72
CA GLY A 455 -26.07 -23.32 -47.06
C GLY A 455 -26.63 -24.16 -45.93
N ALA A 456 -27.11 -23.50 -44.88
CA ALA A 456 -27.70 -24.21 -43.76
C ALA A 456 -29.04 -24.81 -44.16
N ASP A 457 -29.37 -25.96 -43.57
CA ASP A 457 -30.62 -26.64 -43.87
C ASP A 457 -31.74 -26.17 -42.94
N PHE A 458 -31.36 -25.74 -41.74
CA PHE A 458 -32.29 -25.09 -40.82
C PHE A 458 -31.53 -24.18 -39.86
N VAL A 459 -32.12 -23.04 -39.54
CA VAL A 459 -31.47 -22.06 -38.68
C VAL A 459 -32.29 -21.75 -37.45
N VAL A 460 -31.68 -21.93 -36.28
CA VAL A 460 -32.32 -21.58 -35.01
C VAL A 460 -31.82 -20.21 -34.55
N SER A 461 -32.75 -19.28 -34.37
CA SER A 461 -32.40 -17.93 -33.93
C SER A 461 -32.64 -17.74 -32.44
N ASN A 462 -31.57 -17.42 -31.71
CA ASN A 462 -31.66 -17.19 -30.28
C ASN A 462 -32.54 -16.00 -29.92
N ALA A 463 -32.41 -14.95 -30.72
CA ALA A 463 -33.18 -13.73 -30.50
C ALA A 463 -34.66 -14.00 -30.76
N SER A 464 -34.95 -14.69 -31.85
CA SER A 464 -36.33 -14.95 -32.26
C SER A 464 -37.05 -15.86 -31.27
N VAL A 465 -36.47 -17.03 -31.00
CA VAL A 465 -37.05 -17.98 -30.06
C VAL A 465 -37.13 -17.38 -28.66
N GLY A 466 -36.05 -16.72 -28.24
CA GLY A 466 -35.99 -16.11 -26.93
C GLY A 466 -37.08 -15.08 -26.71
N ALA A 467 -37.17 -14.11 -27.62
CA ALA A 467 -38.14 -13.03 -27.51
C ALA A 467 -39.57 -13.52 -27.59
N ASN A 468 -39.79 -14.59 -28.37
CA ASN A 468 -41.13 -15.17 -28.50
C ASN A 468 -41.62 -15.80 -27.20
N ILE A 469 -40.73 -16.48 -26.49
CA ILE A 469 -41.07 -17.08 -25.20
C ILE A 469 -41.33 -15.99 -24.17
N LEU A 470 -40.39 -15.06 -24.04
CA LEU A 470 -40.54 -13.92 -23.14
C LEU A 470 -41.72 -13.06 -23.55
N GLY A 471 -42.02 -13.06 -24.86
CA GLY A 471 -43.18 -12.35 -25.37
C GLY A 471 -44.46 -12.98 -24.88
N ASN A 472 -44.61 -14.28 -25.09
CA ASN A 472 -45.82 -14.99 -24.70
C ASN A 472 -45.95 -15.18 -23.18
N LEU A 473 -44.98 -14.66 -22.44
CA LEU A 473 -45.05 -14.71 -20.98
C LEU A 473 -45.51 -13.37 -20.41
N LEU A 474 -45.28 -12.30 -21.18
CA LEU A 474 -45.72 -10.97 -20.77
C LEU A 474 -47.15 -10.70 -21.21
N GLU A 475 -47.65 -11.50 -22.14
CA GLU A 475 -49.02 -11.37 -22.62
C GLU A 475 -49.98 -12.23 -21.81
N HIS A 476 -49.56 -13.47 -21.55
CA HIS A 476 -50.36 -14.40 -20.75
C HIS A 476 -49.92 -14.35 -19.29
N LYS A 477 -49.64 -13.13 -18.81
CA LYS A 477 -49.13 -12.92 -17.47
C LYS A 477 -50.02 -13.55 -16.39
N ARG B 14 -27.65 25.51 -46.22
CA ARG B 14 -28.78 25.25 -47.09
C ARG B 14 -30.11 25.28 -46.32
N GLN B 15 -30.31 24.24 -45.51
CA GLN B 15 -31.53 24.11 -44.72
C GLN B 15 -31.72 25.30 -43.78
N ASN B 16 -30.64 25.73 -43.16
CA ASN B 16 -30.68 26.84 -42.21
C ASN B 16 -30.68 28.22 -42.88
N LEU B 17 -30.04 28.33 -44.03
CA LEU B 17 -30.00 29.59 -44.77
C LEU B 17 -31.38 29.96 -45.29
N LYS B 18 -32.12 28.96 -45.77
CA LYS B 18 -33.46 29.18 -46.30
C LYS B 18 -34.39 29.73 -45.23
N VAL B 19 -34.35 29.12 -44.05
CA VAL B 19 -35.13 29.59 -42.92
C VAL B 19 -34.67 30.99 -42.48
N LEU B 20 -33.39 31.28 -42.71
CA LEU B 20 -32.82 32.59 -42.36
C LEU B 20 -33.43 33.73 -43.18
N LEU B 21 -33.36 33.62 -44.50
CA LEU B 21 -33.85 34.69 -45.37
C LEU B 21 -35.35 34.58 -45.68
N LEU B 22 -35.96 33.47 -45.27
CA LEU B 22 -37.42 33.37 -45.27
C LEU B 22 -37.92 34.31 -44.19
N TYR B 23 -37.14 34.44 -43.13
CA TYR B 23 -37.46 35.32 -42.02
C TYR B 23 -37.27 36.76 -42.45
N CYS B 24 -36.34 36.98 -43.38
CA CYS B 24 -36.10 38.31 -43.95
C CYS B 24 -37.26 38.73 -44.86
N ALA B 25 -37.89 37.73 -45.47
CA ALA B 25 -39.05 37.99 -46.34
C ALA B 25 -40.28 38.29 -45.50
N PHE B 26 -40.39 37.65 -44.34
CA PHE B 26 -41.48 37.90 -43.41
C PHE B 26 -41.40 39.32 -42.86
N LEU B 27 -40.18 39.76 -42.57
CA LEU B 27 -39.96 41.11 -42.06
C LEU B 27 -40.26 42.17 -43.11
N LEU B 28 -39.77 41.94 -44.33
CA LEU B 28 -39.96 42.90 -45.41
C LEU B 28 -41.45 43.04 -45.75
N VAL B 29 -42.17 41.92 -45.67
CA VAL B 29 -43.62 41.94 -45.87
C VAL B 29 -44.28 42.68 -44.71
N MET B 30 -43.83 42.38 -43.49
CA MET B 30 -44.37 43.03 -42.30
C MET B 30 -44.09 44.53 -42.31
N LEU B 31 -42.92 44.91 -42.79
CA LEU B 31 -42.55 46.32 -42.94
C LEU B 31 -43.54 47.03 -43.85
N LEU B 32 -43.76 46.46 -45.04
CA LEU B 32 -44.68 47.03 -46.01
C LEU B 32 -46.11 47.02 -45.48
N ALA B 33 -46.45 46.01 -44.68
CA ALA B 33 -47.77 45.91 -44.09
C ALA B 33 -48.00 47.07 -43.13
N TYR B 34 -47.09 47.22 -42.17
CA TYR B 34 -47.19 48.27 -41.17
C TYR B 34 -47.08 49.67 -41.79
N ALA B 35 -46.27 49.78 -42.83
CA ALA B 35 -46.09 51.06 -43.52
C ALA B 35 -47.40 51.48 -44.19
N SER B 36 -48.12 50.50 -44.74
CA SER B 36 -49.39 50.76 -45.40
C SER B 36 -50.48 51.11 -44.40
N ILE B 37 -50.59 50.31 -43.34
CA ILE B 37 -51.59 50.55 -42.30
C ILE B 37 -51.34 51.91 -41.63
N PHE B 38 -50.07 52.30 -41.52
CA PHE B 38 -49.72 53.60 -40.97
C PHE B 38 -50.32 54.74 -41.78
N ARG B 39 -50.03 54.74 -43.08
CA ARG B 39 -50.55 55.77 -43.98
C ARG B 39 -52.08 55.75 -43.98
N TYR B 40 -52.64 54.56 -43.84
CA TYR B 40 -54.09 54.41 -43.80
C TYR B 40 -54.67 55.09 -42.57
N LEU B 41 -54.12 54.76 -41.41
CA LEU B 41 -54.63 55.30 -40.16
C LEU B 41 -54.38 56.80 -40.02
N MET B 42 -53.19 57.25 -40.43
CA MET B 42 -52.86 58.67 -40.38
C MET B 42 -53.85 59.50 -41.18
N TRP B 43 -54.43 58.91 -42.21
CA TRP B 43 -55.43 59.59 -43.02
C TRP B 43 -56.81 59.52 -42.37
N HIS B 44 -57.30 58.30 -42.15
CA HIS B 44 -58.67 58.10 -41.68
C HIS B 44 -58.91 58.44 -40.21
N LEU B 45 -57.83 58.67 -39.45
CA LEU B 45 -57.97 58.94 -38.03
C LEU B 45 -57.56 60.36 -37.62
N GLU B 46 -56.58 60.92 -38.34
CA GLU B 46 -56.06 62.24 -37.97
C GLU B 46 -55.98 63.21 -39.15
N GLY B 47 -56.47 62.78 -40.31
CA GLY B 47 -56.53 63.65 -41.48
C GLY B 47 -55.17 64.09 -41.98
N ARG B 48 -54.17 63.23 -41.79
CA ARG B 48 -52.82 63.51 -42.26
C ARG B 48 -52.44 62.61 -43.43
N ALA B 49 -51.88 63.22 -44.47
CA ALA B 49 -51.45 62.48 -45.65
C ALA B 49 -49.94 62.35 -45.67
N TYR B 50 -49.46 61.11 -45.62
CA TYR B 50 -48.02 60.85 -45.67
C TYR B 50 -47.66 60.05 -46.91
N SER B 51 -46.43 60.21 -47.37
CA SER B 51 -45.96 59.51 -48.57
C SER B 51 -45.60 58.06 -48.24
N PHE B 52 -45.40 57.27 -49.30
CA PHE B 52 -44.99 55.87 -49.15
C PHE B 52 -43.65 55.79 -48.44
N MET B 53 -42.72 56.66 -48.85
CA MET B 53 -41.39 56.69 -48.25
C MET B 53 -41.48 57.03 -46.77
N ALA B 54 -42.35 57.97 -46.44
CA ALA B 54 -42.54 58.39 -45.06
C ALA B 54 -43.01 57.23 -44.19
N GLY B 55 -43.87 56.39 -44.74
CA GLY B 55 -44.39 55.23 -44.04
C GLY B 55 -43.30 54.22 -43.72
N ILE B 56 -42.45 53.95 -44.70
CA ILE B 56 -41.31 53.08 -44.50
C ILE B 56 -40.37 53.72 -43.47
N TYR B 57 -40.15 55.01 -43.64
CA TYR B 57 -39.29 55.78 -42.74
C TYR B 57 -39.78 55.74 -41.30
N TRP B 58 -41.10 55.80 -41.12
CA TRP B 58 -41.69 55.77 -39.78
C TRP B 58 -41.61 54.37 -39.18
N THR B 59 -42.02 53.38 -39.97
CA THR B 59 -42.06 52.00 -39.49
C THR B 59 -40.68 51.50 -39.08
N ILE B 60 -39.67 51.79 -39.89
CA ILE B 60 -38.30 51.44 -39.55
C ILE B 60 -37.90 52.12 -38.24
N THR B 61 -38.18 53.42 -38.15
CA THR B 61 -37.89 54.22 -36.96
C THR B 61 -38.44 53.61 -35.67
N VAL B 62 -39.60 52.96 -35.77
CA VAL B 62 -40.25 52.37 -34.60
C VAL B 62 -39.70 50.99 -34.25
N MET B 63 -39.59 50.11 -35.24
CA MET B 63 -39.11 48.74 -35.03
C MET B 63 -37.68 48.71 -34.50
N THR B 64 -36.82 49.55 -35.07
CA THR B 64 -35.42 49.61 -34.67
C THR B 64 -35.28 50.33 -33.33
N THR B 65 -36.40 50.71 -32.76
CA THR B 65 -36.48 51.52 -31.54
C THR B 65 -35.70 52.84 -31.61
N LEU B 66 -35.52 53.41 -32.80
CA LEU B 66 -34.90 54.73 -32.89
C LEU B 66 -35.86 55.76 -32.30
N GLY B 67 -37.04 55.90 -32.88
CA GLY B 67 -38.07 56.76 -32.32
C GLY B 67 -37.83 58.26 -32.31
N PHE B 68 -37.55 58.85 -33.48
CA PHE B 68 -37.38 60.30 -33.58
C PHE B 68 -38.51 61.12 -32.95
N GLY B 69 -39.74 60.60 -32.95
CA GLY B 69 -40.86 61.32 -32.37
C GLY B 69 -41.37 62.49 -33.20
N ASP B 70 -40.81 62.68 -34.39
CA ASP B 70 -41.17 63.80 -35.25
C ASP B 70 -42.47 63.50 -36.01
N ILE B 71 -42.75 62.22 -36.17
CA ILE B 71 -44.03 61.79 -36.70
C ILE B 71 -44.67 60.85 -35.70
N THR B 72 -45.67 61.37 -34.97
CA THR B 72 -46.36 60.60 -33.94
C THR B 72 -47.86 60.77 -34.06
N PHE B 73 -48.60 59.80 -33.53
CA PHE B 73 -50.06 59.90 -33.48
C PHE B 73 -50.49 60.77 -32.31
N GLU B 74 -51.78 61.10 -32.26
CA GLU B 74 -52.34 61.90 -31.18
C GLU B 74 -53.60 61.25 -30.63
N SER B 75 -54.20 60.36 -31.41
CA SER B 75 -55.40 59.65 -31.00
C SER B 75 -55.07 58.34 -30.27
N ASP B 76 -56.03 57.82 -29.51
CA ASP B 76 -55.83 56.57 -28.77
C ASP B 76 -55.60 55.39 -29.72
N ALA B 77 -56.40 55.35 -30.79
CA ALA B 77 -56.28 54.30 -31.78
C ALA B 77 -54.91 54.37 -32.45
N GLY B 78 -54.41 55.59 -32.60
CA GLY B 78 -53.08 55.80 -33.15
C GLY B 78 -52.01 55.34 -32.19
N TYR B 79 -52.25 55.57 -30.90
CA TYR B 79 -51.35 55.10 -29.86
C TYR B 79 -51.32 53.57 -29.84
N LEU B 80 -52.50 52.96 -30.04
CA LEU B 80 -52.64 51.52 -30.02
C LEU B 80 -51.82 50.88 -31.14
N PHE B 81 -51.97 51.42 -32.36
CA PHE B 81 -51.21 50.92 -33.50
C PHE B 81 -49.71 51.13 -33.30
N ALA B 82 -49.34 52.30 -32.79
CA ALA B 82 -47.94 52.62 -32.54
C ALA B 82 -47.31 51.64 -31.57
N SER B 83 -48.04 51.29 -30.52
CA SER B 83 -47.55 50.36 -29.50
C SER B 83 -47.37 48.96 -30.08
N ILE B 84 -48.30 48.55 -30.94
CA ILE B 84 -48.23 47.23 -31.56
C ILE B 84 -46.99 47.11 -32.44
N VAL B 85 -46.75 48.12 -33.28
CA VAL B 85 -45.58 48.15 -34.13
C VAL B 85 -44.30 48.17 -33.30
N THR B 86 -44.38 48.80 -32.14
CA THR B 86 -43.24 48.88 -31.23
C THR B 86 -42.90 47.52 -30.64
N VAL B 87 -43.90 46.82 -30.14
CA VAL B 87 -43.70 45.48 -29.57
C VAL B 87 -43.27 44.49 -30.65
N SER B 88 -43.88 44.59 -31.83
CA SER B 88 -43.55 43.73 -32.96
C SER B 88 -42.06 43.82 -33.30
N GLY B 89 -41.51 45.02 -33.25
CA GLY B 89 -40.11 45.23 -33.56
C GLY B 89 -39.20 44.56 -32.55
N VAL B 90 -39.55 44.67 -31.28
CA VAL B 90 -38.75 44.07 -30.21
C VAL B 90 -38.82 42.55 -30.26
N ILE B 91 -40.01 42.02 -30.45
CA ILE B 91 -40.18 40.59 -30.59
C ILE B 91 -39.41 40.04 -31.79
N PHE B 92 -39.50 40.73 -32.92
CA PHE B 92 -38.93 40.21 -34.16
C PHE B 92 -37.54 40.74 -34.54
N LEU B 93 -36.95 41.55 -33.69
CA LEU B 93 -35.59 42.05 -33.93
C LEU B 93 -34.69 42.01 -32.69
N ASP B 94 -35.30 41.91 -31.51
CA ASP B 94 -34.55 41.87 -30.27
C ASP B 94 -34.74 40.56 -29.52
N ILE B 95 -35.68 39.74 -29.95
CA ILE B 95 -35.95 38.46 -29.31
C ILE B 95 -35.79 37.30 -30.28
N ILE B 96 -36.67 37.22 -31.27
CA ILE B 96 -36.65 36.13 -32.24
C ILE B 96 -35.34 36.10 -33.04
N LEU B 97 -34.91 37.25 -33.52
CA LEU B 97 -33.71 37.33 -34.35
C LEU B 97 -32.43 36.80 -33.67
N PRO B 98 -32.18 37.18 -32.40
CA PRO B 98 -31.00 36.55 -31.78
C PRO B 98 -31.27 35.10 -31.35
N PHE B 99 -32.46 34.83 -30.83
CA PHE B 99 -32.84 33.47 -30.44
C PHE B 99 -32.86 32.54 -31.64
N GLY B 100 -33.57 32.96 -32.69
CA GLY B 100 -33.67 32.17 -33.90
C GLY B 100 -32.30 31.88 -34.47
N PHE B 101 -31.42 32.88 -34.41
CA PHE B 101 -30.03 32.69 -34.78
C PHE B 101 -29.35 31.62 -33.92
N VAL B 102 -29.34 31.84 -32.61
CA VAL B 102 -28.60 30.98 -31.71
C VAL B 102 -29.09 29.51 -31.69
N SER B 103 -30.36 29.31 -32.01
CA SER B 103 -30.93 27.96 -32.00
C SER B 103 -30.73 27.21 -33.32
N MET B 104 -30.76 27.93 -34.44
CA MET B 104 -30.57 27.31 -35.75
C MET B 104 -29.10 27.26 -36.13
N PHE B 105 -28.30 28.17 -35.56
CA PHE B 105 -26.88 28.27 -35.91
C PHE B 105 -25.95 27.65 -34.87
N LEU B 106 -26.08 28.11 -33.62
CA LEU B 106 -25.11 27.73 -32.59
C LEU B 106 -25.30 26.31 -32.09
N ALA B 107 -26.54 25.85 -32.04
CA ALA B 107 -26.83 24.49 -31.61
C ALA B 107 -26.08 23.45 -32.47
N PRO B 108 -26.12 23.59 -33.80
CA PRO B 108 -25.26 22.68 -34.56
C PRO B 108 -23.78 22.94 -34.29
N TRP B 109 -23.39 24.21 -34.20
CA TRP B 109 -21.98 24.55 -34.10
C TRP B 109 -21.33 24.09 -32.79
N ILE B 110 -22.09 24.05 -31.70
CA ILE B 110 -21.56 23.58 -30.43
C ILE B 110 -21.72 22.07 -30.23
N GLU B 111 -22.96 21.59 -30.35
CA GLU B 111 -23.26 20.18 -30.14
C GLU B 111 -22.41 19.28 -31.03
N ARG B 112 -22.29 19.63 -32.30
CA ARG B 112 -21.55 18.81 -33.25
C ARG B 112 -20.04 18.94 -33.12
N ARG B 113 -19.57 19.90 -32.32
CA ARG B 113 -18.13 20.14 -32.22
C ARG B 113 -17.55 19.75 -30.86
N LEU B 114 -18.41 19.59 -29.87
CA LEU B 114 -17.99 19.16 -28.54
C LEU B 114 -18.52 17.76 -28.24
N ARG B 115 -19.45 17.30 -29.07
CA ARG B 115 -20.12 16.04 -28.87
C ARG B 115 -20.29 15.33 -30.21
N TYR B 116 -19.49 14.29 -30.43
CA TYR B 116 -19.51 13.57 -31.70
C TYR B 116 -20.88 12.99 -32.02
N HIS B 117 -21.47 13.45 -33.11
CA HIS B 117 -22.72 12.89 -33.61
C HIS B 117 -22.43 11.95 -34.78
N PRO B 118 -22.51 10.63 -34.52
CA PRO B 118 -22.16 9.60 -35.51
C PRO B 118 -23.03 9.66 -36.75
N THR B 119 -22.41 9.50 -37.92
CA THR B 119 -23.16 9.46 -39.17
C THR B 119 -23.74 8.05 -39.36
N ILE B 120 -24.99 7.90 -38.95
CA ILE B 120 -25.64 6.59 -38.92
C ILE B 120 -26.14 6.16 -40.30
N GLU B 121 -26.29 7.12 -41.21
CA GLU B 121 -26.87 6.85 -42.52
C GLU B 121 -26.18 7.67 -43.62
N LEU B 122 -26.60 7.45 -44.86
CA LEU B 122 -26.08 8.20 -46.00
C LEU B 122 -27.24 8.75 -46.82
N PRO B 123 -27.12 10.00 -47.30
CA PRO B 123 -28.16 10.65 -48.11
C PRO B 123 -28.60 9.80 -49.29
N ASP B 124 -29.90 9.81 -49.57
CA ASP B 124 -30.49 8.93 -50.57
C ASP B 124 -29.91 9.12 -51.97
N ASP B 125 -29.51 10.34 -52.29
CA ASP B 125 -29.03 10.69 -53.62
C ASP B 125 -27.57 10.30 -53.85
N THR B 126 -26.98 9.62 -52.87
CA THR B 126 -25.58 9.19 -52.98
C THR B 126 -25.41 8.10 -54.04
N ARG B 127 -24.62 8.42 -55.07
CA ARG B 127 -24.36 7.47 -56.15
C ARG B 127 -22.86 7.39 -56.42
N GLY B 128 -22.41 6.22 -56.89
CA GLY B 128 -21.03 6.04 -57.30
C GLY B 128 -19.99 6.25 -56.22
N HIS B 129 -20.25 5.72 -55.03
CA HIS B 129 -19.31 5.82 -53.93
C HIS B 129 -18.63 4.49 -53.62
N ILE B 130 -17.46 4.56 -52.99
CA ILE B 130 -16.70 3.36 -52.66
C ILE B 130 -16.73 3.08 -51.16
N LEU B 131 -17.37 1.97 -50.79
CA LEU B 131 -17.49 1.59 -49.38
C LEU B 131 -16.26 0.84 -48.87
N ILE B 132 -15.61 1.40 -47.86
CA ILE B 132 -14.44 0.77 -47.25
C ILE B 132 -14.79 0.18 -45.89
N PHE B 133 -14.56 -1.12 -45.74
CA PHE B 133 -14.84 -1.81 -44.49
C PHE B 133 -13.55 -2.28 -43.83
N GLY B 134 -13.31 -1.81 -42.61
CA GLY B 134 -12.12 -2.18 -41.88
C GLY B 134 -10.93 -1.32 -42.26
N ILE B 135 -10.59 -0.37 -41.40
CA ILE B 135 -9.50 0.54 -41.67
C ILE B 135 -8.17 0.01 -41.11
N ASP B 136 -7.10 0.19 -41.89
CA ASP B 136 -5.75 -0.20 -41.50
C ASP B 136 -4.77 0.52 -42.43
N PRO B 137 -3.46 0.53 -42.10
CA PRO B 137 -2.44 1.16 -42.95
C PRO B 137 -2.59 0.89 -44.45
N ILE B 138 -3.13 -0.27 -44.81
CA ILE B 138 -3.43 -0.58 -46.21
C ILE B 138 -4.51 0.35 -46.75
N THR B 139 -5.71 0.24 -46.19
CA THR B 139 -6.85 1.04 -46.62
C THR B 139 -6.66 2.52 -46.28
N ARG B 140 -5.93 2.80 -45.21
CA ARG B 140 -5.59 4.17 -44.84
C ARG B 140 -4.85 4.84 -45.98
N THR B 141 -3.89 4.13 -46.55
CA THR B 141 -3.10 4.63 -47.66
C THR B 141 -3.92 4.70 -48.94
N LEU B 142 -4.74 3.66 -49.16
CA LEU B 142 -5.60 3.59 -50.34
C LEU B 142 -6.53 4.80 -50.40
N ILE B 143 -7.04 5.20 -49.23
CA ILE B 143 -7.88 6.39 -49.14
C ILE B 143 -7.10 7.65 -49.51
N ARG B 144 -5.97 7.86 -48.83
CA ARG B 144 -5.15 9.05 -49.05
C ARG B 144 -4.65 9.17 -50.48
N LYS B 145 -4.42 8.04 -51.14
CA LYS B 145 -3.89 8.07 -52.50
C LYS B 145 -4.98 8.33 -53.53
N LEU B 146 -6.23 8.03 -53.17
CA LEU B 146 -7.35 8.30 -54.06
C LEU B 146 -8.19 9.49 -53.59
N GLU B 147 -7.81 10.08 -52.46
CA GLU B 147 -8.41 11.33 -52.01
C GLU B 147 -7.74 12.49 -52.71
N SER B 148 -6.54 12.24 -53.21
CA SER B 148 -5.86 13.19 -54.07
C SER B 148 -6.62 13.21 -55.39
N ARG B 149 -7.35 12.15 -55.66
CA ARG B 149 -8.16 12.03 -56.86
C ARG B 149 -9.61 12.44 -56.60
N ASN B 150 -9.92 12.79 -55.36
CA ASN B 150 -11.25 13.21 -54.96
C ASN B 150 -12.36 12.18 -55.20
N HIS B 151 -12.04 10.91 -54.94
CA HIS B 151 -13.02 9.84 -55.01
C HIS B 151 -13.89 9.84 -53.77
N LEU B 152 -15.20 9.71 -53.94
CA LEU B 152 -16.13 9.70 -52.81
C LEU B 152 -15.94 8.45 -51.96
N PHE B 153 -15.14 8.57 -50.91
CA PHE B 153 -14.85 7.46 -50.02
C PHE B 153 -15.68 7.51 -48.75
N VAL B 154 -16.26 6.36 -48.39
CA VAL B 154 -17.01 6.24 -47.15
C VAL B 154 -16.57 5.00 -46.39
N VAL B 155 -15.81 5.19 -45.32
CA VAL B 155 -15.35 4.07 -44.51
C VAL B 155 -16.34 3.78 -43.38
N VAL B 156 -16.60 2.49 -43.15
CA VAL B 156 -17.58 2.08 -42.15
C VAL B 156 -16.88 1.36 -41.01
N THR B 157 -17.39 1.54 -39.79
CA THR B 157 -16.82 0.89 -38.62
C THR B 157 -17.85 0.73 -37.52
N ASP B 158 -17.70 -0.32 -36.72
CA ASP B 158 -18.60 -0.56 -35.59
C ASP B 158 -17.91 -0.20 -34.27
N ASN B 159 -16.84 0.58 -34.37
CA ASN B 159 -16.11 1.05 -33.20
C ASN B 159 -16.37 2.52 -32.96
N TYR B 160 -17.03 2.83 -31.84
CA TYR B 160 -17.39 4.20 -31.49
C TYR B 160 -16.15 5.07 -31.29
N ASP B 161 -15.16 4.52 -30.59
CA ASP B 161 -13.94 5.26 -30.29
C ASP B 161 -13.03 5.41 -31.51
N GLN B 162 -13.43 4.79 -32.61
CA GLN B 162 -12.65 4.85 -33.85
C GLN B 162 -13.28 5.79 -34.85
N ALA B 163 -14.61 5.84 -34.87
CA ALA B 163 -15.34 6.68 -35.81
C ALA B 163 -15.00 8.16 -35.63
N LEU B 164 -14.98 8.63 -34.39
CA LEU B 164 -14.66 10.02 -34.12
C LEU B 164 -13.19 10.34 -34.36
N HIS B 165 -12.32 9.34 -34.17
CA HIS B 165 -10.90 9.50 -34.46
C HIS B 165 -10.73 9.72 -35.95
N LEU B 166 -11.39 8.88 -36.74
CA LEU B 166 -11.32 8.96 -38.18
C LEU B 166 -11.95 10.25 -38.70
N GLU B 167 -12.83 10.84 -37.88
CA GLU B 167 -13.49 12.09 -38.25
C GLU B 167 -12.54 13.29 -38.20
N GLU B 168 -11.44 13.16 -37.49
CA GLU B 168 -10.53 14.27 -37.27
C GLU B 168 -9.56 14.48 -38.43
N GLN B 169 -9.16 13.39 -39.09
CA GLN B 169 -8.26 13.49 -40.23
C GLN B 169 -8.95 13.05 -41.53
N GLU B 170 -9.51 14.03 -42.23
CA GLU B 170 -10.32 13.77 -43.42
C GLU B 170 -10.05 14.78 -44.54
N GLY B 171 -9.88 14.31 -45.77
CA GLY B 171 -9.89 12.88 -46.04
C GLY B 171 -11.22 12.31 -46.52
N PHE B 172 -11.88 11.60 -45.61
CA PHE B 172 -13.02 10.76 -45.96
C PHE B 172 -14.24 11.05 -45.09
N LYS B 173 -15.33 10.35 -45.37
CA LYS B 173 -16.51 10.41 -44.50
C LYS B 173 -16.60 9.11 -43.71
N VAL B 174 -17.17 9.17 -42.51
CA VAL B 174 -17.23 8.00 -41.64
C VAL B 174 -18.66 7.65 -41.21
N VAL B 175 -19.07 6.43 -41.52
CA VAL B 175 -20.36 5.93 -41.06
C VAL B 175 -20.17 4.93 -39.93
N TYR B 176 -20.86 5.16 -38.82
CA TYR B 176 -20.76 4.30 -37.66
C TYR B 176 -21.93 3.33 -37.56
N GLY B 177 -21.65 2.05 -37.81
CA GLY B 177 -22.68 1.02 -37.76
C GLY B 177 -22.11 -0.37 -38.00
N SER B 178 -22.95 -1.39 -37.83
CA SER B 178 -22.54 -2.76 -38.03
C SER B 178 -22.45 -3.10 -39.52
N PRO B 179 -21.23 -3.39 -40.01
CA PRO B 179 -20.95 -3.63 -41.43
C PRO B 179 -21.78 -4.79 -41.98
N THR B 180 -22.11 -5.76 -41.14
CA THR B 180 -22.82 -6.95 -41.56
C THR B 180 -24.35 -6.77 -41.55
N ASP B 181 -24.82 -5.78 -40.80
CA ASP B 181 -26.26 -5.52 -40.70
C ASP B 181 -26.84 -5.07 -42.05
N ALA B 182 -27.88 -5.77 -42.49
CA ALA B 182 -28.49 -5.50 -43.78
C ALA B 182 -29.17 -4.14 -43.81
N HIS B 183 -29.66 -3.71 -42.66
CA HIS B 183 -30.32 -2.41 -42.55
C HIS B 183 -29.30 -1.27 -42.60
N VAL B 184 -28.17 -1.48 -41.96
CA VAL B 184 -27.07 -0.51 -42.01
C VAL B 184 -26.57 -0.37 -43.44
N LEU B 185 -26.48 -1.50 -44.14
CA LEU B 185 -26.06 -1.50 -45.54
C LEU B 185 -27.06 -0.77 -46.43
N ALA B 186 -28.34 -0.90 -46.11
CA ALA B 186 -29.39 -0.24 -46.87
C ALA B 186 -29.25 1.28 -46.79
N GLY B 187 -28.90 1.77 -45.61
CA GLY B 187 -28.68 3.19 -45.41
C GLY B 187 -27.40 3.66 -46.07
N LEU B 188 -26.51 2.72 -46.38
CA LEU B 188 -25.24 3.04 -47.03
C LEU B 188 -25.42 3.13 -48.54
N ARG B 189 -26.61 2.77 -49.01
CA ARG B 189 -26.93 2.76 -50.44
C ARG B 189 -25.94 1.88 -51.21
N VAL B 190 -25.79 0.63 -50.78
CA VAL B 190 -24.83 -0.28 -51.39
C VAL B 190 -25.20 -0.63 -52.84
N ALA B 191 -26.47 -0.45 -53.17
CA ALA B 191 -26.94 -0.72 -54.53
C ALA B 191 -26.35 0.31 -55.50
N ALA B 192 -26.35 1.57 -55.06
CA ALA B 192 -25.85 2.67 -55.87
C ALA B 192 -24.33 2.79 -55.77
N ALA B 193 -23.71 1.89 -55.01
CA ALA B 193 -22.28 1.95 -54.79
C ALA B 193 -21.48 1.59 -56.04
N ARG B 194 -20.29 2.16 -56.15
CA ARG B 194 -19.41 1.93 -57.28
C ARG B 194 -18.61 0.65 -57.06
N SER B 195 -18.18 0.46 -55.81
CA SER B 195 -17.40 -0.72 -55.43
C SER B 195 -17.37 -0.87 -53.91
N ILE B 196 -16.93 -2.03 -53.44
CA ILE B 196 -16.85 -2.30 -52.01
C ILE B 196 -15.55 -3.01 -51.65
N ILE B 197 -14.80 -2.42 -50.73
CA ILE B 197 -13.56 -3.03 -50.26
C ILE B 197 -13.75 -3.74 -48.93
N ALA B 198 -13.77 -5.07 -48.97
CA ALA B 198 -13.96 -5.87 -47.76
C ALA B 198 -12.63 -6.24 -47.12
N ASN B 199 -12.26 -5.49 -46.08
CA ASN B 199 -10.98 -5.71 -45.40
C ASN B 199 -11.17 -6.06 -43.92
N LEU B 200 -12.23 -6.81 -43.63
CA LEU B 200 -12.44 -7.34 -42.29
C LEU B 200 -11.82 -8.73 -42.23
N SER B 201 -11.97 -9.41 -41.09
CA SER B 201 -11.49 -10.79 -40.97
C SER B 201 -12.26 -11.67 -41.94
N ASP B 202 -11.71 -12.83 -42.25
CA ASP B 202 -12.36 -13.75 -43.19
C ASP B 202 -13.79 -14.14 -42.79
N PRO B 203 -14.03 -14.45 -41.50
CA PRO B 203 -15.44 -14.70 -41.14
C PRO B 203 -16.34 -13.47 -41.29
N ASP B 204 -15.80 -12.29 -41.03
CA ASP B 204 -16.58 -11.06 -41.17
C ASP B 204 -16.83 -10.71 -42.64
N ASN B 205 -15.80 -10.87 -43.47
CA ASN B 205 -15.93 -10.62 -44.90
C ASN B 205 -16.98 -11.51 -45.55
N ALA B 206 -16.96 -12.79 -45.19
CA ALA B 206 -17.94 -13.75 -45.71
C ALA B 206 -19.35 -13.33 -45.31
N ASN B 207 -19.47 -12.77 -44.11
CA ASN B 207 -20.75 -12.26 -43.62
C ASN B 207 -21.17 -11.02 -44.40
N LEU B 208 -20.18 -10.16 -44.69
CA LEU B 208 -20.43 -8.92 -45.43
C LEU B 208 -20.89 -9.19 -46.86
N CYS B 209 -20.17 -10.09 -47.54
CA CYS B 209 -20.46 -10.41 -48.93
C CYS B 209 -21.84 -11.03 -49.11
N LEU B 210 -22.15 -12.01 -48.28
CA LEU B 210 -23.45 -12.69 -48.35
C LEU B 210 -24.60 -11.72 -48.11
N THR B 211 -24.32 -10.69 -47.30
CA THR B 211 -25.34 -9.70 -46.95
C THR B 211 -25.50 -8.68 -48.07
N VAL B 212 -24.38 -8.21 -48.61
CA VAL B 212 -24.41 -7.28 -49.73
C VAL B 212 -25.09 -7.92 -50.93
N ARG B 213 -24.81 -9.19 -51.17
CA ARG B 213 -25.39 -9.92 -52.29
C ARG B 213 -26.91 -10.11 -52.15
N SER B 214 -27.41 -9.94 -50.93
CA SER B 214 -28.84 -10.08 -50.68
C SER B 214 -29.56 -8.78 -51.05
N LEU B 215 -28.79 -7.73 -51.30
CA LEU B 215 -29.35 -6.43 -51.63
C LEU B 215 -29.05 -6.03 -53.08
N CYS B 216 -27.80 -6.22 -53.49
CA CYS B 216 -27.37 -5.77 -54.81
C CYS B 216 -26.32 -6.68 -55.42
N GLN B 217 -25.80 -6.27 -56.57
CA GLN B 217 -24.74 -7.02 -57.26
C GLN B 217 -23.49 -6.14 -57.38
N THR B 218 -23.38 -5.15 -56.50
CA THR B 218 -22.22 -4.27 -56.47
C THR B 218 -20.92 -5.05 -56.31
N PRO B 219 -19.95 -4.80 -57.20
CA PRO B 219 -18.66 -5.49 -57.18
C PRO B 219 -17.95 -5.35 -55.84
N ILE B 220 -17.50 -6.49 -55.30
CA ILE B 220 -16.81 -6.51 -54.02
C ILE B 220 -15.38 -7.01 -54.16
N ILE B 221 -14.44 -6.26 -53.60
CA ILE B 221 -13.06 -6.72 -53.52
C ILE B 221 -12.75 -7.12 -52.07
N ALA B 222 -12.54 -8.41 -51.85
CA ALA B 222 -12.28 -8.91 -50.52
C ALA B 222 -10.78 -9.12 -50.31
N VAL B 223 -10.27 -8.66 -49.17
CA VAL B 223 -8.87 -8.90 -48.83
C VAL B 223 -8.79 -10.08 -47.87
N VAL B 224 -8.59 -11.27 -48.43
CA VAL B 224 -8.66 -12.51 -47.66
C VAL B 224 -7.47 -12.68 -46.71
N LYS B 225 -7.78 -12.98 -45.45
CA LYS B 225 -6.76 -13.08 -44.42
C LYS B 225 -5.99 -14.40 -44.47
N GLU B 226 -6.49 -15.34 -45.25
CA GLU B 226 -5.84 -16.65 -45.37
C GLU B 226 -6.09 -17.27 -46.75
N PRO B 227 -5.02 -17.49 -47.53
CA PRO B 227 -5.03 -17.97 -48.91
C PRO B 227 -5.98 -19.14 -49.17
N VAL B 228 -6.21 -19.96 -48.15
CA VAL B 228 -7.11 -21.10 -48.27
C VAL B 228 -8.57 -20.64 -48.33
N HIS B 229 -8.86 -19.54 -47.63
CA HIS B 229 -10.23 -19.02 -47.55
C HIS B 229 -10.63 -18.22 -48.79
N GLY B 230 -9.73 -18.17 -49.78
CA GLY B 230 -9.99 -17.44 -51.00
C GLY B 230 -11.16 -17.99 -51.78
N GLU B 231 -11.29 -19.31 -51.77
CA GLU B 231 -12.39 -19.98 -52.47
C GLU B 231 -13.72 -19.66 -51.80
N LEU B 232 -13.73 -19.68 -50.47
CA LEU B 232 -14.95 -19.46 -49.69
C LEU B 232 -15.51 -18.05 -49.82
N LEU B 233 -14.64 -17.09 -50.15
CA LEU B 233 -15.05 -15.70 -50.24
C LEU B 233 -15.70 -15.38 -51.60
N ARG B 234 -15.18 -15.99 -52.66
CA ARG B 234 -15.80 -15.87 -53.98
C ARG B 234 -17.19 -16.49 -53.95
N LEU B 235 -17.33 -17.56 -53.17
CA LEU B 235 -18.63 -18.19 -52.98
C LEU B 235 -19.59 -17.26 -52.26
N ALA B 236 -19.05 -16.46 -51.34
CA ALA B 236 -19.85 -15.52 -50.56
C ALA B 236 -20.35 -14.38 -51.43
N GLY B 237 -19.72 -14.18 -52.58
CA GLY B 237 -20.15 -13.18 -53.52
C GLY B 237 -19.06 -12.21 -53.94
N ALA B 238 -17.87 -12.36 -53.36
CA ALA B 238 -16.76 -11.48 -53.66
C ALA B 238 -16.32 -11.61 -55.12
N ASN B 239 -16.38 -10.50 -55.85
CA ASN B 239 -16.01 -10.48 -57.26
C ASN B 239 -14.51 -10.58 -57.46
N GLN B 240 -13.76 -10.25 -56.43
CA GLN B 240 -12.30 -10.25 -56.49
C GLN B 240 -11.71 -10.56 -55.13
N VAL B 241 -10.62 -11.32 -55.11
CA VAL B 241 -10.00 -11.73 -53.86
C VAL B 241 -8.50 -11.46 -53.88
N VAL B 242 -8.02 -10.71 -52.88
CA VAL B 242 -6.62 -10.31 -52.83
C VAL B 242 -5.94 -10.80 -51.56
N PRO B 243 -5.08 -11.83 -51.68
CA PRO B 243 -4.27 -12.31 -50.56
C PRO B 243 -3.00 -11.48 -50.36
N LEU B 244 -3.08 -10.46 -49.52
CA LEU B 244 -1.95 -9.55 -49.32
C LEU B 244 -0.68 -10.20 -48.77
N THR B 245 -0.78 -10.83 -47.61
CA THR B 245 0.40 -11.41 -46.96
C THR B 245 1.09 -12.45 -47.84
N ARG B 246 0.29 -13.24 -48.54
CA ARG B 246 0.83 -14.21 -49.47
C ARG B 246 1.63 -13.50 -50.55
N ILE B 247 1.08 -12.40 -51.06
CA ILE B 247 1.76 -11.58 -52.03
C ILE B 247 2.93 -10.83 -51.40
N LEU B 248 2.69 -10.21 -50.25
CA LEU B 248 3.73 -9.47 -49.54
C LEU B 248 4.89 -10.37 -49.13
N GLY B 249 4.58 -11.56 -48.64
CA GLY B 249 5.59 -12.52 -48.27
C GLY B 249 6.38 -12.97 -49.48
N ARG B 250 5.68 -13.15 -50.59
CA ARG B 250 6.30 -13.53 -51.86
C ARG B 250 7.28 -12.45 -52.31
N TYR B 251 6.86 -11.20 -52.18
CA TYR B 251 7.71 -10.08 -52.56
C TYR B 251 8.94 -9.95 -51.65
N LEU B 252 8.82 -10.42 -50.42
CA LEU B 252 9.95 -10.46 -49.51
C LEU B 252 10.91 -11.57 -49.94
N GLY B 253 10.37 -12.60 -50.56
CA GLY B 253 11.13 -13.79 -50.92
C GLY B 253 11.93 -13.68 -52.20
N ILE B 254 11.34 -13.12 -53.25
CA ILE B 254 12.03 -12.99 -54.53
C ILE B 254 13.23 -12.06 -54.39
N ARG B 255 13.19 -11.21 -53.38
CA ARG B 255 14.26 -10.24 -53.15
C ARG B 255 15.33 -10.79 -52.24
N ALA B 256 15.00 -11.84 -51.50
CA ALA B 256 15.87 -12.38 -50.46
C ALA B 256 17.03 -13.21 -51.02
N THR B 257 16.77 -13.93 -52.10
CA THR B 257 17.78 -14.77 -52.74
C THR B 257 18.98 -13.95 -53.17
N THR B 258 20.15 -14.59 -53.26
CA THR B 258 21.37 -13.91 -53.66
C THR B 258 21.28 -13.48 -55.13
N CYS B 259 20.81 -14.39 -55.98
CA CYS B 259 20.60 -14.08 -57.38
C CYS B 259 19.12 -14.22 -57.75
N GLY B 260 18.61 -13.23 -58.47
CA GLY B 260 17.20 -13.20 -58.83
C GLY B 260 16.75 -14.38 -59.66
N ALA B 261 15.46 -14.71 -59.57
CA ALA B 261 14.90 -15.81 -60.33
C ALA B 261 13.49 -15.50 -60.81
N LEU B 262 13.04 -16.21 -61.84
CA LEU B 262 11.72 -15.98 -62.42
C LEU B 262 10.60 -16.25 -61.42
N ALA B 263 9.63 -15.35 -61.37
CA ALA B 263 8.48 -15.51 -60.49
C ALA B 263 7.18 -15.51 -61.29
N HIS B 264 6.60 -16.69 -61.44
CA HIS B 264 5.40 -16.88 -62.25
C HIS B 264 4.18 -16.18 -61.62
N ILE B 265 3.53 -15.32 -62.40
CA ILE B 265 2.35 -14.60 -61.93
C ILE B 265 1.05 -15.24 -62.40
N LEU B 266 0.91 -15.38 -63.71
CA LEU B 266 -0.31 -15.92 -64.30
C LEU B 266 -0.02 -16.96 -65.39
N ASP B 267 -0.87 -17.97 -65.49
CA ASP B 267 -0.78 -18.96 -66.56
C ASP B 267 -2.12 -19.08 -67.26
N SER B 268 -2.71 -17.95 -67.62
CA SER B 268 -3.99 -17.94 -68.33
C SER B 268 -3.86 -18.49 -69.76
N PHE B 269 -4.93 -19.11 -70.26
CA PHE B 269 -4.98 -19.61 -71.65
C PHE B 269 -4.07 -20.83 -71.85
N GLY B 270 -3.20 -21.08 -70.85
CA GLY B 270 -2.39 -22.28 -70.82
C GLY B 270 -1.34 -22.30 -71.90
N ASN B 271 -0.91 -21.10 -72.27
CA ASN B 271 0.08 -20.89 -73.34
C ASN B 271 0.72 -19.51 -73.24
N LEU B 272 0.00 -18.56 -72.66
CA LEU B 272 0.58 -17.25 -72.34
C LEU B 272 0.73 -17.00 -70.84
N GLN B 273 1.94 -16.63 -70.43
CA GLN B 273 2.21 -16.39 -69.01
C GLN B 273 2.85 -15.04 -68.72
N ILE B 274 2.45 -14.45 -67.60
CA ILE B 274 3.10 -13.26 -67.10
C ILE B 274 3.99 -13.64 -65.91
N ALA B 275 5.21 -13.15 -65.90
CA ALA B 275 6.16 -13.47 -64.83
C ALA B 275 7.10 -12.29 -64.56
N GLU B 276 7.33 -12.01 -63.28
CA GLU B 276 8.23 -10.94 -62.89
C GLU B 276 9.60 -11.48 -62.46
N LEU B 277 10.63 -10.66 -62.60
CA LEU B 277 11.99 -11.07 -62.30
C LEU B 277 12.81 -9.93 -61.72
N PRO B 278 13.33 -10.12 -60.49
CA PRO B 278 14.25 -9.15 -59.88
C PRO B 278 15.62 -9.20 -60.55
N VAL B 279 16.21 -8.04 -60.76
CA VAL B 279 17.43 -7.93 -61.54
C VAL B 279 18.68 -8.08 -60.67
N HIS B 280 18.50 -8.00 -59.35
CA HIS B 280 19.62 -8.13 -58.42
C HIS B 280 20.31 -9.48 -58.53
N GLY B 281 21.62 -9.46 -58.65
CA GLY B 281 22.41 -10.69 -58.72
C GLY B 281 22.35 -11.37 -60.08
N THR B 282 21.63 -10.78 -61.01
CA THR B 282 21.50 -11.32 -62.36
C THR B 282 22.49 -10.62 -63.28
N PRO B 283 22.83 -11.26 -64.42
CA PRO B 283 23.74 -10.63 -65.39
C PRO B 283 23.19 -9.34 -65.97
N PHE B 284 21.88 -9.13 -65.85
CA PHE B 284 21.23 -7.94 -66.39
C PHE B 284 21.47 -6.72 -65.50
N ALA B 285 22.09 -6.94 -64.35
CA ALA B 285 22.31 -5.86 -63.38
C ALA B 285 23.45 -4.94 -63.79
N GLY B 286 23.11 -3.70 -64.14
CA GLY B 286 24.09 -2.71 -64.53
C GLY B 286 23.99 -2.33 -66.00
N LYS B 287 23.50 -3.25 -66.81
CA LYS B 287 23.35 -3.03 -68.24
C LYS B 287 21.97 -2.46 -68.57
N THR B 288 21.78 -2.02 -69.80
CA THR B 288 20.49 -1.50 -70.22
C THR B 288 19.65 -2.61 -70.85
N ILE B 289 18.38 -2.30 -71.11
CA ILE B 289 17.44 -3.29 -71.64
C ILE B 289 17.84 -3.79 -73.02
N GLY B 290 18.10 -2.87 -73.94
CA GLY B 290 18.48 -3.23 -75.29
C GLY B 290 19.88 -3.80 -75.37
N GLU B 291 20.65 -3.64 -74.29
CA GLU B 291 22.02 -4.14 -74.23
C GLU B 291 22.04 -5.62 -73.85
N SER B 292 21.22 -5.98 -72.88
CA SER B 292 21.13 -7.36 -72.41
C SER B 292 20.43 -8.23 -73.45
N GLY B 293 19.56 -7.61 -74.24
CA GLY B 293 18.83 -8.31 -75.29
C GLY B 293 17.98 -9.44 -74.78
N ILE B 294 17.02 -9.12 -73.93
CA ILE B 294 16.18 -10.14 -73.32
C ILE B 294 15.13 -10.70 -74.28
N ARG B 295 14.37 -9.81 -74.92
CA ARG B 295 13.39 -10.23 -75.92
C ARG B 295 14.08 -10.96 -77.05
N GLN B 296 15.29 -10.53 -77.37
CA GLN B 296 16.08 -11.14 -78.44
C GLN B 296 16.33 -12.62 -78.18
N ARG B 297 16.87 -12.94 -77.00
CA ARG B 297 17.26 -14.30 -76.68
C ARG B 297 16.14 -15.15 -76.06
N THR B 298 15.01 -14.54 -75.77
CA THR B 298 13.91 -15.26 -75.13
C THR B 298 12.62 -15.24 -75.94
N GLY B 299 12.40 -14.15 -76.69
CA GLY B 299 11.17 -13.99 -77.45
C GLY B 299 10.06 -13.45 -76.57
N LEU B 300 10.42 -13.09 -75.34
CA LEU B 300 9.46 -12.58 -74.36
C LEU B 300 9.03 -11.15 -74.68
N SER B 301 8.10 -10.65 -73.86
CA SER B 301 7.66 -9.26 -73.97
C SER B 301 7.79 -8.56 -72.63
N ILE B 302 8.75 -7.65 -72.53
CA ILE B 302 8.90 -6.83 -71.35
C ILE B 302 7.78 -5.81 -71.30
N ILE B 303 6.75 -6.09 -70.52
CA ILE B 303 5.57 -5.22 -70.48
C ILE B 303 5.69 -4.15 -69.40
N GLY B 304 6.89 -3.99 -68.85
CA GLY B 304 7.12 -2.95 -67.85
C GLY B 304 8.34 -3.18 -66.97
N VAL B 305 8.95 -2.08 -66.54
CA VAL B 305 10.07 -2.13 -65.63
C VAL B 305 9.71 -1.40 -64.33
N TRP B 306 9.66 -2.15 -63.24
CA TRP B 306 9.25 -1.60 -61.95
C TRP B 306 10.45 -1.25 -61.07
N GLU B 307 10.62 0.04 -60.79
CA GLU B 307 11.71 0.48 -59.94
C GLU B 307 11.32 1.70 -59.11
N ARG B 308 11.48 1.58 -57.79
CA ARG B 308 11.18 2.66 -56.85
C ARG B 308 9.73 3.12 -56.93
N GLY B 309 8.80 2.17 -56.91
CA GLY B 309 7.39 2.49 -56.87
C GLY B 309 6.81 3.05 -58.15
N SER B 310 7.48 2.79 -59.27
CA SER B 310 7.03 3.34 -60.56
C SER B 310 7.10 2.31 -61.68
N LEU B 311 5.94 2.01 -62.26
CA LEU B 311 5.88 1.12 -63.42
C LEU B 311 6.08 1.92 -64.69
N THR B 312 7.27 1.83 -65.26
CA THR B 312 7.64 2.63 -66.42
C THR B 312 7.71 1.79 -67.70
N THR B 313 7.45 2.43 -68.83
CA THR B 313 7.58 1.78 -70.12
C THR B 313 9.04 1.45 -70.39
N PRO B 314 9.35 0.16 -70.67
CA PRO B 314 10.71 -0.31 -70.90
C PRO B 314 11.35 0.28 -72.15
N GLN B 315 12.45 1.01 -71.97
CA GLN B 315 13.16 1.58 -73.12
C GLN B 315 14.59 1.08 -73.15
N ARG B 316 15.19 1.11 -74.33
CA ARG B 316 16.56 0.64 -74.54
C ARG B 316 17.58 1.51 -73.81
N GLU B 317 17.19 2.75 -73.51
CA GLU B 317 18.05 3.69 -72.79
C GLU B 317 18.08 3.38 -71.30
N THR B 318 16.97 2.85 -70.80
CA THR B 318 16.80 2.57 -69.37
C THR B 318 17.85 1.60 -68.84
N VAL B 319 18.53 2.01 -67.76
CA VAL B 319 19.55 1.17 -67.14
C VAL B 319 18.99 0.36 -65.98
N LEU B 320 19.02 -0.96 -66.10
CA LEU B 320 18.56 -1.83 -65.05
C LEU B 320 19.51 -1.79 -63.86
N THR B 321 18.97 -1.62 -62.67
CA THR B 321 19.78 -1.53 -61.46
C THR B 321 19.58 -2.76 -60.57
N GLU B 322 20.27 -2.77 -59.43
CA GLU B 322 20.18 -3.87 -58.48
C GLU B 322 18.85 -3.89 -57.73
N GLN B 323 18.01 -2.89 -57.99
CA GLN B 323 16.73 -2.79 -57.30
C GLN B 323 15.57 -2.73 -58.31
N SER B 324 15.79 -3.28 -59.49
CA SER B 324 14.78 -3.27 -60.53
C SER B 324 13.94 -4.55 -60.51
N LEU B 325 12.84 -4.53 -61.25
CA LEU B 325 11.95 -5.69 -61.34
C LEU B 325 11.29 -5.72 -62.71
N LEU B 326 11.59 -6.75 -63.49
CA LEU B 326 11.10 -6.84 -64.87
C LEU B 326 9.80 -7.60 -64.98
N VAL B 327 8.75 -6.94 -65.48
CA VAL B 327 7.49 -7.60 -65.74
C VAL B 327 7.51 -8.17 -67.16
N LEU B 328 7.37 -9.49 -67.28
CA LEU B 328 7.54 -10.17 -68.56
C LEU B 328 6.31 -10.97 -68.96
N ALA B 329 6.16 -11.18 -70.26
CA ALA B 329 5.06 -11.96 -70.81
C ALA B 329 5.51 -12.78 -72.01
N GLY B 330 4.97 -13.99 -72.15
CA GLY B 330 5.34 -14.86 -73.26
C GLY B 330 4.92 -16.30 -73.02
N THR B 331 5.30 -17.17 -73.95
CA THR B 331 4.91 -18.58 -73.86
C THR B 331 5.69 -19.32 -72.77
N LYS B 332 5.41 -20.61 -72.61
CA LYS B 332 6.01 -21.39 -71.54
C LYS B 332 7.48 -21.71 -71.82
N SER B 333 7.82 -21.89 -73.08
CA SER B 333 9.18 -22.21 -73.48
C SER B 333 10.06 -20.96 -73.55
N GLN B 334 9.42 -19.79 -73.57
CA GLN B 334 10.12 -18.52 -73.61
C GLN B 334 10.59 -18.09 -72.22
N LEU B 335 9.82 -18.47 -71.20
CA LEU B 335 10.20 -18.19 -69.82
C LEU B 335 11.34 -19.10 -69.39
N ALA B 336 11.28 -20.36 -69.83
CA ALA B 336 12.32 -21.33 -69.51
C ALA B 336 13.62 -20.99 -70.24
N ALA B 337 13.48 -20.30 -71.36
CA ALA B 337 14.65 -19.84 -72.11
C ALA B 337 15.34 -18.72 -71.34
N LEU B 338 14.57 -17.96 -70.59
CA LEU B 338 15.09 -16.85 -69.79
C LEU B 338 15.79 -17.35 -68.54
N GLU B 339 15.17 -18.32 -67.87
CA GLU B 339 15.78 -18.94 -66.69
C GLU B 339 17.10 -19.59 -67.04
N TYR B 340 17.25 -19.95 -68.31
CA TYR B 340 18.50 -20.53 -68.80
C TYR B 340 19.60 -19.47 -68.87
N LEU B 341 19.21 -18.24 -69.16
CA LEU B 341 20.16 -17.16 -69.38
C LEU B 341 20.72 -16.58 -68.09
N ILE B 342 19.94 -16.66 -67.01
CA ILE B 342 20.35 -16.11 -65.72
C ILE B 342 21.71 -16.62 -65.19
N GLY B 343 21.93 -17.94 -65.10
CA GLY B 343 20.98 -18.97 -65.45
C GLY B 343 20.82 -19.96 -64.31
N GLU B 344 21.88 -20.11 -63.52
CA GLU B 344 21.87 -21.00 -62.36
C GLU B 344 21.86 -20.22 -61.05
N ALA B 345 21.36 -20.85 -60.00
CA ALA B 345 21.35 -20.25 -58.68
C ALA B 345 22.61 -20.65 -57.92
N PRO B 346 23.10 -19.78 -57.03
CA PRO B 346 24.27 -20.12 -56.20
C PRO B 346 23.97 -21.29 -55.29
N GLU B 347 25.01 -21.91 -54.75
CA GLU B 347 24.83 -23.05 -53.84
C GLU B 347 24.84 -22.61 -52.39
N ASP B 348 24.48 -23.55 -51.51
CA ASP B 348 24.44 -23.35 -50.05
C ASP B 348 23.82 -22.05 -49.54
N GLU B 349 22.75 -21.58 -50.19
CA GLU B 349 22.03 -20.43 -49.69
C GLU B 349 21.40 -20.74 -48.33
N LEU B 350 21.26 -19.72 -47.49
CA LEU B 350 20.62 -19.86 -46.20
C LEU B 350 19.93 -18.55 -45.81
N ILE B 351 18.61 -18.57 -45.78
CA ILE B 351 17.84 -17.35 -45.54
C ILE B 351 17.19 -17.33 -44.17
N PHE B 352 17.58 -16.36 -43.35
CA PHE B 352 17.00 -16.18 -42.03
C PHE B 352 15.77 -15.30 -42.09
N ILE B 353 14.63 -15.85 -41.67
CA ILE B 353 13.39 -15.09 -41.66
C ILE B 353 13.01 -14.73 -40.23
N ILE B 354 13.21 -13.47 -39.87
CA ILE B 354 12.89 -13.01 -38.53
C ILE B 354 11.43 -12.58 -38.46
N GLY B 355 10.67 -13.21 -37.57
CA GLY B 355 9.25 -12.95 -37.45
C GLY B 355 8.44 -14.00 -38.18
N HIS B 356 7.51 -14.62 -37.46
CA HIS B 356 6.73 -15.71 -38.02
C HIS B 356 5.23 -15.44 -37.91
N GLY B 357 4.78 -14.36 -38.53
CA GLY B 357 3.36 -14.06 -38.61
C GLY B 357 2.81 -14.62 -39.91
N ARG B 358 1.70 -14.06 -40.38
CA ARG B 358 1.12 -14.51 -41.65
C ARG B 358 2.00 -14.12 -42.84
N ILE B 359 2.69 -12.98 -42.74
CA ILE B 359 3.58 -12.55 -43.81
C ILE B 359 4.88 -13.34 -43.79
N GLY B 360 5.50 -13.44 -42.62
CA GLY B 360 6.72 -14.21 -42.46
C GLY B 360 6.53 -15.66 -42.85
N CYS B 361 5.32 -16.16 -42.62
CA CYS B 361 4.97 -17.53 -42.99
C CYS B 361 4.96 -17.67 -44.51
N ALA B 362 4.25 -16.75 -45.17
CA ALA B 362 4.13 -16.77 -46.62
C ALA B 362 5.49 -16.58 -47.29
N ALA B 363 6.38 -15.87 -46.61
CA ALA B 363 7.74 -15.68 -47.09
C ALA B 363 8.47 -17.00 -47.15
N ALA B 364 8.31 -17.80 -46.10
CA ALA B 364 8.92 -19.13 -46.05
C ALA B 364 8.22 -20.07 -47.02
N ALA B 365 6.90 -19.94 -47.12
CA ALA B 365 6.10 -20.76 -48.01
C ALA B 365 6.54 -20.59 -49.46
N PHE B 366 6.88 -19.36 -49.84
CA PHE B 366 7.39 -19.08 -51.17
C PHE B 366 8.79 -19.66 -51.35
N LEU B 367 9.65 -19.46 -50.35
CA LEU B 367 11.02 -19.95 -50.41
C LEU B 367 11.08 -21.47 -50.40
N ASP B 368 9.97 -22.10 -50.04
CA ASP B 368 9.89 -23.55 -50.01
C ASP B 368 9.40 -24.10 -51.33
N ARG B 369 8.81 -23.23 -52.15
CA ARG B 369 8.26 -23.64 -53.44
C ARG B 369 9.32 -23.65 -54.53
N LYS B 370 10.57 -23.36 -54.16
CA LYS B 370 11.67 -23.34 -55.14
C LYS B 370 12.50 -24.64 -55.18
N PRO B 371 12.98 -25.14 -54.02
CA PRO B 371 12.98 -24.64 -52.65
C PRO B 371 14.33 -24.03 -52.27
N VAL B 372 14.34 -23.27 -51.17
CA VAL B 372 15.57 -22.69 -50.63
C VAL B 372 15.57 -22.85 -49.12
N PRO B 373 16.65 -23.44 -48.57
CA PRO B 373 16.76 -23.69 -47.14
C PRO B 373 16.72 -22.41 -46.30
N PHE B 374 15.79 -22.35 -45.35
CA PHE B 374 15.58 -21.16 -44.55
C PHE B 374 15.48 -21.49 -43.05
N ILE B 375 15.46 -20.44 -42.23
CA ILE B 375 15.27 -20.60 -40.79
C ILE B 375 14.27 -19.57 -40.25
N LEU B 376 13.29 -20.04 -39.48
CA LEU B 376 12.28 -19.17 -38.90
C LEU B 376 12.56 -18.89 -37.42
N ILE B 377 12.47 -17.63 -37.04
CA ILE B 377 12.66 -17.22 -35.65
C ILE B 377 11.47 -16.41 -35.18
N ASP B 378 10.96 -16.71 -33.98
CA ASP B 378 9.77 -16.05 -33.47
C ASP B 378 9.76 -16.02 -31.95
N ARG B 379 8.97 -15.11 -31.39
CA ARG B 379 8.84 -15.00 -29.95
C ARG B 379 7.90 -16.06 -29.39
N GLN B 380 6.89 -16.42 -30.17
CA GLN B 380 5.87 -17.35 -29.71
C GLN B 380 5.46 -18.34 -30.79
N GLU B 381 4.61 -19.30 -30.41
CA GLU B 381 4.11 -20.31 -31.33
C GLU B 381 2.95 -19.77 -32.15
N SER B 382 3.01 -19.97 -33.46
CA SER B 382 1.95 -19.52 -34.36
C SER B 382 0.63 -20.21 -34.05
N PRO B 383 -0.45 -19.42 -33.95
CA PRO B 383 -1.79 -19.94 -33.65
C PRO B 383 -2.50 -20.43 -34.90
N VAL B 384 -1.85 -20.27 -36.06
CA VAL B 384 -2.49 -20.61 -37.32
C VAL B 384 -1.73 -21.70 -38.09
N CYS B 385 -0.40 -21.67 -38.02
CA CYS B 385 0.40 -22.61 -38.81
C CYS B 385 0.93 -23.79 -38.01
N ASN B 386 1.05 -24.93 -38.68
CA ASN B 386 1.58 -26.14 -38.08
C ASN B 386 2.53 -26.88 -39.02
N ASP B 387 2.88 -26.24 -40.13
CA ASP B 387 3.69 -26.90 -41.16
C ASP B 387 5.17 -26.48 -41.13
N HIS B 388 5.45 -25.36 -40.49
CA HIS B 388 6.82 -24.84 -40.44
C HIS B 388 7.48 -25.01 -39.07
N VAL B 389 8.76 -25.32 -39.08
CA VAL B 389 9.54 -25.43 -37.85
C VAL B 389 10.11 -24.07 -37.47
N VAL B 390 9.87 -23.63 -36.25
CA VAL B 390 10.29 -22.29 -35.82
C VAL B 390 11.24 -22.34 -34.63
N VAL B 391 12.34 -21.60 -34.72
CA VAL B 391 13.27 -21.45 -33.61
C VAL B 391 12.75 -20.37 -32.66
N TYR B 392 12.24 -20.79 -31.50
CA TYR B 392 11.62 -19.87 -30.57
C TYR B 392 12.63 -19.05 -29.77
N GLY B 393 12.50 -17.73 -29.89
CA GLY B 393 13.39 -16.81 -29.20
C GLY B 393 13.18 -15.36 -29.61
N ASP B 394 13.51 -14.44 -28.72
CA ASP B 394 13.38 -13.01 -28.99
C ASP B 394 14.58 -12.54 -29.80
N ALA B 395 14.34 -12.03 -30.99
CA ALA B 395 15.41 -11.60 -31.88
C ALA B 395 16.12 -10.34 -31.40
N THR B 396 15.64 -9.77 -30.31
CA THR B 396 16.24 -8.58 -29.74
C THR B 396 17.28 -8.93 -28.67
N VAL B 397 16.95 -9.93 -27.85
CA VAL B 397 17.85 -10.42 -26.82
C VAL B 397 19.14 -10.97 -27.44
N GLY B 398 20.28 -10.66 -26.82
CA GLY B 398 21.58 -11.02 -27.36
C GLY B 398 21.79 -12.50 -27.61
N GLN B 399 22.62 -12.79 -28.61
CA GLN B 399 23.02 -14.15 -28.96
C GLN B 399 21.91 -15.07 -29.47
N THR B 400 20.68 -14.55 -29.51
CA THR B 400 19.55 -15.33 -30.00
C THR B 400 19.69 -15.65 -31.48
N LEU B 401 20.09 -14.65 -32.26
CA LEU B 401 20.34 -14.85 -33.68
C LEU B 401 21.62 -15.66 -33.90
N ARG B 402 22.62 -15.42 -33.04
CA ARG B 402 23.90 -16.10 -33.14
C ARG B 402 23.72 -17.61 -32.98
N GLN B 403 23.07 -18.01 -31.90
CA GLN B 403 22.84 -19.41 -31.59
C GLN B 403 22.04 -20.12 -32.68
N ALA B 404 21.21 -19.35 -33.40
CA ALA B 404 20.41 -19.91 -34.48
C ALA B 404 21.25 -20.14 -35.72
N GLY B 405 22.48 -19.63 -35.71
CA GLY B 405 23.39 -19.81 -36.82
C GLY B 405 23.25 -18.75 -37.89
N ILE B 406 23.09 -17.50 -37.46
CA ILE B 406 22.96 -16.37 -38.36
C ILE B 406 24.26 -16.15 -39.16
N ASP B 407 25.33 -16.76 -38.67
CA ASP B 407 26.67 -16.59 -39.23
C ASP B 407 26.78 -17.15 -40.65
N ARG B 408 26.27 -18.35 -40.88
CA ARG B 408 26.40 -18.99 -42.19
C ARG B 408 25.23 -18.65 -43.13
N ALA B 409 24.39 -17.73 -42.70
CA ALA B 409 23.27 -17.26 -43.53
C ALA B 409 23.78 -16.46 -44.72
N SER B 410 23.00 -16.44 -45.79
CA SER B 410 23.34 -15.67 -46.98
C SER B 410 22.39 -14.50 -47.14
N GLY B 411 21.27 -14.55 -46.44
CA GLY B 411 20.27 -13.50 -46.52
C GLY B 411 19.35 -13.47 -45.31
N ILE B 412 18.87 -12.28 -44.96
CA ILE B 412 17.95 -12.12 -43.84
C ILE B 412 16.68 -11.41 -44.26
N ILE B 413 15.54 -12.02 -43.98
CA ILE B 413 14.25 -11.36 -44.16
C ILE B 413 13.74 -10.89 -42.80
N VAL B 414 13.97 -9.63 -42.48
CA VAL B 414 13.51 -9.07 -41.21
C VAL B 414 12.07 -8.57 -41.33
N THR B 415 11.12 -9.43 -40.96
CA THR B 415 9.70 -9.13 -41.10
C THR B 415 8.94 -9.25 -39.78
N THR B 416 8.85 -8.13 -39.07
CA THR B 416 8.19 -8.05 -37.77
C THR B 416 7.00 -7.10 -37.88
N ASN B 417 6.04 -7.25 -36.98
CA ASN B 417 4.88 -6.35 -36.92
C ASN B 417 5.26 -4.94 -36.45
N ASP B 418 6.47 -4.80 -35.92
CA ASP B 418 6.94 -3.52 -35.40
C ASP B 418 8.07 -2.95 -36.25
N ASP B 419 7.87 -1.74 -36.76
CA ASP B 419 8.84 -1.10 -37.66
C ASP B 419 10.15 -0.71 -36.96
N SER B 420 10.04 -0.15 -35.76
CA SER B 420 11.22 0.25 -35.01
C SER B 420 12.13 -0.94 -34.74
N THR B 421 11.52 -2.10 -34.54
CA THR B 421 12.27 -3.33 -34.33
C THR B 421 12.95 -3.77 -35.62
N ASN B 422 12.20 -3.72 -36.73
CA ASN B 422 12.76 -4.00 -38.05
C ASN B 422 13.97 -3.14 -38.35
N ILE B 423 13.80 -1.84 -38.16
CA ILE B 423 14.87 -0.87 -38.33
C ILE B 423 16.06 -1.21 -37.43
N PHE B 424 15.77 -1.61 -36.19
CA PHE B 424 16.82 -1.93 -35.23
C PHE B 424 17.53 -3.23 -35.55
N LEU B 425 16.84 -4.16 -36.21
CA LEU B 425 17.43 -5.43 -36.60
C LEU B 425 18.22 -5.30 -37.89
N THR B 426 17.67 -4.53 -38.84
CA THR B 426 18.38 -4.24 -40.07
C THR B 426 19.66 -3.48 -39.75
N LEU B 427 19.57 -2.57 -38.79
CA LEU B 427 20.72 -1.79 -38.35
C LEU B 427 21.79 -2.69 -37.76
N ALA B 428 21.37 -3.63 -36.91
CA ALA B 428 22.30 -4.51 -36.21
C ALA B 428 22.90 -5.57 -37.12
N CYS B 429 22.10 -6.12 -38.02
CA CYS B 429 22.55 -7.20 -38.89
C CYS B 429 23.57 -6.71 -39.91
N ARG B 430 23.28 -5.58 -40.54
CA ARG B 430 24.21 -4.99 -41.49
C ARG B 430 25.53 -4.59 -40.80
N HIS B 431 25.44 -4.31 -39.51
CA HIS B 431 26.60 -3.92 -38.72
C HIS B 431 27.51 -5.12 -38.44
N LEU B 432 26.93 -6.32 -38.47
CA LEU B 432 27.66 -7.54 -38.15
C LEU B 432 28.03 -8.34 -39.39
N HIS B 433 27.23 -8.20 -40.44
CA HIS B 433 27.46 -8.92 -41.69
C HIS B 433 27.21 -8.02 -42.88
N SER B 434 28.22 -7.22 -43.25
CA SER B 434 28.10 -6.25 -44.32
C SER B 434 27.86 -6.90 -45.69
N HIS B 435 28.08 -8.21 -45.75
CA HIS B 435 28.00 -8.94 -47.02
C HIS B 435 26.59 -9.43 -47.35
N ILE B 436 25.93 -10.06 -46.38
CA ILE B 436 24.65 -10.72 -46.65
C ILE B 436 23.53 -9.79 -47.06
N ARG B 437 22.60 -10.33 -47.85
CA ARG B 437 21.48 -9.59 -48.38
C ARG B 437 20.39 -9.39 -47.32
N ILE B 438 19.91 -8.16 -47.19
CA ILE B 438 18.90 -7.84 -46.18
C ILE B 438 17.61 -7.28 -46.78
N VAL B 439 16.53 -8.04 -46.64
CA VAL B 439 15.21 -7.57 -47.07
C VAL B 439 14.39 -7.21 -45.84
N ALA B 440 13.88 -5.99 -45.81
CA ALA B 440 13.14 -5.50 -44.64
C ALA B 440 11.68 -5.21 -44.98
N ARG B 441 10.83 -5.35 -43.96
CA ARG B 441 9.40 -5.08 -44.13
C ARG B 441 8.96 -3.83 -43.37
N ALA B 442 8.26 -2.94 -44.06
CA ALA B 442 7.76 -1.71 -43.46
C ALA B 442 6.24 -1.72 -43.37
N ASN B 443 5.72 -1.84 -42.16
CA ASN B 443 4.29 -1.80 -41.93
C ASN B 443 3.71 -0.44 -42.34
N GLY B 444 4.41 0.62 -41.94
CA GLY B 444 4.05 1.97 -42.34
C GLY B 444 5.07 2.53 -43.29
N GLU B 445 4.60 3.28 -44.29
CA GLU B 445 5.46 3.80 -45.33
C GLU B 445 6.33 4.96 -44.85
N GLU B 446 6.09 5.42 -43.63
CA GLU B 446 6.92 6.48 -43.04
C GLU B 446 8.25 5.91 -42.58
N ASN B 447 8.31 4.58 -42.47
CA ASN B 447 9.52 3.90 -42.00
C ASN B 447 10.36 3.28 -43.11
N VAL B 448 9.89 3.42 -44.36
CA VAL B 448 10.58 2.81 -45.50
C VAL B 448 11.98 3.37 -45.70
N ASP B 449 12.10 4.68 -45.69
CA ASP B 449 13.38 5.35 -45.93
C ASP B 449 14.43 4.99 -44.87
N GLN B 450 14.01 4.92 -43.62
CA GLN B 450 14.93 4.64 -42.51
C GLN B 450 15.42 3.20 -42.54
N LEU B 451 14.62 2.32 -43.13
CA LEU B 451 15.02 0.93 -43.30
C LEU B 451 16.15 0.83 -44.31
N TYR B 452 16.07 1.62 -45.38
CA TYR B 452 17.15 1.70 -46.35
C TYR B 452 18.38 2.32 -45.72
N ALA B 453 18.16 3.34 -44.89
CA ALA B 453 19.25 4.03 -44.19
C ALA B 453 19.93 3.11 -43.19
N ALA B 454 19.21 2.10 -42.74
CA ALA B 454 19.75 1.15 -41.77
C ALA B 454 20.71 0.15 -42.43
N GLY B 455 20.49 -0.14 -43.70
CA GLY B 455 21.37 -1.00 -44.45
C GLY B 455 20.66 -2.05 -45.27
N ALA B 456 19.34 -1.97 -45.32
CA ALA B 456 18.55 -2.93 -46.10
C ALA B 456 18.80 -2.77 -47.60
N ASP B 457 18.86 -3.89 -48.30
CA ASP B 457 19.08 -3.88 -49.74
C ASP B 457 17.77 -3.63 -50.49
N PHE B 458 16.67 -4.01 -49.86
CA PHE B 458 15.35 -3.75 -50.43
C PHE B 458 14.29 -3.73 -49.34
N VAL B 459 13.30 -2.85 -49.50
CA VAL B 459 12.23 -2.73 -48.52
C VAL B 459 10.86 -2.93 -49.17
N VAL B 460 10.07 -3.84 -48.60
CA VAL B 460 8.71 -4.07 -49.07
C VAL B 460 7.73 -3.36 -48.13
N SER B 461 7.08 -2.32 -48.62
CA SER B 461 6.11 -1.60 -47.82
C SER B 461 4.72 -2.21 -47.98
N ASN B 462 4.15 -2.67 -46.87
CA ASN B 462 2.81 -3.26 -46.87
C ASN B 462 1.76 -2.32 -47.45
N ALA B 463 1.68 -1.14 -46.87
CA ALA B 463 0.67 -0.14 -47.21
C ALA B 463 0.68 0.25 -48.69
N SER B 464 1.87 0.58 -49.21
CA SER B 464 2.00 1.01 -50.59
C SER B 464 1.66 -0.11 -51.58
N VAL B 465 2.28 -1.27 -51.40
CA VAL B 465 2.03 -2.42 -52.25
C VAL B 465 0.56 -2.80 -52.25
N GLY B 466 -0.04 -2.84 -51.06
CA GLY B 466 -1.45 -3.16 -50.93
C GLY B 466 -2.35 -2.12 -51.56
N ALA B 467 -1.96 -0.85 -51.48
CA ALA B 467 -2.73 0.23 -52.04
C ALA B 467 -2.70 0.19 -53.56
N ASN B 468 -1.54 -0.14 -54.12
CA ASN B 468 -1.38 -0.24 -55.56
C ASN B 468 -2.27 -1.31 -56.17
N ILE B 469 -2.29 -2.48 -55.53
CA ILE B 469 -3.12 -3.57 -55.99
C ILE B 469 -4.60 -3.22 -55.93
N LEU B 470 -5.06 -2.84 -54.73
CA LEU B 470 -6.45 -2.45 -54.52
C LEU B 470 -6.84 -1.28 -55.42
N GLY B 471 -5.94 -0.32 -55.55
CA GLY B 471 -6.18 0.86 -56.37
C GLY B 471 -6.38 0.53 -57.83
N ASN B 472 -5.47 -0.28 -58.38
CA ASN B 472 -5.55 -0.69 -59.77
C ASN B 472 -6.80 -1.53 -60.04
N LEU B 473 -7.22 -2.29 -59.04
CA LEU B 473 -8.45 -3.07 -59.15
C LEU B 473 -9.68 -2.18 -59.06
N LEU B 474 -9.49 -0.96 -58.57
CA LEU B 474 -10.58 0.01 -58.45
C LEU B 474 -10.68 0.91 -59.68
N GLU B 475 -9.53 1.28 -60.24
CA GLU B 475 -9.51 2.12 -61.44
C GLU B 475 -9.89 1.31 -62.67
N HIS B 476 -9.33 0.11 -62.77
CA HIS B 476 -9.62 -0.77 -63.90
C HIS B 476 -10.88 -1.59 -63.62
N LYS B 477 -11.73 -1.08 -62.74
CA LYS B 477 -12.95 -1.78 -62.32
C LYS B 477 -13.93 -2.00 -63.45
N GLU B 478 -14.04 -1.01 -64.35
CA GLU B 478 -14.95 -1.11 -65.48
C GLU B 478 -14.53 -2.22 -66.42
N SER B 479 -13.30 -2.69 -66.26
CA SER B 479 -12.79 -3.82 -67.02
C SER B 479 -12.16 -4.86 -66.10
N ALA B 480 -12.45 -4.78 -64.81
CA ALA B 480 -11.93 -5.75 -63.84
C ALA B 480 -12.67 -7.07 -63.92
N PHE B 481 -13.97 -7.04 -63.63
CA PHE B 481 -14.81 -8.21 -63.75
C PHE B 481 -14.93 -8.65 -65.21
N LEU B 482 -14.66 -7.72 -66.12
CA LEU B 482 -14.54 -8.05 -67.53
C LEU B 482 -13.31 -8.93 -67.75
N SER B 483 -12.13 -8.38 -67.48
CA SER B 483 -10.87 -9.11 -67.64
C SER B 483 -10.80 -10.34 -66.75
N GLU B 484 -11.60 -10.34 -65.68
CA GLU B 484 -11.72 -11.53 -64.83
C GLU B 484 -12.47 -12.62 -65.57
N GLY B 485 -11.92 -13.82 -65.57
CA GLY B 485 -12.51 -14.92 -66.32
C GLY B 485 -12.17 -14.85 -67.79
N MET B 486 -11.28 -13.93 -68.13
CA MET B 486 -10.80 -13.78 -69.51
C MET B 486 -9.33 -14.17 -69.63
N ALA B 487 -8.88 -14.32 -70.86
CA ALA B 487 -7.51 -14.73 -71.13
C ALA B 487 -6.78 -13.75 -72.04
N VAL B 488 -5.65 -13.24 -71.57
CA VAL B 488 -4.79 -12.39 -72.37
C VAL B 488 -4.05 -13.27 -73.39
N PHE B 489 -3.84 -12.75 -74.59
CA PHE B 489 -3.14 -13.51 -75.62
C PHE B 489 -2.26 -12.63 -76.50
N ARG B 490 -1.39 -13.28 -77.28
CA ARG B 490 -0.45 -12.56 -78.15
C ARG B 490 -0.57 -13.03 -79.60
N ARG B 491 -0.82 -12.08 -80.50
CA ARG B 491 -0.93 -12.38 -81.91
C ARG B 491 -0.01 -11.51 -82.77
N PRO B 492 0.89 -12.15 -83.53
CA PRO B 492 1.75 -11.44 -84.48
C PRO B 492 0.91 -10.72 -85.54
N LEU B 493 1.14 -9.42 -85.70
CA LEU B 493 0.38 -8.60 -86.64
C LEU B 493 0.46 -9.17 -88.06
N PRO B 494 -0.70 -9.60 -88.59
CA PRO B 494 -0.78 -10.14 -89.96
C PRO B 494 -0.35 -9.09 -91.00
N PRO B 495 0.48 -9.50 -91.96
CA PRO B 495 1.05 -8.64 -93.01
C PRO B 495 -0.01 -7.88 -93.81
N ALA B 496 -1.27 -8.28 -93.69
CA ALA B 496 -2.36 -7.61 -94.40
C ALA B 496 -2.59 -6.20 -93.85
N MET B 497 -2.49 -6.05 -92.54
CA MET B 497 -2.67 -4.75 -91.90
C MET B 497 -1.36 -3.99 -91.72
N ALA B 498 -0.45 -4.16 -92.68
CA ALA B 498 0.83 -3.47 -92.64
C ALA B 498 0.71 -2.03 -93.13
N GLY B 499 0.31 -1.13 -92.24
CA GLY B 499 0.17 0.27 -92.58
C GLY B 499 -1.22 0.81 -92.29
N LYS B 500 -2.05 -0.01 -91.65
CA LYS B 500 -3.41 0.37 -91.33
C LYS B 500 -3.53 0.82 -89.87
N THR B 501 -4.48 1.71 -89.62
CA THR B 501 -4.70 2.27 -88.29
C THR B 501 -5.70 1.43 -87.50
N ILE B 502 -5.51 1.36 -86.17
CA ILE B 502 -6.38 0.58 -85.28
C ILE B 502 -7.87 0.87 -85.53
N ALA B 503 -8.20 2.14 -85.60
CA ALA B 503 -9.58 2.57 -85.86
C ALA B 503 -10.03 2.18 -87.27
N GLU B 504 -9.08 2.11 -88.20
CA GLU B 504 -9.37 1.73 -89.57
C GLU B 504 -9.52 0.22 -89.71
N THR B 505 -8.72 -0.52 -88.96
CA THR B 505 -8.74 -1.98 -88.98
C THR B 505 -10.07 -2.53 -88.49
N ARG B 506 -10.66 -1.86 -87.50
CA ARG B 506 -11.88 -2.32 -86.85
C ARG B 506 -11.71 -3.73 -86.30
N LEU B 507 -10.85 -3.88 -85.29
CA LEU B 507 -10.58 -5.18 -84.71
C LEU B 507 -11.65 -5.56 -83.69
N ARG B 508 -12.02 -4.61 -82.85
CA ARG B 508 -13.03 -4.84 -81.80
C ARG B 508 -14.45 -5.16 -82.32
N PRO B 509 -14.98 -4.37 -83.27
CA PRO B 509 -16.33 -4.71 -83.72
C PRO B 509 -16.40 -6.04 -84.48
N LEU B 510 -15.27 -6.49 -85.02
CA LEU B 510 -15.22 -7.76 -85.73
C LEU B 510 -15.05 -8.93 -84.78
N THR B 511 -13.90 -8.99 -84.11
CA THR B 511 -13.60 -10.08 -83.20
C THR B 511 -14.29 -9.90 -81.85
N GLY B 512 -13.93 -8.82 -81.14
CA GLY B 512 -14.48 -8.55 -79.83
C GLY B 512 -13.39 -8.27 -78.80
N CYS B 513 -12.14 -8.48 -79.20
CA CYS B 513 -11.01 -8.24 -78.31
C CYS B 513 -10.56 -6.79 -78.36
N SER B 514 -9.46 -6.50 -77.67
CA SER B 514 -8.94 -5.13 -77.63
C SER B 514 -7.41 -5.12 -77.57
N ILE B 515 -6.81 -4.17 -78.27
CA ILE B 515 -5.36 -4.02 -78.29
C ILE B 515 -4.86 -3.33 -77.02
N VAL B 516 -4.01 -4.03 -76.27
CA VAL B 516 -3.49 -3.51 -75.02
C VAL B 516 -2.03 -3.08 -75.18
N ALA B 517 -1.35 -3.69 -76.16
CA ALA B 517 0.06 -3.40 -76.39
C ALA B 517 0.49 -3.58 -77.84
N ILE B 518 1.36 -2.70 -78.31
CA ILE B 518 1.95 -2.82 -79.64
C ILE B 518 3.45 -2.59 -79.59
N GLU B 519 4.22 -3.65 -79.79
CA GLU B 519 5.68 -3.54 -79.77
C GLU B 519 6.28 -3.70 -81.17
N ALA B 520 7.44 -3.08 -81.37
CA ALA B 520 8.10 -3.06 -82.67
C ALA B 520 8.84 -4.37 -82.95
N PRO B 521 9.14 -4.64 -84.23
CA PRO B 521 9.91 -5.83 -84.62
C PRO B 521 11.20 -6.03 -83.82
N ASP B 522 12.22 -5.24 -84.12
CA ASP B 522 13.51 -5.37 -83.44
C ASP B 522 13.67 -4.28 -82.38
N ARG B 523 12.79 -4.30 -81.39
CA ARG B 523 12.82 -3.32 -80.30
C ARG B 523 12.26 -3.90 -79.00
N ALA B 524 12.84 -3.48 -77.88
CA ALA B 524 12.30 -3.83 -76.58
C ALA B 524 11.28 -2.78 -76.17
N ASP B 525 11.18 -1.73 -76.98
CA ASP B 525 10.23 -0.65 -76.74
C ASP B 525 8.81 -1.15 -77.02
N ILE B 526 7.86 -0.76 -76.19
CA ILE B 526 6.49 -1.21 -76.33
C ILE B 526 5.49 -0.08 -76.11
N LEU B 527 4.39 -0.11 -76.86
CA LEU B 527 3.34 0.91 -76.73
C LEU B 527 2.16 0.37 -75.94
N ILE B 528 2.10 0.72 -74.66
CA ILE B 528 1.04 0.25 -73.76
C ILE B 528 -0.26 1.02 -73.98
N SER B 529 -1.35 0.28 -74.19
CA SER B 529 -2.67 0.86 -74.45
C SER B 529 -2.64 1.89 -75.57
N PRO B 530 -2.39 1.44 -76.81
CA PRO B 530 -2.27 2.35 -77.94
C PRO B 530 -3.59 3.03 -78.29
N PRO B 531 -3.55 4.33 -78.59
CA PRO B 531 -4.73 5.07 -79.03
C PRO B 531 -5.19 4.57 -80.39
N PRO B 532 -6.48 4.72 -80.72
CA PRO B 532 -7.03 4.22 -81.99
C PRO B 532 -6.34 4.80 -83.23
N GLU B 533 -5.76 5.98 -83.12
CA GLU B 533 -5.10 6.61 -84.26
C GLU B 533 -3.69 6.08 -84.52
N THR B 534 -3.29 5.06 -83.76
CA THR B 534 -1.97 4.46 -83.93
C THR B 534 -1.86 3.75 -85.28
N ILE B 535 -0.86 4.16 -86.08
CA ILE B 535 -0.62 3.53 -87.37
C ILE B 535 0.26 2.30 -87.22
N LEU B 536 -0.31 1.13 -87.50
CA LEU B 536 0.39 -0.14 -87.35
C LEU B 536 1.50 -0.28 -88.38
N ALA B 537 2.48 -1.14 -88.07
CA ALA B 537 3.61 -1.35 -88.96
C ALA B 537 3.76 -2.82 -89.34
N GLU B 538 4.88 -3.14 -89.98
CA GLU B 538 5.15 -4.50 -90.43
C GLU B 538 6.04 -5.23 -89.42
N GLY B 539 5.63 -6.42 -89.02
CA GLY B 539 6.41 -7.23 -88.11
C GLY B 539 6.10 -6.97 -86.65
N ALA B 540 5.18 -6.04 -86.40
CA ALA B 540 4.79 -5.69 -85.04
C ALA B 540 4.14 -6.88 -84.33
N ARG B 541 4.22 -6.89 -83.01
CA ARG B 541 3.65 -7.98 -82.23
C ARG B 541 2.57 -7.47 -81.29
N LEU B 542 1.34 -7.89 -81.54
CA LEU B 542 0.19 -7.41 -80.78
C LEU B 542 -0.09 -8.24 -79.53
N ILE B 543 -0.42 -7.58 -78.44
CA ILE B 543 -0.81 -8.25 -77.21
C ILE B 543 -2.22 -7.82 -76.82
N LEU B 544 -3.17 -8.74 -76.94
CA LEU B 544 -4.57 -8.43 -76.76
C LEU B 544 -5.19 -9.15 -75.55
N ILE B 545 -6.36 -8.69 -75.14
CA ILE B 545 -7.09 -9.30 -74.03
C ILE B 545 -8.55 -9.50 -74.41
N GLY B 546 -9.06 -10.72 -74.20
CA GLY B 546 -10.44 -11.03 -74.50
C GLY B 546 -10.92 -12.31 -73.84
N THR B 547 -12.18 -12.64 -74.05
CA THR B 547 -12.77 -13.86 -73.51
C THR B 547 -12.12 -15.08 -74.17
N SER B 548 -12.20 -16.24 -73.51
CA SER B 548 -11.66 -17.48 -74.06
C SER B 548 -12.54 -18.02 -75.18
N GLU B 549 -13.41 -17.17 -75.71
CA GLU B 549 -14.27 -17.52 -76.82
C GLU B 549 -13.96 -16.61 -78.01
N GLN B 550 -13.57 -15.38 -77.70
CA GLN B 550 -13.22 -14.39 -78.72
C GLN B 550 -11.80 -14.61 -79.22
N GLU B 551 -10.98 -15.26 -78.40
CA GLU B 551 -9.60 -15.57 -78.77
C GLU B 551 -9.56 -16.64 -79.85
N LYS B 552 -10.61 -17.43 -79.91
CA LYS B 552 -10.74 -18.48 -80.92
C LYS B 552 -11.50 -17.97 -82.13
N THR B 553 -12.34 -16.97 -81.90
CA THR B 553 -13.06 -16.30 -82.98
C THR B 553 -12.25 -15.08 -83.44
N PHE B 554 -10.98 -15.05 -83.06
CA PHE B 554 -10.08 -13.98 -83.47
C PHE B 554 -9.48 -14.26 -84.83
N ASP B 555 -8.64 -15.28 -84.90
CA ASP B 555 -8.02 -15.70 -86.16
C ASP B 555 -9.08 -16.12 -87.16
N GLN B 556 -10.28 -16.44 -86.66
CA GLN B 556 -11.41 -16.77 -87.50
C GLN B 556 -11.99 -15.53 -88.17
N THR B 557 -12.18 -14.48 -87.38
CA THR B 557 -12.84 -13.27 -87.87
C THR B 557 -11.94 -12.45 -88.79
N ILE B 558 -10.66 -12.34 -88.44
CA ILE B 558 -9.72 -11.53 -89.22
C ILE B 558 -9.47 -12.11 -90.62
N ALA B 559 -9.37 -13.44 -90.70
CA ALA B 559 -9.09 -14.10 -91.97
C ALA B 559 -10.34 -14.21 -92.84
N ALA B 560 -11.50 -14.28 -92.21
CA ALA B 560 -12.77 -14.42 -92.93
C ALA B 560 -13.57 -13.12 -92.97
N ARG B 561 -12.93 -12.03 -92.54
CA ARG B 561 -13.55 -10.72 -92.49
C ARG B 561 -14.88 -10.73 -91.73
N GLN C 15 2.75 23.17 57.46
CA GLN C 15 4.02 23.53 58.07
C GLN C 15 4.32 25.02 57.93
N ASN C 16 5.42 25.33 57.23
CA ASN C 16 5.91 26.70 57.09
C ASN C 16 5.13 27.50 56.05
N LEU C 17 4.30 26.79 55.29
CA LEU C 17 3.49 27.39 54.23
C LEU C 17 2.29 28.12 54.80
N LYS C 18 1.91 27.75 56.02
CA LYS C 18 0.82 28.42 56.73
C LYS C 18 1.37 29.63 57.44
N VAL C 19 2.60 29.50 57.94
CA VAL C 19 3.30 30.63 58.53
C VAL C 19 3.53 31.72 57.48
N LEU C 20 3.51 31.33 56.21
CA LEU C 20 3.57 32.29 55.11
C LEU C 20 2.29 33.14 55.04
N LEU C 21 1.12 32.49 54.96
CA LEU C 21 -0.13 33.23 54.88
C LEU C 21 -0.60 33.77 56.25
N LEU C 22 0.03 33.28 57.33
CA LEU C 22 -0.15 33.89 58.64
C LEU C 22 0.58 35.22 58.64
N TYR C 23 1.68 35.26 57.91
CA TYR C 23 2.49 36.47 57.78
C TYR C 23 1.80 37.47 56.87
N CYS C 24 1.12 36.97 55.84
CA CYS C 24 0.38 37.82 54.93
C CYS C 24 -0.84 38.43 55.63
N ALA C 25 -1.36 37.74 56.63
CA ALA C 25 -2.46 38.25 57.43
C ALA C 25 -1.97 39.35 58.35
N PHE C 26 -0.75 39.19 58.86
CA PHE C 26 -0.12 40.20 59.70
C PHE C 26 0.08 41.50 58.91
N LEU C 27 0.61 41.37 57.70
CA LEU C 27 0.84 42.52 56.82
C LEU C 27 -0.46 43.23 56.48
N LEU C 28 -1.50 42.44 56.18
CA LEU C 28 -2.79 42.98 55.82
C LEU C 28 -3.40 43.74 56.99
N VAL C 29 -3.26 43.19 58.19
CA VAL C 29 -3.72 43.87 59.40
C VAL C 29 -2.91 45.15 59.59
N MET C 30 -1.61 45.06 59.36
CA MET C 30 -0.71 46.19 59.48
C MET C 30 -1.05 47.28 58.45
N LEU C 31 -1.47 46.85 57.26
CA LEU C 31 -1.88 47.77 56.22
C LEU C 31 -3.14 48.53 56.63
N LEU C 32 -4.16 47.80 57.08
CA LEU C 32 -5.41 48.41 57.52
C LEU C 32 -5.18 49.26 58.77
N ALA C 33 -4.23 48.86 59.60
CA ALA C 33 -3.90 49.62 60.79
C ALA C 33 -3.33 50.97 60.43
N TYR C 34 -2.22 50.96 59.69
CA TYR C 34 -1.55 52.19 59.27
C TYR C 34 -2.46 53.12 58.48
N ALA C 35 -3.27 52.55 57.59
CA ALA C 35 -4.18 53.33 56.77
C ALA C 35 -5.22 54.06 57.62
N SER C 36 -5.70 53.39 58.66
CA SER C 36 -6.68 53.99 59.56
C SER C 36 -6.03 55.07 60.42
N ILE C 37 -4.86 54.78 60.96
CA ILE C 37 -4.10 55.75 61.73
C ILE C 37 -3.77 56.96 60.86
N PHE C 38 -3.50 56.70 59.58
CA PHE C 38 -3.23 57.75 58.61
C PHE C 38 -4.37 58.75 58.50
N ARG C 39 -5.58 58.25 58.28
CA ARG C 39 -6.76 59.09 58.18
C ARG C 39 -7.00 59.84 59.48
N TYR C 40 -6.71 59.18 60.60
CA TYR C 40 -6.89 59.77 61.91
C TYR C 40 -5.93 60.93 62.14
N LEU C 41 -4.66 60.73 61.77
CA LEU C 41 -3.65 61.74 61.98
C LEU C 41 -3.78 62.92 61.02
N MET C 42 -4.10 62.63 59.76
CA MET C 42 -4.31 63.67 58.76
C MET C 42 -5.39 64.64 59.19
N TRP C 43 -6.42 64.12 59.84
CA TRP C 43 -7.52 64.95 60.32
C TRP C 43 -7.16 65.71 61.59
N HIS C 44 -6.68 65.00 62.60
CA HIS C 44 -6.46 65.59 63.91
C HIS C 44 -5.14 66.34 64.06
N LEU C 45 -4.33 66.38 62.99
CA LEU C 45 -3.05 67.09 63.06
C LEU C 45 -2.90 68.15 61.98
N GLU C 46 -3.62 67.99 60.88
CA GLU C 46 -3.51 68.94 59.77
C GLU C 46 -4.86 69.36 59.20
N GLY C 47 -5.93 68.79 59.72
CA GLY C 47 -7.28 69.15 59.29
C GLY C 47 -7.54 68.77 57.85
N ARG C 48 -7.11 67.56 57.46
CA ARG C 48 -7.32 67.07 56.11
C ARG C 48 -8.10 65.75 56.12
N ALA C 49 -9.17 65.70 55.34
CA ALA C 49 -10.02 64.52 55.29
C ALA C 49 -9.70 63.65 54.09
N TYR C 50 -9.13 62.48 54.35
CA TYR C 50 -8.84 61.52 53.28
C TYR C 50 -9.75 60.30 53.38
N SER C 51 -10.06 59.70 52.23
CA SER C 51 -10.92 58.53 52.20
C SER C 51 -10.17 57.28 52.68
N PHE C 52 -10.89 56.19 52.82
CA PHE C 52 -10.29 54.93 53.23
C PHE C 52 -9.37 54.41 52.12
N MET C 53 -9.81 54.57 50.88
CA MET C 53 -9.04 54.11 49.73
C MET C 53 -7.72 54.87 49.62
N ALA C 54 -7.77 56.16 49.89
CA ALA C 54 -6.57 57.01 49.83
C ALA C 54 -5.54 56.56 50.87
N GLY C 55 -6.02 56.13 52.02
CA GLY C 55 -5.15 55.64 53.08
C GLY C 55 -4.44 54.36 52.67
N ILE C 56 -5.18 53.43 52.10
CA ILE C 56 -4.60 52.20 51.57
C ILE C 56 -3.59 52.57 50.49
N TYR C 57 -4.00 53.49 49.62
CA TYR C 57 -3.16 53.98 48.54
C TYR C 57 -1.88 54.62 49.05
N TRP C 58 -1.99 55.37 50.15
CA TRP C 58 -0.82 56.06 50.71
C TRP C 58 0.11 55.11 51.45
N THR C 59 -0.47 54.14 52.15
CA THR C 59 0.33 53.20 52.92
C THR C 59 1.12 52.27 52.01
N ILE C 60 0.43 51.70 51.02
CA ILE C 60 1.08 50.85 50.03
C ILE C 60 2.17 51.64 49.31
N THR C 61 1.93 52.93 49.08
CA THR C 61 2.90 53.80 48.43
C THR C 61 4.19 53.94 49.26
N VAL C 62 4.05 53.90 50.58
CA VAL C 62 5.18 54.10 51.48
C VAL C 62 5.97 52.83 51.78
N MET C 63 5.26 51.76 52.13
CA MET C 63 5.90 50.49 52.47
C MET C 63 6.64 49.91 51.28
N THR C 64 6.02 50.04 50.11
CA THR C 64 6.60 49.55 48.86
C THR C 64 7.82 50.39 48.43
N THR C 65 7.96 51.53 49.07
CA THR C 65 8.92 52.60 48.81
C THR C 65 8.72 53.30 47.47
N LEU C 66 7.53 53.22 46.89
CA LEU C 66 7.24 53.91 45.63
C LEU C 66 7.29 55.43 45.80
N GLY C 67 6.66 55.93 46.87
CA GLY C 67 6.70 57.34 47.23
C GLY C 67 6.22 58.41 46.25
N PHE C 68 5.00 58.34 45.74
CA PHE C 68 4.51 59.38 44.84
C PHE C 68 4.68 60.84 45.30
N GLY C 69 4.57 61.10 46.60
CA GLY C 69 4.71 62.46 47.10
C GLY C 69 3.46 63.32 46.97
N ASP C 70 2.47 62.85 46.23
CA ASP C 70 1.24 63.58 46.02
C ASP C 70 0.46 63.78 47.31
N ILE C 71 0.75 62.97 48.32
CA ILE C 71 0.13 63.09 49.64
C ILE C 71 1.18 62.98 50.73
N THR C 72 1.57 64.12 51.31
CA THR C 72 2.58 64.12 52.37
C THR C 72 2.13 64.95 53.58
N PHE C 73 2.84 64.78 54.70
CA PHE C 73 2.57 65.55 55.90
C PHE C 73 3.39 66.85 55.90
N GLU C 74 3.07 67.75 56.82
CA GLU C 74 3.77 69.02 56.95
C GLU C 74 4.24 69.23 58.38
N SER C 75 3.70 68.42 59.29
CA SER C 75 4.00 68.56 60.71
C SER C 75 5.03 67.53 61.18
N ASP C 76 5.64 67.79 62.33
CA ASP C 76 6.61 66.86 62.92
C ASP C 76 5.95 65.55 63.32
N ALA C 77 4.79 65.65 63.95
CA ALA C 77 4.03 64.47 64.36
C ALA C 77 3.69 63.62 63.14
N GLY C 78 3.52 64.27 62.01
CA GLY C 78 3.22 63.59 60.76
C GLY C 78 4.46 62.98 60.14
N TYR C 79 5.59 63.66 60.30
CA TYR C 79 6.87 63.16 59.81
C TYR C 79 7.28 61.92 60.59
N LEU C 80 7.04 61.93 61.90
CA LEU C 80 7.36 60.82 62.77
C LEU C 80 6.58 59.57 62.36
N PHE C 81 5.28 59.74 62.10
CA PHE C 81 4.43 58.65 61.70
C PHE C 81 4.86 58.08 60.35
N ALA C 82 5.11 58.96 59.38
CA ALA C 82 5.54 58.55 58.05
C ALA C 82 6.84 57.77 58.10
N SER C 83 7.77 58.22 58.93
CA SER C 83 9.06 57.54 59.09
C SER C 83 8.87 56.14 59.65
N ILE C 84 7.96 56.02 60.62
CA ILE C 84 7.66 54.72 61.20
C ILE C 84 7.13 53.76 60.15
N VAL C 85 6.17 54.22 59.36
CA VAL C 85 5.58 53.39 58.32
C VAL C 85 6.63 53.02 57.26
N THR C 86 7.55 53.95 57.00
CA THR C 86 8.60 53.72 56.03
C THR C 86 9.55 52.61 56.47
N VAL C 87 10.02 52.71 57.71
CA VAL C 87 10.91 51.70 58.27
C VAL C 87 10.20 50.35 58.38
N SER C 88 8.93 50.38 58.77
CA SER C 88 8.09 49.20 58.83
C SER C 88 8.08 48.47 57.49
N GLY C 89 7.93 49.24 56.41
CA GLY C 89 7.93 48.67 55.07
C GLY C 89 9.24 47.96 54.75
N VAL C 90 10.35 48.58 55.11
CA VAL C 90 11.66 48.00 54.87
C VAL C 90 11.83 46.71 55.66
N ILE C 91 11.57 46.78 56.96
CA ILE C 91 11.72 45.62 57.82
C ILE C 91 10.81 44.47 57.43
N PHE C 92 9.55 44.77 57.10
CA PHE C 92 8.57 43.72 56.84
C PHE C 92 8.39 43.34 55.37
N LEU C 93 9.10 44.00 54.47
CA LEU C 93 8.99 43.69 53.04
C LEU C 93 10.34 43.56 52.33
N ASP C 94 11.40 43.93 53.02
CA ASP C 94 12.74 43.88 52.43
C ASP C 94 13.70 43.06 53.29
N ILE C 95 13.32 42.83 54.55
CA ILE C 95 14.15 42.05 55.45
C ILE C 95 13.48 40.74 55.83
N ILE C 96 12.44 40.83 56.65
CA ILE C 96 11.73 39.65 57.15
C ILE C 96 11.21 38.77 56.01
N LEU C 97 10.68 39.39 54.96
CA LEU C 97 10.08 38.62 53.87
C LEU C 97 11.07 37.75 53.09
N PRO C 98 12.21 38.31 52.65
CA PRO C 98 13.17 37.41 52.00
C PRO C 98 13.90 36.49 53.00
N PHE C 99 14.26 37.03 54.16
CA PHE C 99 14.91 36.23 55.20
C PHE C 99 14.02 35.09 55.64
N GLY C 100 12.76 35.40 55.93
CA GLY C 100 11.79 34.40 56.31
C GLY C 100 11.70 33.32 55.25
N PHE C 101 11.63 33.75 53.99
CA PHE C 101 11.62 32.84 52.85
C PHE C 101 12.83 31.92 52.83
N VAL C 102 13.99 32.47 53.17
CA VAL C 102 15.22 31.69 53.26
C VAL C 102 15.14 30.65 54.38
N SER C 103 14.67 31.09 55.55
CA SER C 103 14.52 30.19 56.69
C SER C 103 13.26 29.34 56.57
N MET C 104 12.47 29.59 55.53
CA MET C 104 11.21 28.87 55.33
C MET C 104 11.39 27.61 54.50
N PHE C 105 11.74 27.77 53.23
CA PHE C 105 11.92 26.61 52.36
C PHE C 105 13.18 26.63 51.50
N LEU C 106 14.12 27.51 51.85
CA LEU C 106 15.47 27.34 51.34
C LEU C 106 16.15 26.31 52.23
N ALA C 107 16.49 26.73 53.45
CA ALA C 107 17.17 25.87 54.42
C ALA C 107 16.71 24.41 54.54
N PRO C 108 15.40 24.17 54.71
CA PRO C 108 15.01 22.76 54.85
C PRO C 108 15.08 22.02 53.52
N TRP C 109 15.08 22.75 52.41
CA TRP C 109 15.26 22.11 51.12
C TRP C 109 16.71 21.67 50.94
N ILE C 110 17.65 22.59 51.17
CA ILE C 110 19.06 22.27 51.01
C ILE C 110 19.55 21.20 51.99
N GLU C 111 19.14 21.30 53.25
CA GLU C 111 19.57 20.35 54.27
C GLU C 111 19.12 18.92 53.98
N ARG C 112 18.01 18.79 53.27
CA ARG C 112 17.49 17.47 52.91
C ARG C 112 17.96 17.03 51.53
N ARG C 113 18.23 17.98 50.65
CA ARG C 113 18.59 17.65 49.28
C ARG C 113 20.09 17.56 49.04
N LEU C 114 20.87 18.28 49.84
CA LEU C 114 22.32 18.23 49.72
C LEU C 114 22.93 17.11 50.53
N ARG C 115 22.59 17.05 51.82
CA ARG C 115 23.07 15.98 52.68
C ARG C 115 21.88 15.13 53.12
N TYR C 116 22.01 13.80 52.99
CA TYR C 116 20.88 12.92 53.29
C TYR C 116 20.46 12.95 54.75
N HIS C 117 19.14 12.98 54.96
CA HIS C 117 18.56 12.96 56.30
C HIS C 117 17.81 11.65 56.54
N PRO C 118 18.41 10.75 57.34
CA PRO C 118 17.81 9.45 57.62
C PRO C 118 16.48 9.56 58.35
N THR C 119 15.43 9.01 57.77
CA THR C 119 14.13 8.99 58.42
C THR C 119 14.21 8.05 59.63
N ILE C 120 13.97 8.59 60.81
CA ILE C 120 14.18 7.85 62.05
C ILE C 120 12.89 7.31 62.64
N GLU C 121 11.76 7.92 62.25
CA GLU C 121 10.47 7.60 62.86
C GLU C 121 9.35 7.67 61.82
N LEU C 122 8.24 7.00 62.11
CA LEU C 122 7.04 7.11 61.29
C LEU C 122 5.96 7.88 62.06
N PRO C 123 5.22 8.75 61.37
CA PRO C 123 4.15 9.57 61.96
C PRO C 123 3.16 8.74 62.76
N ASP C 124 2.57 9.34 63.78
CA ASP C 124 1.67 8.62 64.69
C ASP C 124 0.49 7.99 63.96
N ASP C 125 -0.11 8.74 63.04
CA ASP C 125 -1.31 8.30 62.35
C ASP C 125 -1.09 7.11 61.41
N THR C 126 0.17 6.85 61.08
CA THR C 126 0.53 5.81 60.13
C THR C 126 0.05 4.43 60.58
N ARG C 127 -0.74 3.78 59.74
CA ARG C 127 -1.25 2.44 60.03
C ARG C 127 -1.74 1.73 58.78
N GLY C 128 -1.76 0.40 58.82
CA GLY C 128 -2.16 -0.40 57.67
C GLY C 128 -1.00 -0.60 56.72
N HIS C 129 0.21 -0.32 57.19
CA HIS C 129 1.41 -0.43 56.37
C HIS C 129 2.12 -1.76 56.56
N ILE C 130 3.13 -2.00 55.73
CA ILE C 130 3.88 -3.26 55.77
C ILE C 130 5.36 -3.02 56.03
N LEU C 131 5.83 -3.46 57.19
CA LEU C 131 7.23 -3.31 57.56
C LEU C 131 8.09 -4.41 56.92
N ILE C 132 9.16 -4.00 56.25
CA ILE C 132 10.08 -4.96 55.65
C ILE C 132 11.47 -4.84 56.27
N PHE C 133 11.95 -5.93 56.86
CA PHE C 133 13.26 -5.95 57.50
C PHE C 133 14.24 -6.81 56.71
N GLY C 134 15.15 -6.16 55.99
CA GLY C 134 16.14 -6.88 55.21
C GLY C 134 15.87 -6.84 53.72
N ILE C 135 16.25 -5.74 53.09
CA ILE C 135 16.04 -5.57 51.65
C ILE C 135 16.93 -6.53 50.85
N ASP C 136 16.39 -7.05 49.76
CA ASP C 136 17.07 -8.01 48.91
C ASP C 136 16.21 -8.20 47.66
N PRO C 137 16.80 -8.69 46.56
CA PRO C 137 16.08 -8.89 45.29
C PRO C 137 14.71 -9.54 45.42
N ILE C 138 14.51 -10.41 46.41
CA ILE C 138 13.20 -11.03 46.64
C ILE C 138 12.20 -9.98 47.09
N THR C 139 12.50 -9.34 48.21
CA THR C 139 11.62 -8.34 48.79
C THR C 139 11.55 -7.07 47.93
N ARG C 140 12.64 -6.78 47.24
CA ARG C 140 12.69 -5.62 46.36
C ARG C 140 11.75 -5.82 45.17
N THR C 141 11.61 -7.07 44.74
CA THR C 141 10.67 -7.43 43.68
C THR C 141 9.26 -7.53 44.25
N LEU C 142 9.15 -8.04 45.47
CA LEU C 142 7.88 -8.14 46.18
C LEU C 142 7.22 -6.77 46.28
N ILE C 143 8.03 -5.74 46.46
CA ILE C 143 7.51 -4.38 46.52
C ILE C 143 7.02 -3.90 45.16
N ARG C 144 7.86 -4.11 44.14
CA ARG C 144 7.57 -3.63 42.78
C ARG C 144 6.23 -4.12 42.23
N LYS C 145 5.90 -5.39 42.48
CA LYS C 145 4.69 -5.97 41.90
C LYS C 145 3.46 -5.80 42.79
N LEU C 146 3.66 -5.76 44.10
CA LEU C 146 2.54 -5.67 45.03
C LEU C 146 2.10 -4.22 45.23
N GLU C 147 2.95 -3.28 44.84
CA GLU C 147 2.59 -1.86 44.94
C GLU C 147 1.75 -1.43 43.74
N SER C 148 1.36 -2.41 42.93
CA SER C 148 0.41 -2.18 41.84
C SER C 148 -0.83 -1.52 42.42
N ARG C 149 -1.34 -2.08 43.51
CA ARG C 149 -2.26 -1.36 44.37
C ARG C 149 -1.43 -0.73 45.48
N ASN C 150 -1.86 0.44 45.95
CA ASN C 150 -1.04 1.16 46.92
C ASN C 150 -0.97 0.50 48.29
N HIS C 151 0.12 -0.22 48.52
CA HIS C 151 0.46 -0.69 49.85
C HIS C 151 1.68 0.09 50.32
N LEU C 152 1.61 0.66 51.51
CA LEU C 152 2.72 1.44 52.03
C LEU C 152 3.85 0.52 52.49
N PHE C 153 4.70 0.13 51.57
CA PHE C 153 5.86 -0.69 51.90
C PHE C 153 6.95 0.16 52.51
N VAL C 154 7.34 -0.17 53.74
CA VAL C 154 8.42 0.52 54.41
C VAL C 154 9.54 -0.46 54.75
N VAL C 155 10.74 -0.17 54.27
CA VAL C 155 11.89 -1.00 54.61
C VAL C 155 12.79 -0.27 55.61
N VAL C 156 13.34 -1.03 56.56
CA VAL C 156 14.19 -0.44 57.60
C VAL C 156 15.54 -1.15 57.66
N THR C 157 16.61 -0.38 57.75
CA THR C 157 17.97 -0.93 57.77
C THR C 157 18.85 -0.23 58.80
N ASP C 158 19.85 -0.96 59.30
CA ASP C 158 20.80 -0.39 60.25
C ASP C 158 22.06 0.08 59.54
N ASN C 159 22.12 -0.14 58.23
CA ASN C 159 23.23 0.32 57.42
C ASN C 159 22.95 1.71 56.86
N TYR C 160 23.85 2.64 57.13
CA TYR C 160 23.64 4.03 56.72
C TYR C 160 23.75 4.21 55.21
N ASP C 161 24.84 3.71 54.63
CA ASP C 161 25.11 3.88 53.20
C ASP C 161 24.06 3.20 52.34
N GLN C 162 23.33 2.24 52.91
CA GLN C 162 22.26 1.56 52.21
C GLN C 162 21.00 2.41 52.20
N ALA C 163 20.80 3.17 53.28
CA ALA C 163 19.64 4.04 53.40
C ALA C 163 19.64 5.11 52.31
N LEU C 164 20.83 5.54 51.90
CA LEU C 164 20.98 6.50 50.82
C LEU C 164 20.53 5.88 49.49
N HIS C 165 21.09 4.72 49.19
CA HIS C 165 20.85 4.05 47.91
C HIS C 165 19.39 3.68 47.72
N LEU C 166 18.70 3.37 48.81
CA LEU C 166 17.29 3.00 48.74
C LEU C 166 16.38 4.21 48.55
N GLU C 167 16.84 5.36 49.04
CA GLU C 167 16.03 6.58 49.02
C GLU C 167 15.88 7.20 47.62
N GLU C 168 16.79 6.86 46.71
CA GLU C 168 16.69 7.37 45.35
C GLU C 168 15.74 6.50 44.51
N GLN C 169 15.86 5.18 44.65
CA GLN C 169 14.91 4.26 44.05
C GLN C 169 13.74 4.09 45.00
N GLU C 170 12.92 5.13 45.10
CA GLU C 170 11.94 5.25 46.18
C GLU C 170 10.50 4.95 45.76
N GLY C 171 10.17 3.67 45.68
CA GLY C 171 8.79 3.24 45.54
C GLY C 171 8.31 2.76 46.90
N PHE C 172 9.11 3.08 47.91
CA PHE C 172 8.89 2.59 49.27
C PHE C 172 9.63 3.48 50.28
N LYS C 173 8.98 3.79 51.40
CA LYS C 173 9.60 4.64 52.42
C LYS C 173 10.75 3.90 53.09
N VAL C 174 11.79 4.64 53.48
CA VAL C 174 12.99 4.05 54.08
C VAL C 174 13.29 4.62 55.46
N VAL C 175 13.24 3.76 56.47
CA VAL C 175 13.56 4.15 57.84
C VAL C 175 14.94 3.61 58.23
N TYR C 176 15.67 4.38 59.04
CA TYR C 176 17.03 4.02 59.40
C TYR C 176 17.19 3.84 60.91
N GLY C 177 17.24 2.59 61.35
CA GLY C 177 17.38 2.28 62.77
C GLY C 177 17.61 0.80 63.03
N SER C 178 17.90 0.48 64.28
CA SER C 178 18.13 -0.91 64.68
C SER C 178 16.83 -1.71 64.66
N PRO C 179 16.74 -2.70 63.77
CA PRO C 179 15.53 -3.51 63.59
C PRO C 179 15.15 -4.24 64.87
N THR C 180 16.12 -4.47 65.76
CA THR C 180 15.87 -5.24 66.97
C THR C 180 15.44 -4.36 68.15
N ASP C 181 15.75 -3.06 68.09
CA ASP C 181 15.42 -2.15 69.18
C ASP C 181 13.91 -1.91 69.27
N ALA C 182 13.40 -1.93 70.50
CA ALA C 182 11.96 -1.75 70.74
C ALA C 182 11.54 -0.30 70.53
N HIS C 183 12.41 0.63 70.88
CA HIS C 183 12.14 2.05 70.70
C HIS C 183 12.03 2.40 69.22
N VAL C 184 12.80 1.69 68.39
CA VAL C 184 12.73 1.87 66.96
C VAL C 184 11.44 1.28 66.41
N LEU C 185 11.09 0.08 66.88
CA LEU C 185 9.86 -0.58 66.46
C LEU C 185 8.63 0.21 66.91
N ALA C 186 8.79 0.94 68.02
CA ALA C 186 7.71 1.80 68.51
C ALA C 186 7.49 2.97 67.55
N GLY C 187 8.58 3.53 67.04
CA GLY C 187 8.51 4.61 66.09
C GLY C 187 8.06 4.14 64.72
N LEU C 188 8.18 2.83 64.49
CA LEU C 188 7.73 2.22 63.24
C LEU C 188 6.24 1.90 63.30
N ARG C 189 5.66 2.08 64.49
CA ARG C 189 4.24 1.80 64.72
C ARG C 189 3.88 0.37 64.32
N VAL C 190 4.63 -0.59 64.86
CA VAL C 190 4.44 -2.00 64.50
C VAL C 190 3.07 -2.53 64.92
N ALA C 191 2.53 -1.98 66.00
CA ALA C 191 1.22 -2.40 66.49
C ALA C 191 0.14 -2.05 65.47
N ALA C 192 0.32 -0.91 64.82
CA ALA C 192 -0.65 -0.41 63.86
C ALA C 192 -0.36 -0.91 62.44
N ALA C 193 0.60 -1.82 62.32
CA ALA C 193 0.99 -2.35 61.03
C ALA C 193 0.05 -3.45 60.56
N ARG C 194 0.02 -3.66 59.24
CA ARG C 194 -0.82 -4.70 58.65
C ARG C 194 -0.08 -6.03 58.71
N SER C 195 1.22 -6.00 58.43
CA SER C 195 2.04 -7.21 58.42
C SER C 195 3.52 -6.86 58.44
N ILE C 196 4.34 -7.78 58.93
CA ILE C 196 5.79 -7.58 59.01
C ILE C 196 6.53 -8.71 58.31
N ILE C 197 7.51 -8.35 57.48
CA ILE C 197 8.33 -9.35 56.81
C ILE C 197 9.76 -9.37 57.35
N ALA C 198 10.13 -10.48 57.99
CA ALA C 198 11.46 -10.64 58.57
C ALA C 198 12.40 -11.37 57.62
N ASN C 199 13.32 -10.64 57.03
CA ASN C 199 14.22 -11.21 56.03
C ASN C 199 15.69 -11.03 56.42
N LEU C 200 15.95 -10.90 57.72
CA LEU C 200 17.31 -10.85 58.23
C LEU C 200 17.80 -12.26 58.47
N SER C 201 18.99 -12.41 59.05
CA SER C 201 19.50 -13.74 59.39
C SER C 201 18.58 -14.40 60.42
N ASP C 202 18.68 -15.73 60.54
CA ASP C 202 17.86 -16.46 61.49
C ASP C 202 18.00 -15.98 62.94
N PRO C 203 19.24 -15.77 63.43
CA PRO C 203 19.33 -15.22 64.78
C PRO C 203 18.81 -13.78 64.87
N ASP C 204 18.87 -13.04 63.76
CA ASP C 204 18.36 -11.67 63.73
C ASP C 204 16.84 -11.63 63.68
N ASN C 205 16.24 -12.57 62.96
CA ASN C 205 14.79 -12.67 62.89
C ASN C 205 14.18 -13.03 64.24
N ALA C 206 14.78 -14.01 64.91
CA ALA C 206 14.31 -14.45 66.21
C ALA C 206 14.28 -13.28 67.20
N ASN C 207 15.30 -12.44 67.13
CA ASN C 207 15.38 -11.25 67.96
C ASN C 207 14.26 -10.29 67.59
N LEU C 208 14.03 -10.15 66.29
CA LEU C 208 12.98 -9.26 65.79
C LEU C 208 11.60 -9.70 66.26
N CYS C 209 11.29 -10.98 66.08
CA CYS C 209 10.00 -11.53 66.49
C CYS C 209 9.75 -11.35 67.99
N LEU C 210 10.72 -11.75 68.81
CA LEU C 210 10.60 -11.63 70.26
C LEU C 210 10.45 -10.19 70.72
N THR C 211 10.92 -9.24 69.90
CA THR C 211 10.79 -7.83 70.23
C THR C 211 9.45 -7.29 69.75
N VAL C 212 9.01 -7.73 68.58
CA VAL C 212 7.71 -7.33 68.04
C VAL C 212 6.60 -7.87 68.93
N ARG C 213 6.75 -9.11 69.39
CA ARG C 213 5.74 -9.74 70.23
C ARG C 213 5.70 -9.15 71.64
N SER C 214 6.68 -8.32 71.98
CA SER C 214 6.70 -7.64 73.27
C SER C 214 5.90 -6.34 73.19
N LEU C 215 5.51 -5.96 71.98
CA LEU C 215 4.80 -4.70 71.76
C LEU C 215 3.40 -4.92 71.20
N CYS C 216 3.23 -5.97 70.39
CA CYS C 216 1.95 -6.22 69.75
C CYS C 216 1.78 -7.66 69.27
N GLN C 217 0.76 -7.88 68.46
CA GLN C 217 0.48 -9.21 67.89
C GLN C 217 0.32 -9.12 66.37
N THR C 218 1.00 -8.15 65.77
CA THR C 218 1.01 -7.99 64.33
C THR C 218 1.57 -9.24 63.65
N PRO C 219 0.86 -9.76 62.64
CA PRO C 219 1.30 -10.97 61.92
C PRO C 219 2.69 -10.84 61.33
N ILE C 220 3.54 -11.82 61.58
CA ILE C 220 4.90 -11.82 61.07
C ILE C 220 5.12 -12.96 60.09
N ILE C 221 5.63 -12.63 58.90
CA ILE C 221 6.07 -13.63 57.95
C ILE C 221 7.60 -13.63 57.90
N ALA C 222 8.21 -14.71 58.38
CA ALA C 222 9.66 -14.80 58.43
C ALA C 222 10.20 -15.70 57.32
N VAL C 223 11.27 -15.24 56.68
CA VAL C 223 11.94 -16.02 55.65
C VAL C 223 13.15 -16.70 56.29
N VAL C 224 13.06 -18.02 56.49
CA VAL C 224 14.01 -18.74 57.34
C VAL C 224 15.22 -19.30 56.60
N LYS C 225 16.41 -18.85 56.99
CA LYS C 225 17.66 -19.22 56.33
C LYS C 225 17.91 -20.73 56.33
N GLU C 226 17.54 -21.41 57.41
CA GLU C 226 17.75 -22.85 57.51
C GLU C 226 16.48 -23.55 58.03
N PRO C 227 15.92 -24.48 57.23
CA PRO C 227 14.64 -25.14 57.50
C PRO C 227 14.55 -25.79 58.88
N VAL C 228 15.69 -26.08 59.49
CA VAL C 228 15.72 -26.65 60.83
C VAL C 228 15.32 -25.58 61.85
N HIS C 229 15.59 -24.32 61.52
CA HIS C 229 15.30 -23.20 62.41
C HIS C 229 13.84 -22.75 62.30
N GLY C 230 13.07 -23.43 61.47
CA GLY C 230 11.68 -23.08 61.26
C GLY C 230 10.84 -23.14 62.53
N GLU C 231 11.04 -24.19 63.31
CA GLU C 231 10.30 -24.38 64.56
C GLU C 231 10.61 -23.25 65.53
N LEU C 232 11.87 -22.84 65.57
CA LEU C 232 12.33 -21.83 66.52
C LEU C 232 11.74 -20.46 66.24
N LEU C 233 11.60 -20.12 64.95
CA LEU C 233 11.04 -18.84 64.56
C LEU C 233 9.54 -18.75 64.88
N ARG C 234 8.88 -19.91 64.89
CA ARG C 234 7.49 -19.98 65.32
C ARG C 234 7.40 -19.74 66.82
N LEU C 235 8.38 -20.24 67.55
CA LEU C 235 8.46 -20.03 68.99
C LEU C 235 8.67 -18.55 69.29
N ALA C 236 9.46 -17.89 68.45
CA ALA C 236 9.76 -16.48 68.63
C ALA C 236 8.52 -15.62 68.47
N GLY C 237 7.76 -15.87 67.41
CA GLY C 237 6.51 -15.15 67.20
C GLY C 237 5.98 -15.14 65.79
N ALA C 238 6.78 -15.65 64.85
CA ALA C 238 6.40 -15.66 63.43
C ALA C 238 5.13 -16.48 63.19
N ASN C 239 4.16 -15.86 62.54
CA ASN C 239 2.90 -16.52 62.24
C ASN C 239 3.02 -17.48 61.07
N GLN C 240 3.88 -17.14 60.12
CA GLN C 240 4.15 -17.99 58.96
C GLN C 240 5.63 -17.98 58.64
N VAL C 241 6.16 -19.15 58.31
CA VAL C 241 7.59 -19.30 58.06
C VAL C 241 7.83 -19.88 56.67
N VAL C 242 8.68 -19.23 55.88
CA VAL C 242 8.91 -19.65 54.51
C VAL C 242 10.36 -20.04 54.21
N PRO C 243 10.60 -21.34 53.95
CA PRO C 243 11.91 -21.83 53.53
C PRO C 243 12.15 -21.61 52.03
N LEU C 244 12.56 -20.40 51.67
CA LEU C 244 12.75 -20.02 50.27
C LEU C 244 13.73 -20.91 49.49
N THR C 245 14.97 -21.06 49.97
CA THR C 245 15.97 -21.79 49.18
C THR C 245 15.73 -23.30 49.14
N ARG C 246 15.05 -23.82 50.15
CA ARG C 246 14.59 -25.20 50.07
C ARG C 246 13.63 -25.30 48.90
N ILE C 247 12.72 -24.34 48.82
CA ILE C 247 11.75 -24.27 47.74
C ILE C 247 12.43 -24.02 46.41
N LEU C 248 13.35 -23.05 46.37
CA LEU C 248 14.10 -22.74 45.16
C LEU C 248 14.95 -23.93 44.72
N GLY C 249 15.56 -24.62 45.68
CA GLY C 249 16.34 -25.80 45.39
C GLY C 249 15.44 -26.92 44.90
N ARG C 250 14.23 -26.97 45.47
CA ARG C 250 13.25 -27.97 45.08
C ARG C 250 12.82 -27.78 43.63
N TYR C 251 12.58 -26.53 43.25
CA TYR C 251 12.12 -26.21 41.89
C TYR C 251 13.21 -26.32 40.84
N LEU C 252 14.47 -26.38 41.28
CA LEU C 252 15.58 -26.60 40.37
C LEU C 252 15.65 -28.07 39.99
N GLY C 253 15.48 -28.94 40.99
CA GLY C 253 15.58 -30.37 40.80
C GLY C 253 14.40 -30.96 40.07
N ILE C 254 13.22 -30.36 40.27
CA ILE C 254 12.00 -30.80 39.60
C ILE C 254 12.17 -30.68 38.08
N ARG C 255 12.81 -29.60 37.65
CA ARG C 255 13.06 -29.38 36.23
C ARG C 255 14.27 -30.15 35.74
N ALA C 256 15.07 -30.68 36.67
CA ALA C 256 16.36 -31.28 36.34
C ALA C 256 16.27 -32.65 35.65
N THR C 257 15.36 -33.49 36.11
CA THR C 257 15.20 -34.83 35.56
C THR C 257 14.86 -34.81 34.06
N THR C 258 15.36 -35.79 33.32
CA THR C 258 15.17 -35.84 31.87
C THR C 258 13.69 -36.02 31.50
N CYS C 259 13.02 -36.93 32.20
CA CYS C 259 11.59 -37.09 32.05
C CYS C 259 10.88 -36.48 33.26
N GLY C 260 9.83 -35.72 33.00
CA GLY C 260 9.06 -35.09 34.05
C GLY C 260 8.48 -36.12 35.02
N ALA C 261 8.62 -35.84 36.31
CA ALA C 261 8.13 -36.74 37.34
C ALA C 261 7.37 -35.96 38.40
N LEU C 262 6.41 -36.62 39.04
CA LEU C 262 5.59 -35.99 40.06
C LEU C 262 6.43 -35.45 41.22
N ALA C 263 5.92 -34.40 41.87
CA ALA C 263 6.59 -33.82 43.01
C ALA C 263 5.56 -33.43 44.07
N HIS C 264 5.52 -34.21 45.14
CA HIS C 264 4.51 -34.05 46.19
C HIS C 264 4.57 -32.66 46.84
N ILE C 265 3.47 -31.94 46.76
CA ILE C 265 3.38 -30.60 47.32
C ILE C 265 2.83 -30.60 48.74
N LEU C 266 1.67 -31.23 48.92
CA LEU C 266 0.96 -31.18 50.20
C LEU C 266 0.22 -32.49 50.51
N ASP C 267 0.33 -32.94 51.76
CA ASP C 267 -0.43 -34.10 52.22
C ASP C 267 -1.48 -33.64 53.23
N SER C 268 -2.73 -33.58 52.79
CA SER C 268 -3.81 -33.13 53.66
C SER C 268 -4.46 -34.30 54.42
N PHE C 269 -3.84 -34.66 55.54
CA PHE C 269 -4.37 -35.68 56.44
C PHE C 269 -4.51 -37.05 55.80
N GLY C 270 -3.72 -37.32 54.77
CA GLY C 270 -3.72 -38.60 54.10
C GLY C 270 -5.01 -38.87 53.34
N ASN C 271 -5.68 -37.81 52.93
CA ASN C 271 -6.94 -37.91 52.20
C ASN C 271 -6.83 -37.40 50.77
N LEU C 272 -6.43 -36.13 50.63
CA LEU C 272 -6.27 -35.53 49.32
C LEU C 272 -4.83 -35.06 49.13
N GLN C 273 -4.23 -35.43 47.99
CA GLN C 273 -2.83 -35.09 47.73
C GLN C 273 -2.69 -34.09 46.59
N ILE C 274 -2.03 -32.98 46.88
CA ILE C 274 -1.71 -31.99 45.86
C ILE C 274 -0.28 -32.17 45.40
N ALA C 275 -0.07 -32.23 44.09
CA ALA C 275 1.26 -32.41 43.53
C ALA C 275 1.41 -31.62 42.24
N GLU C 276 2.62 -31.61 41.68
CA GLU C 276 2.87 -30.93 40.43
C GLU C 276 3.75 -31.77 39.50
N LEU C 277 3.57 -31.58 38.20
CA LEU C 277 4.28 -32.38 37.20
C LEU C 277 4.79 -31.53 36.03
N PRO C 278 6.11 -31.41 35.91
CA PRO C 278 6.71 -30.76 34.74
C PRO C 278 6.48 -31.60 33.49
N VAL C 279 5.82 -31.01 32.49
CA VAL C 279 5.38 -31.73 31.31
C VAL C 279 6.55 -32.28 30.47
N HIS C 280 7.70 -31.60 30.53
CA HIS C 280 8.86 -31.99 29.74
C HIS C 280 9.22 -33.47 29.88
N GLY C 281 9.55 -34.11 28.76
CA GLY C 281 9.91 -35.52 28.77
C GLY C 281 8.70 -36.43 28.70
N THR C 282 7.64 -36.07 29.42
CA THR C 282 6.41 -36.84 29.47
C THR C 282 5.72 -36.84 28.11
N PRO C 283 4.95 -37.89 27.80
CA PRO C 283 4.21 -37.96 26.53
C PRO C 283 3.05 -36.94 26.45
N PHE C 284 2.97 -36.05 27.42
CA PHE C 284 1.93 -35.03 27.43
C PHE C 284 2.42 -33.77 26.75
N ALA C 285 3.69 -33.80 26.33
CA ALA C 285 4.31 -32.66 25.65
C ALA C 285 3.88 -32.62 24.18
N GLY C 286 3.52 -31.42 23.73
CA GLY C 286 3.07 -31.25 22.35
C GLY C 286 1.59 -31.55 22.20
N LYS C 287 1.02 -32.23 23.19
CA LYS C 287 -0.39 -32.58 23.17
C LYS C 287 -1.19 -31.61 24.03
N THR C 288 -2.50 -31.61 23.83
CA THR C 288 -3.39 -30.81 24.66
C THR C 288 -3.81 -31.64 25.88
N ILE C 289 -4.12 -30.95 26.97
CA ILE C 289 -4.52 -31.61 28.21
C ILE C 289 -5.79 -32.45 28.02
N GLY C 290 -6.68 -31.97 27.16
CA GLY C 290 -7.88 -32.70 26.82
C GLY C 290 -7.56 -33.98 26.07
N GLU C 291 -6.55 -33.91 25.19
CA GLU C 291 -6.11 -35.07 24.43
C GLU C 291 -5.41 -36.08 25.33
N SER C 292 -4.64 -35.57 26.29
CA SER C 292 -3.92 -36.41 27.24
C SER C 292 -4.91 -37.21 28.08
N GLY C 293 -6.07 -36.62 28.35
CA GLY C 293 -7.12 -37.28 29.09
C GLY C 293 -6.69 -37.70 30.48
N ILE C 294 -5.90 -36.85 31.13
CA ILE C 294 -5.39 -37.13 32.45
C ILE C 294 -6.52 -37.29 33.46
N ARG C 295 -7.57 -36.49 33.29
CA ARG C 295 -8.72 -36.58 34.19
C ARG C 295 -9.55 -37.82 33.90
N GLN C 296 -9.46 -38.31 32.67
CA GLN C 296 -10.22 -39.49 32.25
C GLN C 296 -9.53 -40.80 32.62
N ARG C 297 -8.25 -40.90 32.27
CA ARG C 297 -7.49 -42.14 32.42
C ARG C 297 -6.91 -42.31 33.82
N THR C 298 -7.22 -41.37 34.71
CA THR C 298 -6.65 -41.41 36.05
C THR C 298 -7.69 -41.01 37.11
N GLY C 299 -8.36 -39.89 36.89
CA GLY C 299 -9.36 -39.41 37.82
C GLY C 299 -8.86 -38.23 38.65
N LEU C 300 -7.61 -37.84 38.41
CA LEU C 300 -7.01 -36.69 39.09
C LEU C 300 -7.73 -35.40 38.74
N SER C 301 -7.49 -34.37 39.55
CA SER C 301 -8.10 -33.06 39.32
C SER C 301 -7.03 -32.02 38.99
N ILE C 302 -6.93 -31.66 37.72
CA ILE C 302 -5.99 -30.64 37.30
C ILE C 302 -6.51 -29.26 37.69
N ILE C 303 -6.06 -28.77 38.85
CA ILE C 303 -6.58 -27.54 39.41
C ILE C 303 -5.87 -26.30 38.89
N GLY C 304 -4.91 -26.48 37.99
CA GLY C 304 -4.20 -25.36 37.42
C GLY C 304 -3.03 -25.71 36.52
N VAL C 305 -2.68 -24.79 35.64
CA VAL C 305 -1.55 -24.95 34.74
C VAL C 305 -0.61 -23.75 34.89
N TRP C 306 0.69 -24.01 34.91
CA TRP C 306 1.68 -22.95 35.11
C TRP C 306 2.54 -22.77 33.86
N GLU C 307 2.36 -21.64 33.19
CA GLU C 307 3.13 -21.32 31.97
C GLU C 307 3.59 -19.87 31.94
N ARG C 308 4.88 -19.67 31.73
CA ARG C 308 5.48 -18.34 31.65
C ARG C 308 5.18 -17.48 32.88
N GLY C 309 5.05 -18.12 34.04
CA GLY C 309 4.81 -17.41 35.27
C GLY C 309 3.35 -17.05 35.51
N SER C 310 2.47 -17.67 34.74
CA SER C 310 1.03 -17.40 34.86
C SER C 310 0.27 -18.64 35.34
N LEU C 311 -0.52 -18.48 36.39
CA LEU C 311 -1.33 -19.58 36.90
C LEU C 311 -2.73 -19.50 36.30
N THR C 312 -3.02 -20.38 35.35
CA THR C 312 -4.29 -20.36 34.63
C THR C 312 -5.07 -21.65 34.77
N THR C 313 -6.38 -21.57 34.58
CA THR C 313 -7.27 -22.72 34.63
C THR C 313 -7.22 -23.50 33.32
N PRO C 314 -7.04 -24.83 33.40
CA PRO C 314 -6.94 -25.68 32.21
C PRO C 314 -8.23 -25.79 31.42
N GLN C 315 -8.16 -25.54 30.11
CA GLN C 315 -9.26 -25.79 29.20
C GLN C 315 -9.03 -27.15 28.56
N ARG C 316 -9.95 -27.60 27.71
CA ARG C 316 -9.79 -28.89 27.05
C ARG C 316 -8.80 -28.79 25.90
N GLU C 317 -8.78 -27.63 25.24
CA GLU C 317 -7.99 -27.45 24.03
C GLU C 317 -6.76 -26.55 24.22
N THR C 318 -6.26 -26.45 25.44
CA THR C 318 -5.01 -25.73 25.68
C THR C 318 -3.83 -26.69 25.58
N VAL C 319 -2.81 -26.27 24.83
CA VAL C 319 -1.66 -27.13 24.54
C VAL C 319 -0.62 -27.09 25.65
N LEU C 320 -0.12 -28.26 26.03
CA LEU C 320 0.94 -28.36 27.04
C LEU C 320 2.30 -28.48 26.36
N THR C 321 3.19 -27.52 26.63
CA THR C 321 4.51 -27.53 26.04
C THR C 321 5.54 -28.15 26.99
N GLU C 322 6.80 -28.11 26.59
CA GLU C 322 7.89 -28.64 27.40
C GLU C 322 8.10 -27.81 28.67
N GLN C 323 7.56 -26.60 28.68
CA GLN C 323 7.75 -25.67 29.78
C GLN C 323 6.61 -25.75 30.79
N SER C 324 5.50 -26.36 30.38
CA SER C 324 4.30 -26.41 31.21
C SER C 324 4.47 -27.24 32.47
N LEU C 325 3.79 -26.84 33.53
CA LEU C 325 3.80 -27.57 34.80
C LEU C 325 2.39 -27.63 35.38
N LEU C 326 1.83 -28.84 35.43
CA LEU C 326 0.47 -29.04 35.93
C LEU C 326 0.44 -29.13 37.45
N VAL C 327 -0.56 -28.49 38.06
CA VAL C 327 -0.78 -28.64 39.49
C VAL C 327 -2.01 -29.53 39.71
N LEU C 328 -1.78 -30.71 40.26
CA LEU C 328 -2.81 -31.74 40.33
C LEU C 328 -3.31 -31.97 41.75
N ALA C 329 -4.48 -32.57 41.87
CA ALA C 329 -5.07 -32.89 43.17
C ALA C 329 -5.89 -34.17 43.11
N GLY C 330 -5.53 -35.15 43.93
CA GLY C 330 -6.23 -36.42 43.97
C GLY C 330 -5.64 -37.36 44.99
N THR C 331 -6.13 -38.59 45.03
CA THR C 331 -5.65 -39.59 45.98
C THR C 331 -4.27 -40.13 45.58
N LYS C 332 -3.65 -40.85 46.49
CA LYS C 332 -2.32 -41.42 46.26
C LYS C 332 -2.37 -42.50 45.18
N SER C 333 -3.53 -43.14 45.05
CA SER C 333 -3.73 -44.19 44.06
C SER C 333 -3.76 -43.59 42.66
N GLN C 334 -4.41 -42.43 42.53
CA GLN C 334 -4.52 -41.75 41.26
C GLN C 334 -3.18 -41.21 40.78
N LEU C 335 -2.44 -40.56 41.69
CA LEU C 335 -1.11 -40.05 41.37
C LEU C 335 -0.21 -41.16 40.82
N ALA C 336 -0.34 -42.35 41.39
CA ALA C 336 0.42 -43.52 40.93
C ALA C 336 0.01 -43.95 39.54
N ALA C 337 -1.26 -43.73 39.20
CA ALA C 337 -1.78 -44.10 37.88
C ALA C 337 -1.18 -43.22 36.79
N LEU C 338 -0.94 -41.95 37.12
CA LEU C 338 -0.35 -41.02 36.18
C LEU C 338 1.12 -41.38 35.97
N GLU C 339 1.79 -41.76 37.06
CA GLU C 339 3.21 -42.10 37.02
C GLU C 339 3.51 -43.23 36.03
N TYR C 340 2.53 -44.11 35.86
CA TYR C 340 2.66 -45.21 34.90
C TYR C 340 2.45 -44.73 33.46
N LEU C 341 1.60 -43.71 33.30
CA LEU C 341 1.33 -43.14 31.99
C LEU C 341 2.56 -42.42 31.45
N ILE C 342 3.35 -41.85 32.35
CA ILE C 342 4.57 -41.14 31.99
C ILE C 342 5.57 -42.10 31.36
N GLY C 343 5.65 -43.31 31.90
CA GLY C 343 6.60 -44.30 31.45
C GLY C 343 7.82 -44.32 32.35
N GLU C 344 8.62 -45.37 32.24
CA GLU C 344 9.83 -45.49 33.06
C GLU C 344 10.84 -44.40 32.73
N ALA C 345 11.54 -43.94 33.76
CA ALA C 345 12.58 -42.93 33.59
C ALA C 345 13.87 -43.59 33.11
N PRO C 346 14.68 -42.84 32.31
CA PRO C 346 15.96 -43.33 31.82
C PRO C 346 16.86 -43.88 32.93
N GLU C 347 17.62 -44.92 32.63
CA GLU C 347 18.44 -45.58 33.63
C GLU C 347 19.64 -44.74 34.06
N ASP C 348 20.57 -44.49 33.14
CA ASP C 348 21.75 -43.69 33.43
C ASP C 348 21.39 -42.21 33.65
N GLU C 349 20.75 -41.93 34.77
CA GLU C 349 20.30 -40.58 35.09
C GLU C 349 21.27 -39.90 36.05
N LEU C 350 22.26 -39.19 35.50
CA LEU C 350 23.29 -38.54 36.32
C LEU C 350 23.22 -37.01 36.17
N ILE C 351 22.94 -36.33 37.28
CA ILE C 351 22.71 -34.88 37.26
C ILE C 351 23.81 -34.08 37.95
N PHE C 352 24.35 -33.09 37.23
CA PHE C 352 25.37 -32.21 37.80
C PHE C 352 24.77 -30.97 38.43
N ILE C 353 25.13 -30.72 39.68
CA ILE C 353 24.70 -29.51 40.37
C ILE C 353 25.88 -28.58 40.59
N ILE C 354 25.93 -27.50 39.80
CA ILE C 354 27.05 -26.56 39.88
C ILE C 354 26.74 -25.45 40.87
N GLY C 355 27.51 -25.39 41.95
CA GLY C 355 27.27 -24.42 43.00
C GLY C 355 26.63 -25.07 44.21
N HIS C 356 27.37 -25.14 45.31
CA HIS C 356 26.90 -25.83 46.50
C HIS C 356 26.59 -24.84 47.63
N GLY C 357 25.62 -23.97 47.37
CA GLY C 357 25.11 -23.07 48.39
C GLY C 357 23.92 -23.71 49.09
N ARG C 358 23.12 -22.91 49.77
CA ARG C 358 21.94 -23.44 50.46
C ARG C 358 20.86 -23.83 49.46
N ILE C 359 20.92 -23.26 48.25
CA ILE C 359 19.99 -23.63 47.18
C ILE C 359 20.45 -24.90 46.49
N GLY C 360 21.74 -24.94 46.14
CA GLY C 360 22.33 -26.13 45.54
C GLY C 360 22.23 -27.32 46.47
N CYS C 361 22.38 -27.07 47.77
CA CYS C 361 22.23 -28.10 48.78
C CYS C 361 20.79 -28.60 48.83
N ALA C 362 19.86 -27.65 48.72
CA ALA C 362 18.45 -27.99 48.73
C ALA C 362 18.08 -28.78 47.49
N ALA C 363 18.68 -28.41 46.36
CA ALA C 363 18.45 -29.10 45.10
C ALA C 363 18.94 -30.55 45.20
N ALA C 364 20.07 -30.72 45.88
CA ALA C 364 20.64 -32.04 46.07
C ALA C 364 19.79 -32.86 47.05
N ALA C 365 19.26 -32.17 48.07
CA ALA C 365 18.42 -32.81 49.07
C ALA C 365 17.14 -33.35 48.45
N PHE C 366 16.67 -32.68 47.40
CA PHE C 366 15.47 -33.10 46.69
C PHE C 366 15.76 -34.26 45.75
N LEU C 367 16.89 -34.19 45.06
CA LEU C 367 17.33 -35.26 44.18
C LEU C 367 17.86 -36.45 44.97
N ASP C 368 17.71 -36.40 46.29
CA ASP C 368 18.21 -37.45 47.17
C ASP C 368 17.07 -38.35 47.63
N ARG C 369 16.02 -37.73 48.15
CA ARG C 369 14.81 -38.44 48.56
C ARG C 369 14.28 -39.24 47.37
N LYS C 370 14.05 -38.55 46.27
CA LYS C 370 13.87 -39.20 44.98
C LYS C 370 15.21 -39.78 44.58
N PRO C 371 15.29 -41.11 44.44
CA PRO C 371 16.58 -41.78 44.20
C PRO C 371 17.20 -41.47 42.83
N VAL C 372 17.93 -40.35 42.74
CA VAL C 372 18.65 -40.01 41.52
C VAL C 372 20.08 -39.58 41.84
N PRO C 373 21.06 -40.24 41.22
CA PRO C 373 22.47 -39.89 41.48
C PRO C 373 22.84 -38.51 40.93
N PHE C 374 23.63 -37.78 41.70
CA PHE C 374 24.03 -36.43 41.34
C PHE C 374 25.48 -36.16 41.74
N ILE C 375 26.01 -35.03 41.27
CA ILE C 375 27.37 -34.62 41.63
C ILE C 375 27.43 -33.14 41.99
N LEU C 376 27.84 -32.85 43.21
CA LEU C 376 27.95 -31.47 43.68
C LEU C 376 29.34 -30.89 43.46
N ILE C 377 29.40 -29.79 42.73
CA ILE C 377 30.67 -29.10 42.48
C ILE C 377 30.65 -27.73 43.12
N ASP C 378 31.76 -27.35 43.76
CA ASP C 378 31.84 -26.08 44.47
C ASP C 378 33.28 -25.59 44.56
N ARG C 379 33.44 -24.31 44.90
CA ARG C 379 34.77 -23.73 45.05
C ARG C 379 35.32 -23.94 46.45
N GLN C 380 34.47 -23.79 47.46
CA GLN C 380 34.90 -23.93 48.84
C GLN C 380 34.07 -24.96 49.61
N GLU C 381 34.45 -25.19 50.86
CA GLU C 381 33.73 -26.10 51.74
C GLU C 381 32.53 -25.39 52.36
N SER C 382 31.35 -26.01 52.27
CA SER C 382 30.14 -25.44 52.84
C SER C 382 30.25 -25.34 54.36
N PRO C 383 30.08 -24.11 54.90
CA PRO C 383 30.20 -23.86 56.34
C PRO C 383 28.96 -24.28 57.11
N VAL C 384 27.95 -24.80 56.43
CA VAL C 384 26.72 -25.20 57.09
C VAL C 384 26.30 -26.63 56.80
N CYS C 385 26.95 -27.28 55.84
CA CYS C 385 26.55 -28.62 55.42
C CYS C 385 27.68 -29.64 55.49
N ASN C 386 27.42 -30.72 56.22
CA ASN C 386 28.37 -31.82 56.33
C ASN C 386 27.73 -33.15 55.97
N ASP C 387 26.67 -33.11 55.17
CA ASP C 387 25.92 -34.32 54.81
C ASP C 387 26.08 -34.69 53.34
N HIS C 388 26.52 -33.74 52.52
CA HIS C 388 26.69 -33.98 51.09
C HIS C 388 28.18 -34.01 50.70
N VAL C 389 28.52 -34.90 49.77
CA VAL C 389 29.89 -34.99 49.28
C VAL C 389 30.08 -34.07 48.08
N VAL C 390 31.08 -33.20 48.16
CA VAL C 390 31.28 -32.18 47.14
C VAL C 390 32.61 -32.33 46.39
N VAL C 391 32.55 -32.23 45.06
CA VAL C 391 33.76 -32.18 44.25
C VAL C 391 34.25 -30.74 44.20
N TYR C 392 35.42 -30.49 44.79
CA TYR C 392 35.92 -29.12 44.89
C TYR C 392 36.70 -28.68 43.66
N GLY C 393 36.35 -27.51 43.14
CA GLY C 393 37.00 -26.96 41.96
C GLY C 393 36.21 -25.80 41.38
N ASP C 394 36.89 -24.94 40.64
CA ASP C 394 36.24 -23.81 39.98
C ASP C 394 35.63 -24.27 38.67
N ALA C 395 34.31 -24.21 38.58
CA ALA C 395 33.58 -24.71 37.41
C ALA C 395 33.90 -23.91 36.16
N THR C 396 34.42 -22.70 36.35
CA THR C 396 34.77 -21.81 35.24
C THR C 396 36.12 -22.18 34.63
N VAL C 397 37.07 -22.51 35.51
CA VAL C 397 38.46 -22.72 35.09
C VAL C 397 38.80 -24.16 34.74
N GLY C 398 39.34 -24.36 33.54
CA GLY C 398 39.91 -25.64 33.14
C GLY C 398 38.90 -26.75 32.93
N GLN C 399 39.39 -27.99 32.94
CA GLN C 399 38.56 -29.16 32.71
C GLN C 399 37.98 -29.69 34.02
N THR C 400 37.73 -28.79 34.97
CA THR C 400 37.19 -29.19 36.26
C THR C 400 35.82 -29.87 36.13
N LEU C 401 35.13 -29.57 35.03
CA LEU C 401 33.85 -30.22 34.73
C LEU C 401 34.07 -31.55 34.02
N ARG C 402 34.92 -31.54 33.00
CA ARG C 402 35.22 -32.76 32.25
C ARG C 402 35.85 -33.82 33.14
N GLN C 403 36.75 -33.40 34.03
CA GLN C 403 37.41 -34.32 34.95
C GLN C 403 36.46 -34.80 36.05
N ALA C 404 35.28 -34.19 36.10
CA ALA C 404 34.25 -34.63 37.04
C ALA C 404 33.27 -35.56 36.33
N GLY C 405 33.47 -35.75 35.04
CA GLY C 405 32.64 -36.63 34.25
C GLY C 405 31.34 -35.96 33.81
N ILE C 406 31.45 -34.73 33.32
CA ILE C 406 30.30 -33.97 32.85
C ILE C 406 29.75 -34.59 31.56
N ASP C 407 30.56 -35.42 30.92
CA ASP C 407 30.22 -36.03 29.65
C ASP C 407 29.09 -37.06 29.79
N ARG C 408 29.05 -37.73 30.94
CA ARG C 408 28.05 -38.77 31.17
C ARG C 408 26.84 -38.24 31.95
N ALA C 409 26.68 -36.93 31.96
CA ALA C 409 25.57 -36.30 32.66
C ALA C 409 24.28 -36.36 31.83
N SER C 410 23.15 -36.36 32.52
CA SER C 410 21.85 -36.35 31.87
C SER C 410 21.24 -34.95 31.97
N GLY C 411 21.55 -34.27 33.07
CA GLY C 411 21.06 -32.92 33.29
C GLY C 411 21.97 -32.11 34.18
N ILE C 412 21.98 -30.80 34.00
CA ILE C 412 22.80 -29.91 34.81
C ILE C 412 21.94 -28.89 35.55
N ILE C 413 22.31 -28.61 36.80
CA ILE C 413 21.70 -27.51 37.54
C ILE C 413 22.73 -26.42 37.77
N VAL C 414 22.60 -25.31 37.04
CA VAL C 414 23.53 -24.20 37.16
C VAL C 414 23.07 -23.21 38.21
N THR C 415 23.50 -23.42 39.45
CA THR C 415 23.03 -22.60 40.57
C THR C 415 24.16 -21.91 41.34
N THR C 416 24.45 -20.68 40.93
CA THR C 416 25.49 -19.85 41.54
C THR C 416 24.90 -18.50 41.91
N ASN C 417 25.39 -17.90 42.99
CA ASN C 417 24.95 -16.58 43.42
C ASN C 417 25.19 -15.49 42.38
N ASP C 418 26.02 -15.79 41.39
CA ASP C 418 26.27 -14.86 40.29
C ASP C 418 25.71 -15.45 39.00
N ASP C 419 24.66 -14.82 38.47
CA ASP C 419 24.00 -15.32 37.26
C ASP C 419 24.70 -14.89 35.98
N SER C 420 25.66 -14.00 36.09
CA SER C 420 26.50 -13.64 34.96
C SER C 420 27.41 -14.82 34.67
N THR C 421 27.71 -15.58 35.72
CA THR C 421 28.48 -16.81 35.63
C THR C 421 27.58 -17.96 35.19
N ASN C 422 26.34 -17.96 35.68
CA ASN C 422 25.35 -18.95 35.27
C ASN C 422 25.09 -18.92 33.77
N ILE C 423 25.02 -17.71 33.22
CA ILE C 423 24.86 -17.52 31.79
C ILE C 423 26.07 -18.10 31.05
N PHE C 424 27.26 -17.77 31.53
CA PHE C 424 28.50 -18.24 30.91
C PHE C 424 28.62 -19.77 30.95
N LEU C 425 28.13 -20.38 32.03
CA LEU C 425 28.15 -21.83 32.16
C LEU C 425 27.07 -22.47 31.30
N THR C 426 25.91 -21.85 31.26
CA THR C 426 24.80 -22.34 30.44
C THR C 426 25.18 -22.30 28.97
N LEU C 427 25.84 -21.21 28.57
CA LEU C 427 26.29 -21.04 27.20
C LEU C 427 27.31 -22.11 26.83
N ALA C 428 28.21 -22.41 27.76
CA ALA C 428 29.27 -23.38 27.51
C ALA C 428 28.74 -24.81 27.44
N CYS C 429 27.87 -25.16 28.37
CA CYS C 429 27.35 -26.52 28.45
C CYS C 429 26.49 -26.86 27.24
N ARG C 430 25.71 -25.89 26.78
CA ARG C 430 24.84 -26.11 25.62
C ARG C 430 25.68 -26.22 24.35
N HIS C 431 26.83 -25.57 24.34
CA HIS C 431 27.70 -25.59 23.16
C HIS C 431 28.42 -26.93 23.02
N LEU C 432 28.83 -27.48 24.15
CA LEU C 432 29.61 -28.72 24.16
C LEU C 432 28.72 -29.96 24.27
N HIS C 433 27.54 -29.79 24.85
CA HIS C 433 26.61 -30.90 25.01
C HIS C 433 25.19 -30.46 24.70
N SER C 434 24.78 -30.61 23.44
CA SER C 434 23.49 -30.12 22.98
C SER C 434 22.34 -31.08 23.30
N HIS C 435 22.63 -32.13 24.04
CA HIS C 435 21.62 -33.13 24.36
C HIS C 435 21.12 -33.03 25.80
N ILE C 436 22.05 -32.79 26.72
CA ILE C 436 21.73 -32.78 28.15
C ILE C 436 20.77 -31.65 28.51
N ARG C 437 20.06 -31.85 29.62
CA ARG C 437 19.05 -30.90 30.08
C ARG C 437 19.62 -29.87 31.03
N ILE C 438 19.51 -28.60 30.66
CA ILE C 438 20.06 -27.52 31.46
C ILE C 438 18.98 -26.76 32.24
N VAL C 439 19.10 -26.75 33.55
CA VAL C 439 18.20 -25.99 34.41
C VAL C 439 18.99 -24.91 35.13
N ALA C 440 18.69 -23.66 34.84
CA ALA C 440 19.46 -22.54 35.38
C ALA C 440 18.73 -21.81 36.49
N ARG C 441 19.49 -21.08 37.30
CA ARG C 441 18.93 -20.26 38.36
C ARG C 441 19.30 -18.79 38.15
N ALA C 442 18.30 -17.92 38.22
CA ALA C 442 18.53 -16.48 38.05
C ALA C 442 18.35 -15.74 39.36
N ASN C 443 19.43 -15.12 39.84
CA ASN C 443 19.37 -14.33 41.07
C ASN C 443 18.64 -13.02 40.81
N GLY C 444 18.92 -12.42 39.66
CA GLY C 444 18.22 -11.23 39.23
C GLY C 444 17.29 -11.55 38.09
N GLU C 445 16.06 -11.06 38.17
CA GLU C 445 15.06 -11.35 37.14
C GLU C 445 15.35 -10.62 35.83
N GLU C 446 16.32 -9.71 35.88
CA GLU C 446 16.76 -9.02 34.67
C GLU C 446 17.75 -9.90 33.90
N ASN C 447 18.03 -11.08 34.43
CA ASN C 447 18.94 -12.03 33.79
C ASN C 447 18.24 -13.28 33.29
N VAL C 448 16.94 -13.38 33.52
CA VAL C 448 16.17 -14.57 33.17
C VAL C 448 16.13 -14.84 31.66
N ASP C 449 15.84 -13.79 30.89
CA ASP C 449 15.72 -13.91 29.45
C ASP C 449 17.03 -14.31 28.79
N GLN C 450 18.15 -13.98 29.41
CA GLN C 450 19.45 -14.28 28.83
C GLN C 450 19.91 -15.68 29.17
N LEU C 451 19.32 -16.27 30.20
CA LEU C 451 19.63 -17.64 30.57
C LEU C 451 18.99 -18.62 29.58
N TYR C 452 17.76 -18.32 29.18
CA TYR C 452 17.10 -19.09 28.14
C TYR C 452 17.83 -18.93 26.82
N ALA C 453 18.21 -17.70 26.51
CA ALA C 453 18.94 -17.39 25.29
C ALA C 453 20.26 -18.12 25.25
N ALA C 454 20.88 -18.27 26.42
CA ALA C 454 22.16 -18.97 26.54
C ALA C 454 22.00 -20.43 26.19
N GLY C 455 20.85 -21.01 26.55
CA GLY C 455 20.56 -22.38 26.20
C GLY C 455 19.88 -23.18 27.30
N ALA C 456 19.41 -22.50 28.33
CA ALA C 456 18.73 -23.19 29.43
C ALA C 456 17.37 -23.71 28.98
N ASP C 457 17.07 -24.95 29.36
CA ASP C 457 15.78 -25.56 29.05
C ASP C 457 14.70 -24.96 29.95
N PHE C 458 15.08 -24.62 31.17
CA PHE C 458 14.20 -23.91 32.09
C PHE C 458 15.00 -22.99 33.00
N VAL C 459 14.36 -21.92 33.48
CA VAL C 459 15.00 -20.98 34.39
C VAL C 459 14.14 -20.72 35.61
N VAL C 460 14.69 -20.98 36.79
CA VAL C 460 14.02 -20.63 38.05
C VAL C 460 14.49 -19.26 38.50
N SER C 461 13.58 -18.29 38.48
CA SER C 461 13.90 -16.94 38.91
C SER C 461 13.64 -16.77 40.40
N ASN C 462 14.71 -16.64 41.17
CA ASN C 462 14.60 -16.47 42.62
C ASN C 462 13.66 -15.33 43.00
N ALA C 463 13.87 -14.19 42.36
CA ALA C 463 13.10 -12.98 42.63
C ALA C 463 11.59 -13.21 42.50
N SER C 464 11.17 -13.65 41.31
CA SER C 464 9.75 -13.83 41.03
C SER C 464 9.12 -14.93 41.87
N VAL C 465 9.85 -16.01 42.08
CA VAL C 465 9.37 -17.11 42.92
C VAL C 465 9.15 -16.64 44.35
N GLY C 466 10.14 -15.96 44.91
CA GLY C 466 10.06 -15.45 46.25
C GLY C 466 8.96 -14.42 46.41
N ALA C 467 8.82 -13.55 45.43
CA ALA C 467 7.79 -12.51 45.46
C ALA C 467 6.39 -13.11 45.42
N ASN C 468 6.21 -14.13 44.59
CA ASN C 468 4.93 -14.82 44.48
C ASN C 468 4.46 -15.41 45.80
N ILE C 469 5.37 -16.06 46.51
CA ILE C 469 5.06 -16.70 47.78
C ILE C 469 4.72 -15.68 48.86
N LEU C 470 5.63 -14.73 49.07
CA LEU C 470 5.42 -13.66 50.04
C LEU C 470 4.19 -12.83 49.66
N GLY C 471 4.04 -12.58 48.37
CA GLY C 471 2.92 -11.82 47.86
C GLY C 471 1.59 -12.49 48.15
N ASN C 472 1.50 -13.78 47.83
CA ASN C 472 0.27 -14.53 48.05
C ASN C 472 -0.04 -14.73 49.53
N LEU C 473 0.99 -14.67 50.36
CA LEU C 473 0.80 -14.79 51.81
C LEU C 473 0.38 -13.48 52.45
N LEU C 474 0.73 -12.37 51.80
CA LEU C 474 0.37 -11.05 52.29
C LEU C 474 -1.09 -10.72 51.99
N GLU C 475 -1.52 -10.98 50.76
CA GLU C 475 -2.89 -10.69 50.35
C GLU C 475 -3.87 -11.68 50.97
N HIS C 476 -3.40 -12.89 51.25
CA HIS C 476 -4.22 -13.88 51.95
C HIS C 476 -3.92 -13.85 53.44
N LYS C 477 -3.78 -12.65 53.98
CA LYS C 477 -3.51 -12.44 55.40
C LYS C 477 -4.59 -13.08 56.28
N GLU C 478 -5.79 -13.22 55.73
CA GLU C 478 -6.90 -13.82 56.46
C GLU C 478 -7.12 -15.27 56.02
N SER C 479 -6.81 -15.55 54.75
CA SER C 479 -7.09 -16.87 54.18
C SER C 479 -5.94 -17.86 54.39
N ALA C 480 -4.71 -17.43 54.11
CA ALA C 480 -3.56 -18.33 54.17
C ALA C 480 -3.25 -18.79 55.59
N PHE C 481 -3.09 -17.84 56.52
CA PHE C 481 -2.75 -18.16 57.90
C PHE C 481 -3.83 -18.98 58.59
N LEU C 482 -5.08 -18.76 58.19
CA LEU C 482 -6.19 -19.53 58.73
C LEU C 482 -6.23 -20.92 58.09
N SER C 483 -5.73 -21.03 56.87
CA SER C 483 -5.64 -22.31 56.19
C SER C 483 -4.56 -23.18 56.82
N GLU C 484 -3.61 -22.54 57.50
CA GLU C 484 -2.55 -23.25 58.21
C GLU C 484 -3.12 -24.07 59.35
N GLY C 485 -3.13 -25.39 59.18
CA GLY C 485 -3.69 -26.30 60.17
C GLY C 485 -5.07 -26.78 59.76
N MET C 486 -5.40 -26.62 58.48
CA MET C 486 -6.69 -27.05 57.96
C MET C 486 -6.56 -28.13 56.90
N ALA C 487 -7.70 -28.60 56.41
CA ALA C 487 -7.73 -29.71 55.46
C ALA C 487 -8.30 -29.30 54.10
N VAL C 488 -7.81 -29.95 53.05
CA VAL C 488 -8.37 -29.82 51.72
C VAL C 488 -8.87 -31.18 51.27
N PHE C 489 -10.16 -31.26 50.93
CA PHE C 489 -10.77 -32.55 50.62
C PHE C 489 -11.69 -32.48 49.40
N ARG C 490 -12.06 -33.65 48.88
CA ARG C 490 -12.80 -33.73 47.64
C ARG C 490 -14.06 -34.60 47.78
N ARG C 491 -15.22 -33.98 47.61
CA ARG C 491 -16.49 -34.66 47.79
C ARG C 491 -17.36 -34.63 46.54
N PRO C 492 -18.11 -35.72 46.31
CA PRO C 492 -19.09 -35.74 45.21
C PRO C 492 -20.32 -34.91 45.56
N LEU C 493 -20.73 -34.04 44.65
CA LEU C 493 -21.89 -33.16 44.86
C LEU C 493 -23.14 -33.98 45.19
N PRO C 494 -23.67 -33.81 46.41
CA PRO C 494 -24.89 -34.51 46.84
C PRO C 494 -26.06 -34.17 45.94
N PRO C 495 -26.81 -35.21 45.49
CA PRO C 495 -27.92 -35.08 44.55
C PRO C 495 -28.95 -34.01 44.94
N ALA C 496 -29.11 -33.77 46.23
CA ALA C 496 -30.08 -32.79 46.71
C ALA C 496 -29.51 -31.37 46.72
N MET C 497 -28.33 -31.20 46.14
CA MET C 497 -27.69 -29.89 46.07
C MET C 497 -27.78 -29.33 44.64
N ALA C 498 -28.15 -30.20 43.70
CA ALA C 498 -28.21 -29.82 42.29
C ALA C 498 -29.35 -28.85 41.99
N GLY C 499 -29.05 -27.79 41.26
CA GLY C 499 -30.04 -26.80 40.89
C GLY C 499 -30.12 -25.65 41.88
N LYS C 500 -29.43 -25.80 43.01
CA LYS C 500 -29.45 -24.79 44.05
C LYS C 500 -28.14 -23.98 44.07
N THR C 501 -28.25 -22.72 44.48
CA THR C 501 -27.09 -21.84 44.55
C THR C 501 -26.33 -22.09 45.86
N ILE C 502 -25.03 -21.82 45.85
CA ILE C 502 -24.17 -22.09 46.99
C ILE C 502 -24.67 -21.39 48.27
N ALA C 503 -25.25 -20.22 48.11
CA ALA C 503 -25.79 -19.46 49.22
C ALA C 503 -27.14 -20.01 49.67
N GLU C 504 -27.90 -20.58 48.73
CA GLU C 504 -29.22 -21.14 49.04
C GLU C 504 -29.12 -22.38 49.91
N THR C 505 -28.18 -23.26 49.58
CA THR C 505 -27.99 -24.48 50.35
C THR C 505 -27.35 -24.18 51.70
N ARG C 506 -26.75 -22.98 51.81
CA ARG C 506 -26.08 -22.56 53.05
C ARG C 506 -25.06 -23.60 53.51
N LEU C 507 -24.11 -23.91 52.64
CA LEU C 507 -23.09 -24.91 52.93
C LEU C 507 -22.16 -24.42 54.03
N ARG C 508 -21.72 -23.18 53.90
CA ARG C 508 -20.80 -22.58 54.87
C ARG C 508 -21.36 -22.44 56.30
N PRO C 509 -22.60 -21.95 56.46
CA PRO C 509 -23.17 -21.87 57.81
C PRO C 509 -23.17 -23.18 58.60
N LEU C 510 -23.79 -24.23 58.06
CA LEU C 510 -23.97 -25.47 58.79
C LEU C 510 -22.68 -26.26 59.00
N THR C 511 -22.05 -26.67 57.91
CA THR C 511 -20.88 -27.54 57.97
C THR C 511 -19.61 -26.78 58.36
N GLY C 512 -19.47 -25.56 57.85
CA GLY C 512 -18.31 -24.73 58.15
C GLY C 512 -17.28 -24.74 57.04
N CYS C 513 -17.42 -25.67 56.10
CA CYS C 513 -16.46 -25.80 55.01
C CYS C 513 -16.67 -24.72 53.95
N SER C 514 -15.73 -24.60 53.03
CA SER C 514 -15.79 -23.59 51.97
C SER C 514 -15.43 -24.17 50.61
N ILE C 515 -16.30 -23.94 49.63
CA ILE C 515 -16.07 -24.43 48.28
C ILE C 515 -14.95 -23.65 47.59
N VAL C 516 -14.03 -24.39 46.96
CA VAL C 516 -12.88 -23.78 46.31
C VAL C 516 -12.86 -24.10 44.82
N ALA C 517 -13.31 -25.30 44.45
CA ALA C 517 -13.30 -25.73 43.07
C ALA C 517 -14.45 -26.67 42.72
N ILE C 518 -15.07 -26.45 41.56
CA ILE C 518 -16.14 -27.32 41.07
C ILE C 518 -15.74 -27.93 39.74
N GLU C 519 -16.02 -29.22 39.56
CA GLU C 519 -15.71 -29.92 38.32
C GLU C 519 -16.95 -30.57 37.71
N ALA C 520 -17.03 -30.50 36.38
CA ALA C 520 -18.14 -31.11 35.66
C ALA C 520 -17.88 -32.59 35.40
N PRO C 521 -18.93 -33.38 35.14
CA PRO C 521 -18.78 -34.81 34.88
C PRO C 521 -17.82 -35.16 33.74
N ASP C 522 -18.04 -34.59 32.55
CA ASP C 522 -17.25 -34.96 31.38
C ASP C 522 -16.40 -33.82 30.83
N ARG C 523 -16.14 -32.81 31.66
CA ARG C 523 -15.38 -31.66 31.19
C ARG C 523 -14.00 -31.56 31.84
N ALA C 524 -13.00 -31.25 31.03
CA ALA C 524 -11.62 -31.18 31.50
C ALA C 524 -11.30 -29.86 32.19
N ASP C 525 -12.27 -28.94 32.22
CA ASP C 525 -12.08 -27.66 32.87
C ASP C 525 -12.54 -27.67 34.33
N ILE C 526 -12.18 -26.62 35.05
CA ILE C 526 -12.48 -26.53 36.49
C ILE C 526 -12.84 -25.10 36.85
N LEU C 527 -13.69 -24.93 37.86
CA LEU C 527 -14.12 -23.61 38.32
C LEU C 527 -13.57 -23.28 39.70
N ILE C 528 -12.54 -22.44 39.74
CA ILE C 528 -11.90 -22.07 41.01
C ILE C 528 -12.60 -20.89 41.67
N SER C 529 -12.77 -20.97 42.99
CA SER C 529 -13.41 -19.93 43.79
C SER C 529 -14.77 -19.51 43.24
N PRO C 530 -15.76 -20.41 43.33
CA PRO C 530 -17.10 -20.10 42.83
C PRO C 530 -17.82 -19.10 43.72
N PRO C 531 -18.37 -18.03 43.11
CA PRO C 531 -19.15 -17.02 43.83
C PRO C 531 -20.36 -17.63 44.53
N PRO C 532 -20.86 -17.00 45.60
CA PRO C 532 -21.95 -17.54 46.42
C PRO C 532 -23.23 -17.81 45.64
N GLU C 533 -23.41 -17.14 44.51
CA GLU C 533 -24.60 -17.33 43.69
C GLU C 533 -24.34 -18.23 42.48
N THR C 534 -23.49 -19.23 42.67
CA THR C 534 -23.18 -20.19 41.63
C THR C 534 -24.18 -21.34 41.63
N ILE C 535 -24.77 -21.62 40.47
CA ILE C 535 -25.70 -22.73 40.33
C ILE C 535 -24.96 -24.05 40.20
N LEU C 536 -25.20 -24.95 41.14
CA LEU C 536 -24.57 -26.26 41.14
C LEU C 536 -25.14 -27.14 40.04
N ALA C 537 -24.44 -28.22 39.70
CA ALA C 537 -24.87 -29.11 38.63
C ALA C 537 -24.86 -30.57 39.06
N GLU C 538 -25.35 -31.44 38.19
CA GLU C 538 -25.38 -32.88 38.45
C GLU C 538 -24.03 -33.51 38.13
N GLY C 539 -23.63 -34.48 38.95
CA GLY C 539 -22.38 -35.19 38.74
C GLY C 539 -21.17 -34.31 38.95
N ALA C 540 -21.34 -33.24 39.73
CA ALA C 540 -20.27 -32.30 39.99
C ALA C 540 -19.32 -32.82 41.05
N ARG C 541 -18.04 -32.47 40.91
CA ARG C 541 -17.03 -32.86 41.88
C ARG C 541 -16.54 -31.61 42.61
N LEU C 542 -16.72 -31.59 43.93
CA LEU C 542 -16.36 -30.43 44.73
C LEU C 542 -15.02 -30.60 45.42
N ILE C 543 -14.26 -29.51 45.51
CA ILE C 543 -13.03 -29.49 46.28
C ILE C 543 -13.15 -28.40 47.35
N LEU C 544 -13.22 -28.83 48.62
CA LEU C 544 -13.52 -27.92 49.72
C LEU C 544 -12.32 -27.67 50.64
N ILE C 545 -12.42 -26.63 51.45
CA ILE C 545 -11.39 -26.30 52.42
C ILE C 545 -12.00 -25.91 53.77
N GLY C 546 -11.55 -26.58 54.83
CA GLY C 546 -12.04 -26.31 56.16
C GLY C 546 -11.18 -26.99 57.21
N THR C 547 -11.57 -26.87 58.47
CA THR C 547 -10.83 -27.51 59.56
C THR C 547 -10.98 -29.02 59.47
N SER C 548 -10.04 -29.74 60.07
CA SER C 548 -10.05 -31.20 60.05
C SER C 548 -11.37 -31.74 60.61
N GLU C 549 -11.74 -31.30 61.81
CA GLU C 549 -12.99 -31.74 62.42
C GLU C 549 -14.20 -31.32 61.59
N GLN C 550 -14.18 -30.10 61.07
CA GLN C 550 -15.24 -29.59 60.22
C GLN C 550 -15.43 -30.43 58.97
N GLU C 551 -14.34 -31.02 58.49
CA GLU C 551 -14.36 -31.90 57.34
C GLU C 551 -15.23 -33.11 57.60
N LYS C 552 -15.01 -33.76 58.74
CA LYS C 552 -15.72 -34.99 59.08
C LYS C 552 -17.19 -34.77 59.42
N THR C 553 -17.53 -33.61 59.98
CA THR C 553 -18.92 -33.30 60.31
C THR C 553 -19.73 -32.96 59.06
N PHE C 554 -19.02 -32.49 58.03
CA PHE C 554 -19.62 -32.15 56.75
C PHE C 554 -20.40 -33.33 56.17
N ASP C 555 -19.78 -34.51 56.24
CA ASP C 555 -20.32 -35.71 55.61
C ASP C 555 -21.62 -36.21 56.25
N GLN C 556 -21.92 -35.74 57.45
CA GLN C 556 -23.14 -36.16 58.13
C GLN C 556 -24.13 -35.02 58.32
N THR C 557 -23.69 -33.80 58.09
CA THR C 557 -24.61 -32.66 58.04
C THR C 557 -25.42 -32.77 56.75
N ILE C 558 -24.77 -33.26 55.71
CA ILE C 558 -25.42 -33.49 54.43
C ILE C 558 -26.34 -34.71 54.50
N ALA C 559 -26.00 -35.67 55.35
CA ALA C 559 -26.82 -36.86 55.55
C ALA C 559 -28.08 -36.52 56.33
N ALA C 560 -27.97 -35.57 57.26
CA ALA C 560 -29.10 -35.13 58.05
C ALA C 560 -30.08 -34.34 57.19
N ARG C 561 -29.56 -33.33 56.49
CA ARG C 561 -30.37 -32.51 55.61
C ARG C 561 -29.50 -31.84 54.54
N GLN D 15 17.69 24.72 28.66
CA GLN D 15 16.24 24.80 28.42
C GLN D 15 15.61 25.90 29.25
N ASN D 16 16.21 26.18 30.41
CA ASN D 16 15.68 27.16 31.35
C ASN D 16 15.29 28.52 30.75
N LEU D 17 16.05 28.95 29.74
CA LEU D 17 15.85 30.23 29.09
C LEU D 17 14.42 30.42 28.54
N LYS D 18 13.79 29.31 28.17
CA LYS D 18 12.44 29.36 27.59
C LYS D 18 11.45 30.09 28.48
N VAL D 19 11.46 29.76 29.77
CA VAL D 19 10.60 30.43 30.73
C VAL D 19 11.03 31.89 30.92
N LEU D 20 12.34 32.13 30.86
CA LEU D 20 12.89 33.47 30.98
C LEU D 20 12.40 34.40 29.86
N LEU D 21 12.55 33.96 28.62
CA LEU D 21 12.09 34.76 27.48
C LEU D 21 10.56 34.86 27.50
N LEU D 22 9.91 33.82 28.01
CA LEU D 22 8.46 33.82 28.19
C LEU D 22 8.08 34.88 29.22
N TYR D 23 8.87 34.95 30.28
CA TYR D 23 8.58 35.87 31.37
C TYR D 23 8.75 37.31 30.92
N CYS D 24 9.78 37.56 30.12
CA CYS D 24 9.99 38.88 29.54
C CYS D 24 8.84 39.26 28.62
N ALA D 25 8.32 38.27 27.90
CA ALA D 25 7.18 38.48 27.02
C ALA D 25 5.90 38.71 27.82
N PHE D 26 5.81 38.06 28.97
CA PHE D 26 4.66 38.25 29.86
C PHE D 26 4.65 39.65 30.45
N LEU D 27 5.80 40.09 30.94
CA LEU D 27 5.94 41.43 31.50
C LEU D 27 5.66 42.50 30.45
N LEU D 28 6.09 42.24 29.22
CA LEU D 28 5.86 43.16 28.11
C LEU D 28 4.37 43.31 27.83
N VAL D 29 3.64 42.21 27.98
CA VAL D 29 2.19 42.25 27.84
C VAL D 29 1.58 43.01 29.02
N MET D 30 2.05 42.68 30.21
CA MET D 30 1.59 43.33 31.44
C MET D 30 1.84 44.84 31.38
N LEU D 31 2.98 45.22 30.82
CA LEU D 31 3.34 46.63 30.65
C LEU D 31 2.35 47.32 29.71
N LEU D 32 2.21 46.79 28.50
CA LEU D 32 1.35 47.39 27.48
C LEU D 32 -0.11 47.43 27.92
N ALA D 33 -0.52 46.42 28.69
CA ALA D 33 -1.88 46.38 29.21
C ALA D 33 -2.08 47.48 30.25
N TYR D 34 -1.17 47.53 31.22
CA TYR D 34 -1.25 48.52 32.29
C TYR D 34 -1.19 49.96 31.76
N ALA D 35 -0.35 50.18 30.77
CA ALA D 35 -0.22 51.50 30.15
C ALA D 35 -1.51 51.91 29.47
N SER D 36 -2.19 50.94 28.88
CA SER D 36 -3.44 51.20 28.17
C SER D 36 -4.58 51.49 29.12
N ILE D 37 -4.69 50.69 30.17
CA ILE D 37 -5.73 50.88 31.18
C ILE D 37 -5.53 52.23 31.86
N PHE D 38 -4.27 52.62 32.04
CA PHE D 38 -3.94 53.91 32.62
C PHE D 38 -4.54 55.05 31.81
N ARG D 39 -4.23 55.08 30.52
CA ARG D 39 -4.73 56.11 29.62
C ARG D 39 -6.26 56.08 29.56
N TYR D 40 -6.83 54.89 29.54
CA TYR D 40 -8.27 54.73 29.54
C TYR D 40 -8.87 55.29 30.83
N LEU D 41 -8.30 54.91 31.96
CA LEU D 41 -8.78 55.39 33.25
C LEU D 41 -8.54 56.88 33.43
N MET D 42 -7.38 57.35 32.96
CA MET D 42 -7.07 58.78 33.04
C MET D 42 -8.10 59.61 32.28
N TRP D 43 -8.62 59.07 31.19
CA TRP D 43 -9.61 59.77 30.40
C TRP D 43 -11.01 59.67 31.01
N HIS D 44 -11.52 58.46 31.18
CA HIS D 44 -12.89 58.26 31.62
C HIS D 44 -13.14 58.57 33.10
N LEU D 45 -12.08 58.77 33.87
CA LEU D 45 -12.24 59.08 35.30
C LEU D 45 -11.86 60.51 35.65
N GLU D 46 -10.84 61.04 34.97
CA GLU D 46 -10.32 62.35 35.31
C GLU D 46 -10.45 63.35 34.16
N GLY D 47 -10.49 62.85 32.94
CA GLY D 47 -10.62 63.70 31.77
C GLY D 47 -9.28 64.20 31.26
N ARG D 48 -8.22 63.45 31.56
CA ARG D 48 -6.89 63.81 31.09
C ARG D 48 -6.51 62.96 29.89
N ALA D 49 -6.00 63.62 28.85
CA ALA D 49 -5.52 62.90 27.67
C ALA D 49 -4.03 62.67 27.79
N TYR D 50 -3.62 61.41 27.89
CA TYR D 50 -2.21 61.05 27.94
C TYR D 50 -1.79 60.26 26.70
N SER D 51 -0.56 60.50 26.25
CA SER D 51 -0.01 59.81 25.09
C SER D 51 0.33 58.38 25.43
N PHE D 52 0.55 57.56 24.41
CA PHE D 52 0.93 56.17 24.61
C PHE D 52 2.26 56.07 25.35
N MET D 53 3.20 56.92 24.98
CA MET D 53 4.52 56.93 25.60
C MET D 53 4.41 57.32 27.07
N ALA D 54 3.45 58.18 27.39
CA ALA D 54 3.23 58.60 28.77
C ALA D 54 2.77 57.43 29.63
N GLY D 55 1.93 56.58 29.06
CA GLY D 55 1.41 55.41 29.77
C GLY D 55 2.51 54.42 30.09
N ILE D 56 3.37 54.14 29.12
CA ILE D 56 4.53 53.28 29.31
C ILE D 56 5.43 53.88 30.38
N TYR D 57 5.69 55.18 30.23
CA TYR D 57 6.53 55.92 31.18
C TYR D 57 5.99 55.83 32.60
N TRP D 58 4.69 55.99 32.76
CA TRP D 58 4.07 55.93 34.08
C TRP D 58 4.12 54.52 34.66
N THR D 59 3.76 53.54 33.85
CA THR D 59 3.72 52.15 34.30
C THR D 59 5.08 51.68 34.78
N ILE D 60 6.11 51.90 33.98
CA ILE D 60 7.48 51.56 34.36
C ILE D 60 7.83 52.22 35.67
N THR D 61 7.56 53.52 35.75
CA THR D 61 7.83 54.33 36.93
C THR D 61 7.21 53.77 38.22
N VAL D 62 6.04 53.15 38.09
CA VAL D 62 5.36 52.58 39.25
C VAL D 62 5.85 51.18 39.61
N MET D 63 5.92 50.30 38.62
CA MET D 63 6.33 48.91 38.86
C MET D 63 7.78 48.81 39.35
N THR D 64 8.61 49.73 38.88
CA THR D 64 10.01 49.77 39.31
C THR D 64 10.11 50.49 40.65
N THR D 65 8.96 50.98 41.12
CA THR D 65 8.85 51.78 42.33
C THR D 65 9.70 53.05 42.35
N LEU D 66 10.02 53.62 41.19
CA LEU D 66 10.65 54.93 41.17
C LEU D 66 9.64 55.96 41.68
N GLY D 67 8.52 56.13 40.98
CA GLY D 67 7.46 57.00 41.47
C GLY D 67 7.78 58.50 41.52
N PHE D 68 8.13 59.11 40.40
CA PHE D 68 8.36 60.56 40.36
C PHE D 68 7.20 61.37 40.94
N GLY D 69 5.98 60.84 40.86
CA GLY D 69 4.81 61.56 41.32
C GLY D 69 4.35 62.70 40.41
N ASP D 70 5.07 62.94 39.32
CA ASP D 70 4.68 64.00 38.38
C ASP D 70 3.34 63.69 37.71
N ILE D 71 3.01 62.41 37.62
CA ILE D 71 1.71 61.98 37.10
C ILE D 71 1.03 61.08 38.13
N THR D 72 -0.03 61.59 38.75
CA THR D 72 -0.76 60.84 39.77
C THR D 72 -2.27 61.04 39.65
N PHE D 73 -3.02 59.98 39.90
CA PHE D 73 -4.48 60.08 39.95
C PHE D 73 -4.92 60.94 41.13
N GLU D 74 -6.15 61.44 41.06
CA GLU D 74 -6.72 62.26 42.13
C GLU D 74 -8.00 61.65 42.66
N SER D 75 -8.46 60.59 42.00
CA SER D 75 -9.70 59.92 42.37
C SER D 75 -9.43 58.60 43.09
N ASP D 76 -10.46 58.09 43.77
CA ASP D 76 -10.34 56.83 44.50
C ASP D 76 -10.10 55.65 43.57
N ALA D 77 -10.88 55.58 42.49
CA ALA D 77 -10.74 54.50 41.52
C ALA D 77 -9.35 54.52 40.90
N GLY D 78 -8.79 55.72 40.77
CA GLY D 78 -7.43 55.87 40.26
C GLY D 78 -6.42 55.38 41.29
N TYR D 79 -6.72 55.64 42.57
CA TYR D 79 -5.87 55.18 43.65
C TYR D 79 -5.81 53.65 43.69
N LEU D 80 -6.96 53.01 43.43
CA LEU D 80 -7.04 51.55 43.40
C LEU D 80 -6.15 50.99 42.30
N PHE D 81 -6.32 51.50 41.09
CA PHE D 81 -5.55 51.04 39.95
C PHE D 81 -4.05 51.25 40.16
N ALA D 82 -3.69 52.41 40.73
CA ALA D 82 -2.30 52.70 41.05
C ALA D 82 -1.76 51.71 42.05
N SER D 83 -2.58 51.35 43.04
CA SER D 83 -2.17 50.42 44.09
C SER D 83 -1.95 49.01 43.54
N ILE D 84 -2.82 48.59 42.62
CA ILE D 84 -2.68 47.29 41.99
C ILE D 84 -1.40 47.20 41.18
N VAL D 85 -1.12 48.22 40.39
CA VAL D 85 0.10 48.28 39.60
C VAL D 85 1.32 48.30 40.51
N THR D 86 1.16 48.92 41.67
CA THR D 86 2.22 49.00 42.67
C THR D 86 2.56 47.63 43.25
N VAL D 87 1.53 46.92 43.73
CA VAL D 87 1.71 45.58 44.27
C VAL D 87 2.21 44.62 43.19
N SER D 88 1.65 44.71 42.00
CA SER D 88 2.07 43.89 40.86
C SER D 88 3.54 44.09 40.53
N GLY D 89 4.02 45.32 40.71
CA GLY D 89 5.43 45.61 40.48
C GLY D 89 6.30 44.86 41.46
N VAL D 90 5.86 44.84 42.72
CA VAL D 90 6.60 44.15 43.77
C VAL D 90 6.58 42.64 43.57
N ILE D 91 5.39 42.08 43.31
CA ILE D 91 5.24 40.65 43.11
C ILE D 91 6.05 40.15 41.91
N PHE D 92 5.92 40.83 40.77
CA PHE D 92 6.50 40.33 39.53
C PHE D 92 7.93 40.80 39.24
N LEU D 93 8.45 41.71 40.06
CA LEU D 93 9.81 42.21 39.84
C LEU D 93 10.70 42.15 41.09
N ASP D 94 10.09 41.99 42.26
CA ASP D 94 10.84 41.93 43.51
C ASP D 94 10.61 40.63 44.27
N ILE D 95 9.80 39.74 43.70
CA ILE D 95 9.53 38.44 44.31
C ILE D 95 9.70 37.31 43.31
N ILE D 96 8.86 37.29 42.27
CA ILE D 96 8.90 36.21 41.30
C ILE D 96 10.20 36.18 40.50
N LEU D 97 10.67 37.35 40.08
CA LEU D 97 11.92 37.42 39.31
C LEU D 97 13.15 36.91 40.09
N PRO D 98 13.34 37.33 41.35
CA PRO D 98 14.46 36.75 42.09
C PRO D 98 14.23 35.28 42.50
N PHE D 99 13.07 34.98 43.08
CA PHE D 99 12.74 33.61 43.47
C PHE D 99 12.79 32.66 42.29
N GLY D 100 12.22 33.10 41.16
CA GLY D 100 12.22 32.30 39.95
C GLY D 100 13.64 31.98 39.51
N PHE D 101 14.50 32.99 39.56
CA PHE D 101 15.92 32.84 39.23
C PHE D 101 16.57 31.76 40.09
N VAL D 102 16.24 31.77 41.38
CA VAL D 102 16.80 30.82 42.34
C VAL D 102 16.50 29.37 41.94
N SER D 103 15.23 29.05 41.75
CA SER D 103 14.83 27.70 41.35
C SER D 103 15.30 27.38 39.94
N MET D 104 15.39 28.42 39.10
CA MET D 104 15.80 28.26 37.71
C MET D 104 17.31 28.05 37.59
N PHE D 105 18.08 28.83 38.35
CA PHE D 105 19.53 28.74 38.23
C PHE D 105 20.25 28.01 39.37
N LEU D 106 20.10 28.46 40.62
CA LEU D 106 20.85 27.83 41.70
C LEU D 106 20.44 26.37 41.94
N ALA D 107 19.14 26.09 41.96
CA ALA D 107 18.68 24.72 42.18
C ALA D 107 19.31 23.70 41.22
N PRO D 108 19.42 24.02 39.93
CA PRO D 108 20.22 23.10 39.11
C PRO D 108 21.72 23.31 39.37
N TRP D 109 22.10 24.50 39.79
CA TRP D 109 23.51 24.83 40.01
C TRP D 109 24.10 24.18 41.27
N ILE D 110 23.36 24.13 42.36
CA ILE D 110 23.88 23.42 43.53
C ILE D 110 23.95 21.92 43.27
N GLU D 111 22.94 21.37 42.59
CA GLU D 111 22.85 19.93 42.44
C GLU D 111 24.07 19.33 41.76
N ARG D 112 24.45 19.92 40.63
CA ARG D 112 25.54 19.38 39.82
C ARG D 112 26.91 19.71 40.40
N ARG D 113 27.04 20.88 41.00
CA ARG D 113 28.33 21.32 41.51
C ARG D 113 28.57 20.93 42.97
N LEU D 114 27.51 20.92 43.77
CA LEU D 114 27.64 20.57 45.18
C LEU D 114 27.55 19.08 45.45
N ARG D 115 26.80 18.36 44.62
CA ARG D 115 26.75 16.92 44.74
C ARG D 115 26.97 16.28 43.39
N TYR D 116 27.23 14.98 43.39
CA TYR D 116 27.40 14.26 42.14
C TYR D 116 26.11 13.54 41.77
N HIS D 117 25.43 14.06 40.75
CA HIS D 117 24.25 13.42 40.20
C HIS D 117 24.66 12.61 38.99
N PRO D 118 24.82 11.29 39.16
CA PRO D 118 25.29 10.42 38.08
C PRO D 118 24.30 10.34 36.93
N THR D 119 24.82 10.38 35.70
CA THR D 119 24.00 10.29 34.52
C THR D 119 23.48 8.86 34.35
N ILE D 120 22.17 8.69 34.44
CA ILE D 120 21.57 7.36 34.44
C ILE D 120 21.01 6.98 33.07
N GLU D 121 21.04 7.92 32.13
CA GLU D 121 20.44 7.70 30.81
C GLU D 121 21.06 8.62 29.76
N LEU D 122 20.70 8.42 28.50
CA LEU D 122 21.11 9.30 27.41
C LEU D 122 19.90 9.90 26.72
N PRO D 123 20.07 11.07 26.08
CA PRO D 123 19.00 11.71 25.32
C PRO D 123 18.45 10.79 24.23
N ASP D 124 17.17 10.92 23.91
CA ASP D 124 16.52 10.07 22.92
C ASP D 124 17.19 10.12 21.56
N ASP D 125 17.70 11.29 21.20
CA ASP D 125 18.24 11.52 19.86
C ASP D 125 19.68 11.03 19.67
N THR D 126 20.32 10.61 20.75
CA THR D 126 21.71 10.18 20.71
C THR D 126 21.94 9.06 19.69
N ARG D 127 22.91 9.25 18.82
CA ARG D 127 23.12 8.33 17.71
C ARG D 127 24.56 8.34 17.22
N GLY D 128 25.05 7.18 16.80
CA GLY D 128 26.39 7.06 16.25
C GLY D 128 27.47 7.15 17.30
N HIS D 129 27.15 6.70 18.52
CA HIS D 129 28.10 6.78 19.63
C HIS D 129 28.71 5.42 19.96
N ILE D 130 29.89 5.44 20.57
CA ILE D 130 30.62 4.23 20.92
C ILE D 130 30.51 3.92 22.42
N LEU D 131 29.94 2.76 22.74
CA LEU D 131 29.75 2.35 24.12
C LEU D 131 30.94 1.58 24.66
N ILE D 132 31.46 2.01 25.81
CA ILE D 132 32.59 1.35 26.43
C ILE D 132 32.19 0.72 27.77
N PHE D 133 32.28 -0.60 27.85
CA PHE D 133 31.97 -1.31 29.08
C PHE D 133 33.23 -1.88 29.72
N GLY D 134 33.64 -1.27 30.83
CA GLY D 134 34.85 -1.69 31.52
C GLY D 134 36.03 -0.81 31.17
N ILE D 135 36.16 0.30 31.88
CA ILE D 135 37.25 1.23 31.63
C ILE D 135 38.57 0.69 32.20
N ASP D 136 39.65 0.90 31.46
CA ASP D 136 40.98 0.44 31.84
C ASP D 136 42.01 1.11 30.93
N PRO D 137 43.31 1.05 31.27
CA PRO D 137 44.38 1.65 30.46
C PRO D 137 44.28 1.42 28.95
N ILE D 138 43.77 0.26 28.54
CA ILE D 138 43.60 -0.03 27.12
C ILE D 138 42.54 0.89 26.52
N THR D 139 41.37 0.92 27.16
CA THR D 139 40.24 1.69 26.65
C THR D 139 40.42 3.19 26.86
N ARG D 140 41.11 3.59 27.91
CA ARG D 140 41.41 5.01 28.14
C ARG D 140 42.31 5.55 27.04
N THR D 141 43.30 4.75 26.66
CA THR D 141 44.19 5.13 25.56
C THR D 141 43.42 5.14 24.24
N LEU D 142 42.51 4.18 24.08
CA LEU D 142 41.66 4.09 22.89
C LEU D 142 40.83 5.36 22.71
N ILE D 143 40.34 5.92 23.81
CA ILE D 143 39.55 7.14 23.76
C ILE D 143 40.38 8.34 23.35
N ARG D 144 41.54 8.52 23.99
CA ARG D 144 42.44 9.62 23.66
C ARG D 144 42.94 9.50 22.22
N LYS D 145 43.23 8.27 21.81
CA LYS D 145 43.75 7.99 20.47
C LYS D 145 42.78 8.43 19.39
N LEU D 146 41.49 8.32 19.66
CA LEU D 146 40.47 8.72 18.71
C LEU D 146 39.74 9.99 19.12
N GLU D 147 40.50 10.94 19.67
CA GLU D 147 39.92 12.22 20.08
C GLU D 147 39.82 13.16 18.89
N SER D 148 40.41 12.76 17.77
CA SER D 148 40.43 13.57 16.56
C SER D 148 39.09 13.56 15.84
N ARG D 149 38.60 12.36 15.53
CA ARG D 149 37.35 12.21 14.78
C ARG D 149 36.15 12.65 15.61
N ASN D 150 36.40 12.85 16.90
CA ASN D 150 35.39 13.35 17.83
C ASN D 150 34.16 12.44 17.96
N HIS D 151 34.41 11.15 18.16
CA HIS D 151 33.34 10.19 18.43
C HIS D 151 32.76 10.48 19.81
N LEU D 152 31.53 10.04 20.02
CA LEU D 152 30.91 10.19 21.34
C LEU D 152 31.16 8.92 22.17
N PHE D 153 32.33 8.87 22.79
CA PHE D 153 32.68 7.75 23.67
C PHE D 153 31.93 7.85 24.98
N VAL D 154 31.17 6.81 25.29
CA VAL D 154 30.43 6.76 26.55
C VAL D 154 30.86 5.54 27.36
N VAL D 155 31.48 5.78 28.51
CA VAL D 155 31.88 4.68 29.36
C VAL D 155 30.79 4.38 30.38
N VAL D 156 30.55 3.10 30.63
CA VAL D 156 29.50 2.67 31.53
C VAL D 156 30.13 1.91 32.70
N THR D 157 29.61 2.15 33.90
CA THR D 157 30.13 1.50 35.10
C THR D 157 29.03 1.28 36.13
N ASP D 158 29.07 0.11 36.78
CA ASP D 158 28.12 -0.20 37.84
C ASP D 158 28.69 0.19 39.21
N ASN D 159 29.81 0.89 39.19
CA ASN D 159 30.44 1.37 40.41
C ASN D 159 30.28 2.88 40.56
N TYR D 160 29.67 3.29 41.66
CA TYR D 160 29.40 4.70 41.92
C TYR D 160 30.68 5.51 42.06
N ASP D 161 31.59 5.03 42.91
CA ASP D 161 32.82 5.74 43.21
C ASP D 161 33.71 5.94 41.98
N GLN D 162 33.59 5.04 41.02
CA GLN D 162 34.35 5.15 39.78
C GLN D 162 33.72 6.16 38.84
N ALA D 163 32.39 6.16 38.77
CA ALA D 163 31.67 7.10 37.93
C ALA D 163 31.97 8.55 38.32
N LEU D 164 32.14 8.77 39.63
CA LEU D 164 32.45 10.10 40.15
C LEU D 164 33.83 10.54 39.71
N HIS D 165 34.82 9.65 39.83
CA HIS D 165 36.19 9.96 39.44
C HIS D 165 36.33 10.06 37.91
N LEU D 166 35.49 9.32 37.20
CA LEU D 166 35.53 9.32 35.74
C LEU D 166 34.82 10.54 35.16
N GLU D 167 34.12 11.28 36.01
CA GLU D 167 33.36 12.44 35.56
C GLU D 167 34.20 13.72 35.61
N GLU D 168 34.92 13.91 36.71
CA GLU D 168 35.72 15.12 36.92
C GLU D 168 36.73 15.39 35.80
N GLN D 169 37.41 14.34 35.35
CA GLN D 169 38.27 14.44 34.17
C GLN D 169 37.63 13.63 33.05
N GLU D 170 37.62 14.18 31.85
CA GLU D 170 36.90 13.55 30.75
C GLU D 170 37.32 13.96 29.34
N GLY D 171 37.34 12.96 28.45
CA GLY D 171 37.39 13.17 27.02
C GLY D 171 36.26 12.33 26.46
N PHE D 172 35.28 12.07 27.34
CA PHE D 172 34.19 11.15 27.06
C PHE D 172 32.98 11.44 27.96
N LYS D 173 32.02 10.53 27.98
CA LYS D 173 30.82 10.70 28.80
C LYS D 173 30.63 9.49 29.71
N VAL D 174 30.17 9.72 30.94
CA VAL D 174 30.01 8.64 31.91
C VAL D 174 28.55 8.35 32.24
N VAL D 175 28.16 7.08 32.13
CA VAL D 175 26.81 6.66 32.51
C VAL D 175 26.84 5.57 33.57
N TYR D 176 26.26 5.88 34.74
CA TYR D 176 26.27 4.97 35.87
C TYR D 176 25.04 4.07 35.88
N GLY D 177 25.27 2.75 35.86
CA GLY D 177 24.20 1.77 35.86
C GLY D 177 24.73 0.36 35.64
N SER D 178 23.85 -0.63 35.69
CA SER D 178 24.23 -2.02 35.48
C SER D 178 24.28 -2.36 34.00
N PRO D 179 25.49 -2.66 33.50
CA PRO D 179 25.72 -2.93 32.07
C PRO D 179 24.90 -4.11 31.56
N THR D 180 24.51 -5.00 32.45
CA THR D 180 23.81 -6.21 32.05
C THR D 180 22.29 -6.10 32.24
N ASP D 181 21.80 -4.87 32.34
CA ASP D 181 20.36 -4.66 32.45
C ASP D 181 19.81 -4.10 31.13
N ALA D 182 18.73 -4.71 30.64
CA ALA D 182 18.12 -4.29 29.39
C ALA D 182 17.61 -2.86 29.47
N HIS D 183 16.99 -2.52 30.60
CA HIS D 183 16.46 -1.17 30.81
C HIS D 183 17.57 -0.12 30.80
N VAL D 184 18.73 -0.49 31.31
CA VAL D 184 19.89 0.39 31.31
C VAL D 184 20.44 0.53 29.90
N LEU D 185 20.53 -0.59 29.19
CA LEU D 185 21.03 -0.60 27.81
C LEU D 185 20.08 0.12 26.87
N ALA D 186 18.79 0.11 27.20
CA ALA D 186 17.79 0.80 26.39
C ALA D 186 17.97 2.31 26.50
N GLY D 187 18.22 2.78 27.72
CA GLY D 187 18.46 4.19 27.95
C GLY D 187 19.81 4.63 27.40
N LEU D 188 20.70 3.67 27.20
CA LEU D 188 22.02 3.94 26.63
C LEU D 188 21.94 4.09 25.11
N ARG D 189 20.75 3.86 24.57
CA ARG D 189 20.48 3.97 23.14
C ARG D 189 21.39 3.04 22.32
N VAL D 190 21.38 1.76 22.67
CA VAL D 190 22.24 0.77 22.02
C VAL D 190 21.91 0.59 20.54
N ALA D 191 20.63 0.64 20.21
CA ALA D 191 20.18 0.41 18.84
C ALA D 191 20.74 1.45 17.89
N ALA D 192 20.99 2.66 18.40
CA ALA D 192 21.48 3.75 17.58
C ALA D 192 22.99 3.90 17.69
N ALA D 193 23.60 3.08 18.54
CA ALA D 193 25.04 3.16 18.79
C ALA D 193 25.84 2.66 17.60
N ARG D 194 27.00 3.29 17.38
CA ARG D 194 27.86 2.92 16.27
C ARG D 194 28.49 1.56 16.51
N SER D 195 29.05 1.38 17.71
CA SER D 195 29.73 0.14 18.07
C SER D 195 29.80 -0.05 19.58
N ILE D 196 29.98 -1.30 20.01
CA ILE D 196 30.06 -1.63 21.43
C ILE D 196 31.36 -2.36 21.74
N ILE D 197 32.10 -1.88 22.73
CA ILE D 197 33.32 -2.54 23.17
C ILE D 197 33.14 -3.17 24.55
N ALA D 198 33.13 -4.51 24.58
CA ALA D 198 32.90 -5.25 25.80
C ALA D 198 34.20 -5.71 26.45
N ASN D 199 34.65 -4.97 27.45
CA ASN D 199 35.91 -5.26 28.13
C ASN D 199 35.68 -5.69 29.57
N LEU D 200 34.58 -6.40 29.82
CA LEU D 200 34.29 -6.92 31.15
C LEU D 200 34.87 -8.33 31.26
N SER D 201 34.66 -8.98 32.39
CA SER D 201 35.08 -10.37 32.56
C SER D 201 34.32 -11.24 31.56
N ASP D 202 34.89 -12.40 31.22
CA ASP D 202 34.27 -13.29 30.25
C ASP D 202 32.81 -13.66 30.54
N PRO D 203 32.47 -13.97 31.81
CA PRO D 203 31.05 -14.18 32.09
C PRO D 203 30.21 -12.92 31.90
N ASP D 204 30.74 -11.78 32.31
CA ASP D 204 30.03 -10.51 32.19
C ASP D 204 29.86 -10.10 30.74
N ASN D 205 30.91 -10.29 29.94
CA ASN D 205 30.82 -10.01 28.51
C ASN D 205 29.78 -10.89 27.82
N ALA D 206 29.73 -12.15 28.21
CA ALA D 206 28.76 -13.09 27.65
C ALA D 206 27.34 -12.64 28.02
N ASN D 207 27.20 -12.10 29.23
CA ASN D 207 25.93 -11.59 29.70
C ASN D 207 25.56 -10.32 28.95
N LEU D 208 26.55 -9.44 28.77
CA LEU D 208 26.34 -8.18 28.07
C LEU D 208 25.92 -8.42 26.62
N CYS D 209 26.57 -9.37 25.96
CA CYS D 209 26.27 -9.67 24.57
C CYS D 209 24.84 -10.19 24.35
N LEU D 210 24.45 -11.18 25.15
CA LEU D 210 23.11 -11.76 25.03
C LEU D 210 22.02 -10.73 25.31
N THR D 211 22.33 -9.77 26.17
CA THR D 211 21.37 -8.72 26.52
C THR D 211 21.24 -7.73 25.38
N VAL D 212 22.37 -7.29 24.84
CA VAL D 212 22.38 -6.38 23.72
C VAL D 212 21.66 -7.00 22.52
N ARG D 213 22.00 -8.25 22.22
CA ARG D 213 21.41 -8.95 21.08
C ARG D 213 19.92 -9.21 21.23
N SER D 214 19.39 -8.99 22.43
CA SER D 214 17.94 -9.09 22.65
C SER D 214 17.28 -7.75 22.36
N LEU D 215 18.09 -6.76 22.02
CA LEU D 215 17.58 -5.42 21.74
C LEU D 215 17.89 -5.00 20.31
N CYS D 216 19.13 -5.24 19.88
CA CYS D 216 19.58 -4.75 18.58
C CYS D 216 20.62 -5.67 17.95
N GLN D 217 21.28 -5.17 16.91
CA GLN D 217 22.33 -5.92 16.23
C GLN D 217 23.59 -5.08 16.14
N THR D 218 23.75 -4.15 17.09
CA THR D 218 24.91 -3.28 17.15
C THR D 218 26.19 -4.11 17.22
N PRO D 219 27.15 -3.84 16.34
CA PRO D 219 28.43 -4.55 16.32
C PRO D 219 29.14 -4.52 17.66
N ILE D 220 29.49 -5.70 18.16
CA ILE D 220 30.14 -5.82 19.47
C ILE D 220 31.56 -6.34 19.33
N ILE D 221 32.53 -5.57 19.82
CA ILE D 221 33.90 -6.03 19.88
C ILE D 221 34.22 -6.44 21.31
N ALA D 222 34.31 -7.75 21.54
CA ALA D 222 34.53 -8.29 22.87
C ALA D 222 35.99 -8.63 23.11
N VAL D 223 36.51 -8.19 24.25
CA VAL D 223 37.89 -8.46 24.63
C VAL D 223 37.90 -9.66 25.58
N VAL D 224 38.25 -10.83 25.03
CA VAL D 224 38.13 -12.11 25.74
C VAL D 224 39.29 -12.41 26.68
N LYS D 225 38.96 -12.76 27.91
CA LYS D 225 39.98 -13.01 28.94
C LYS D 225 40.72 -14.33 28.74
N GLU D 226 40.05 -15.32 28.16
CA GLU D 226 40.69 -16.61 27.89
C GLU D 226 40.34 -17.11 26.49
N PRO D 227 41.33 -17.20 25.60
CA PRO D 227 41.19 -17.51 24.17
C PRO D 227 40.18 -18.62 23.87
N VAL D 228 40.10 -19.62 24.75
CA VAL D 228 39.16 -20.72 24.58
C VAL D 228 37.72 -20.22 24.64
N HIS D 229 37.48 -19.19 25.45
CA HIS D 229 36.15 -18.60 25.59
C HIS D 229 35.75 -17.83 24.33
N GLY D 230 36.69 -17.66 23.42
CA GLY D 230 36.46 -16.91 22.19
C GLY D 230 35.30 -17.46 21.39
N GLU D 231 35.19 -18.78 21.32
CA GLU D 231 34.09 -19.42 20.60
C GLU D 231 32.76 -19.14 21.30
N LEU D 232 32.83 -19.01 22.62
CA LEU D 232 31.62 -18.81 23.42
C LEU D 232 31.04 -17.41 23.27
N LEU D 233 31.90 -16.41 23.18
CA LEU D 233 31.45 -15.02 23.06
C LEU D 233 30.95 -14.68 21.67
N ARG D 234 31.42 -15.42 20.67
CA ARG D 234 30.87 -15.30 19.32
C ARG D 234 29.46 -15.85 19.32
N LEU D 235 29.27 -16.95 20.05
CA LEU D 235 27.95 -17.55 20.21
C LEU D 235 27.04 -16.61 20.97
N ALA D 236 27.63 -15.81 21.86
CA ALA D 236 26.89 -14.83 22.64
C ALA D 236 26.38 -13.71 21.75
N GLY D 237 27.10 -13.42 20.67
CA GLY D 237 26.64 -12.44 19.69
C GLY D 237 27.70 -11.45 19.24
N ALA D 238 28.91 -11.58 19.78
CA ALA D 238 29.98 -10.64 19.45
C ALA D 238 30.41 -10.76 18.00
N ASN D 239 30.48 -9.62 17.32
CA ASN D 239 30.91 -9.57 15.94
C ASN D 239 32.38 -9.93 15.79
N GLN D 240 33.19 -9.40 16.70
CA GLN D 240 34.62 -9.68 16.71
C GLN D 240 35.11 -10.01 18.12
N VAL D 241 36.26 -10.69 18.18
CA VAL D 241 36.82 -11.15 19.44
C VAL D 241 38.31 -10.88 19.49
N VAL D 242 38.77 -10.27 20.58
CA VAL D 242 40.18 -9.88 20.69
C VAL D 242 40.87 -10.45 21.93
N PRO D 243 41.72 -11.47 21.73
CA PRO D 243 42.55 -12.01 22.81
C PRO D 243 43.85 -11.21 23.01
N LEU D 244 43.77 -10.09 23.73
CA LEU D 244 44.92 -9.22 23.95
C LEU D 244 46.11 -9.86 24.67
N THR D 245 45.88 -10.46 25.83
CA THR D 245 47.01 -10.96 26.62
C THR D 245 47.70 -12.17 25.99
N ARG D 246 46.97 -12.90 25.15
CA ARG D 246 47.62 -13.90 24.33
C ARG D 246 48.53 -13.16 23.35
N ILE D 247 47.97 -12.15 22.69
CA ILE D 247 48.72 -11.33 21.75
C ILE D 247 49.88 -10.63 22.44
N LEU D 248 49.61 -10.04 23.60
CA LEU D 248 50.65 -9.38 24.38
C LEU D 248 51.70 -10.38 24.87
N GLY D 249 51.24 -11.54 25.30
CA GLY D 249 52.15 -12.60 25.71
C GLY D 249 52.97 -13.09 24.54
N ARG D 250 52.33 -13.19 23.38
CA ARG D 250 52.99 -13.60 22.16
C ARG D 250 54.04 -12.57 21.74
N TYR D 251 53.71 -11.29 21.90
CA TYR D 251 54.64 -10.22 21.58
C TYR D 251 55.85 -10.24 22.50
N LEU D 252 55.63 -10.59 23.76
CA LEU D 252 56.72 -10.68 24.72
C LEU D 252 57.66 -11.84 24.38
N GLY D 253 57.08 -12.93 23.89
CA GLY D 253 57.86 -14.10 23.54
C GLY D 253 58.64 -13.94 22.24
N ILE D 254 58.00 -13.34 21.25
CA ILE D 254 58.64 -13.06 19.97
C ILE D 254 59.89 -12.20 20.15
N ARG D 255 59.75 -11.13 20.92
CA ARG D 255 60.84 -10.18 21.14
C ARG D 255 62.00 -10.77 21.94
N ALA D 256 61.70 -11.75 22.78
CA ALA D 256 62.71 -12.35 23.63
C ALA D 256 63.63 -13.28 22.87
N THR D 257 63.13 -13.87 21.79
CA THR D 257 63.90 -14.89 21.06
C THR D 257 64.43 -14.41 19.70
N THR D 258 63.74 -13.46 19.08
CA THR D 258 64.11 -12.94 17.76
C THR D 258 65.54 -12.39 17.71
N ASP D 348 73.22 -22.53 24.61
CA ASP D 348 72.31 -22.83 25.70
C ASP D 348 71.35 -21.67 25.93
N GLU D 349 70.16 -21.75 25.37
CA GLU D 349 69.17 -20.70 25.55
C GLU D 349 68.28 -20.98 26.76
N LEU D 350 67.94 -19.94 27.51
CA LEU D 350 67.13 -20.08 28.74
C LEU D 350 66.55 -18.71 29.13
N ILE D 351 65.23 -18.62 29.16
CA ILE D 351 64.56 -17.35 29.40
C ILE D 351 63.81 -17.30 30.72
N PHE D 352 64.13 -16.31 31.55
CA PHE D 352 63.38 -16.07 32.77
C PHE D 352 62.15 -15.23 32.48
N ILE D 353 60.98 -15.75 32.84
CA ILE D 353 59.75 -15.00 32.71
C ILE D 353 59.22 -14.64 34.10
N ILE D 354 59.29 -13.35 34.43
CA ILE D 354 58.87 -12.89 35.74
C ILE D 354 57.40 -12.46 35.72
N GLY D 355 56.61 -13.03 36.63
CA GLY D 355 55.18 -12.75 36.68
C GLY D 355 54.39 -13.80 35.94
N HIS D 356 53.57 -14.55 36.66
CA HIS D 356 52.82 -15.65 36.07
C HIS D 356 51.32 -15.37 36.04
N GLY D 357 50.95 -14.33 35.30
CA GLY D 357 49.55 -14.04 35.06
C GLY D 357 49.16 -14.48 33.68
N ARG D 358 47.98 -14.11 33.23
CA ARG D 358 47.50 -14.52 31.91
C ARG D 358 48.39 -14.04 30.77
N ILE D 359 49.06 -12.91 30.95
CA ILE D 359 50.03 -12.45 29.96
C ILE D 359 51.31 -13.26 30.01
N GLY D 360 51.89 -13.36 31.20
CA GLY D 360 53.11 -14.11 31.39
C GLY D 360 52.94 -15.56 31.01
N CYS D 361 51.77 -16.11 31.31
CA CYS D 361 51.43 -17.47 30.94
C CYS D 361 51.40 -17.62 29.43
N ALA D 362 50.90 -16.59 28.75
CA ALA D 362 50.82 -16.61 27.30
C ALA D 362 52.22 -16.64 26.68
N ALA D 363 53.15 -15.90 27.28
CA ALA D 363 54.53 -15.88 26.82
C ALA D 363 55.16 -17.26 27.01
N ALA D 364 54.93 -17.85 28.18
CA ALA D 364 55.45 -19.18 28.48
C ALA D 364 54.84 -20.22 27.54
N ALA D 365 53.57 -20.01 27.20
CA ALA D 365 52.88 -20.90 26.28
C ALA D 365 53.42 -20.73 24.86
N PHE D 366 53.90 -19.52 24.56
CA PHE D 366 54.47 -19.23 23.25
C PHE D 366 55.85 -19.87 23.11
N LEU D 367 56.64 -19.81 24.18
CA LEU D 367 57.99 -20.38 24.17
C LEU D 367 57.95 -21.91 24.20
N ASP D 368 56.76 -22.48 24.36
CA ASP D 368 56.58 -23.92 24.34
C ASP D 368 56.44 -24.44 22.91
N ARG D 369 55.63 -23.74 22.11
CA ARG D 369 55.42 -24.10 20.72
C ARG D 369 56.74 -24.18 19.95
N LYS D 370 57.45 -23.06 19.87
CA LYS D 370 58.82 -23.10 19.38
C LYS D 370 59.75 -23.46 20.52
N PRO D 371 60.32 -24.67 20.46
CA PRO D 371 61.09 -25.31 21.54
C PRO D 371 62.16 -24.43 22.17
N VAL D 372 61.78 -23.66 23.19
CA VAL D 372 62.72 -22.87 23.98
C VAL D 372 62.43 -23.03 25.46
N PRO D 373 63.43 -23.47 26.25
CA PRO D 373 63.23 -23.66 27.69
C PRO D 373 63.13 -22.33 28.43
N PHE D 374 62.43 -22.33 29.58
CA PHE D 374 62.18 -21.10 30.33
C PHE D 374 61.92 -21.36 31.80
N ILE D 375 61.89 -20.29 32.59
CA ILE D 375 61.61 -20.37 34.02
C ILE D 375 60.57 -19.33 34.42
N LEU D 376 59.49 -19.79 35.05
CA LEU D 376 58.44 -18.91 35.53
C LEU D 376 58.57 -18.62 37.02
N ILE D 377 58.83 -17.36 37.36
CA ILE D 377 58.91 -16.95 38.75
C ILE D 377 57.65 -16.14 39.10
N ASP D 378 57.11 -16.36 40.30
CA ASP D 378 55.88 -15.69 40.69
C ASP D 378 55.71 -15.57 42.20
N ARG D 379 54.63 -14.92 42.61
CA ARG D 379 54.30 -14.73 44.01
C ARG D 379 53.50 -15.90 44.56
N GLN D 380 52.41 -16.24 43.87
CA GLN D 380 51.53 -17.31 44.29
C GLN D 380 51.08 -18.19 43.13
N GLU D 381 50.50 -19.34 43.44
CA GLU D 381 50.02 -20.28 42.42
C GLU D 381 48.90 -19.66 41.58
N SER D 382 48.98 -19.83 40.27
CA SER D 382 47.96 -19.32 39.37
C SER D 382 46.61 -19.98 39.65
N PRO D 383 45.56 -19.15 39.79
CA PRO D 383 44.21 -19.65 40.07
C PRO D 383 43.52 -20.14 38.80
N VAL D 384 44.24 -20.11 37.68
CA VAL D 384 43.65 -20.49 36.40
C VAL D 384 44.47 -21.52 35.63
N CYS D 385 45.78 -21.54 35.83
CA CYS D 385 46.64 -22.43 35.05
C CYS D 385 47.24 -23.57 35.86
N ASN D 386 47.14 -24.77 35.29
CA ASN D 386 47.72 -25.96 35.91
C ASN D 386 48.64 -26.71 34.94
N ASP D 387 49.03 -26.02 33.86
CA ASP D 387 49.84 -26.63 32.82
C ASP D 387 51.32 -26.23 32.92
N HIS D 388 51.59 -25.18 33.68
CA HIS D 388 52.96 -24.66 33.82
C HIS D 388 53.56 -24.92 35.19
N VAL D 389 54.89 -24.97 35.23
CA VAL D 389 55.63 -25.11 36.49
C VAL D 389 56.19 -23.76 36.91
N VAL D 390 55.84 -23.33 38.12
CA VAL D 390 56.23 -22.00 38.59
C VAL D 390 57.17 -22.05 39.78
N VAL D 391 58.22 -21.22 39.75
CA VAL D 391 59.14 -21.09 40.86
C VAL D 391 58.65 -20.01 41.81
N TYR D 392 58.09 -20.43 42.94
CA TYR D 392 57.53 -19.49 43.91
C TYR D 392 58.62 -18.79 44.72
N GLY D 393 58.28 -17.63 45.27
CA GLY D 393 59.24 -16.81 45.97
C GLY D 393 59.29 -15.42 45.36
N ASP D 394 59.19 -14.41 46.21
CA ASP D 394 59.15 -13.02 45.76
C ASP D 394 60.39 -12.64 44.95
N ALA D 395 60.18 -11.89 43.88
CA ALA D 395 61.27 -11.50 42.98
C ALA D 395 61.88 -10.16 43.40
N THR D 396 61.51 -9.70 44.59
CA THR D 396 62.01 -8.44 45.11
C THR D 396 62.89 -8.68 46.34
N VAL D 397 62.99 -9.94 46.74
CA VAL D 397 63.74 -10.31 47.94
C VAL D 397 65.05 -11.07 47.68
N GLY D 398 66.14 -10.54 48.20
CA GLY D 398 67.45 -11.19 48.15
C GLY D 398 67.92 -11.62 46.78
N GLN D 399 68.34 -12.87 46.66
CA GLN D 399 68.83 -13.42 45.41
C GLN D 399 67.93 -14.52 44.84
N THR D 400 66.62 -14.25 44.82
CA THR D 400 65.62 -15.21 44.34
C THR D 400 65.86 -15.53 42.87
N LEU D 401 66.36 -14.54 42.15
CA LEU D 401 66.73 -14.71 40.75
C LEU D 401 68.07 -15.42 40.63
N ARG D 402 69.03 -15.00 41.46
CA ARG D 402 70.39 -15.58 41.48
C ARG D 402 70.38 -16.99 42.09
N GLN D 403 69.36 -17.26 42.93
CA GLN D 403 69.16 -18.63 43.41
C GLN D 403 68.81 -19.52 42.24
N ALA D 404 67.83 -19.06 41.46
CA ALA D 404 67.36 -19.81 40.30
C ALA D 404 68.43 -19.82 39.19
N GLY D 405 69.36 -18.87 39.27
CA GLY D 405 70.46 -18.80 38.33
C GLY D 405 70.12 -17.91 37.16
N ILE D 406 70.10 -16.61 37.42
CA ILE D 406 69.66 -15.66 36.41
C ILE D 406 70.76 -15.34 35.41
N ASP D 407 72.01 -15.61 35.79
CA ASP D 407 73.16 -15.28 34.95
C ASP D 407 73.29 -16.15 33.70
N ARG D 408 72.98 -17.44 33.81
CA ARG D 408 73.07 -18.35 32.68
C ARG D 408 71.96 -18.14 31.66
N ALA D 409 70.98 -17.31 32.02
CA ALA D 409 69.86 -17.02 31.14
C ALA D 409 70.29 -16.20 29.92
N SER D 410 69.55 -16.36 28.82
CA SER D 410 69.84 -15.63 27.59
C SER D 410 68.95 -14.38 27.50
N GLY D 411 67.75 -14.48 28.08
CA GLY D 411 66.81 -13.37 28.05
C GLY D 411 65.94 -13.32 29.28
N ILE D 412 65.37 -12.14 29.54
CA ILE D 412 64.48 -11.94 30.68
C ILE D 412 63.21 -11.25 30.25
N ILE D 413 62.07 -11.89 30.49
CA ILE D 413 60.78 -11.28 30.24
C ILE D 413 60.14 -10.86 31.55
N VAL D 414 60.11 -9.56 31.81
CA VAL D 414 59.50 -9.06 33.04
C VAL D 414 58.04 -8.61 32.79
N THR D 415 57.11 -9.35 33.39
CA THR D 415 55.69 -9.22 33.08
C THR D 415 54.86 -9.19 34.36
N THR D 416 54.98 -8.10 35.10
CA THR D 416 54.22 -7.92 36.33
C THR D 416 53.16 -6.84 36.11
N ASN D 417 52.00 -7.00 36.72
CA ASN D 417 50.92 -6.01 36.59
C ASN D 417 51.27 -4.64 37.17
N ASP D 418 52.33 -4.59 37.97
CA ASP D 418 52.79 -3.35 38.57
C ASP D 418 53.96 -2.77 37.80
N ASP D 419 53.76 -1.61 37.17
CA ASP D 419 54.78 -0.97 36.35
C ASP D 419 56.02 -0.56 37.15
N SER D 420 55.82 -0.05 38.35
CA SER D 420 56.94 0.35 39.21
C SER D 420 57.80 -0.85 39.54
N THR D 421 57.18 -2.01 39.68
CA THR D 421 57.91 -3.25 39.93
C THR D 421 58.70 -3.66 38.70
N ASN D 422 58.07 -3.54 37.52
CA ASN D 422 58.75 -3.83 36.26
C ASN D 422 60.00 -2.99 36.07
N ILE D 423 59.83 -1.68 36.21
CA ILE D 423 60.94 -0.74 36.11
C ILE D 423 62.04 -1.07 37.11
N PHE D 424 61.64 -1.46 38.32
CA PHE D 424 62.60 -1.78 39.37
C PHE D 424 63.39 -3.06 39.06
N LEU D 425 62.71 -4.05 38.51
CA LEU D 425 63.35 -5.32 38.14
C LEU D 425 64.30 -5.14 36.97
N THR D 426 63.84 -4.41 35.95
CA THR D 426 64.66 -4.11 34.78
C THR D 426 65.89 -3.32 35.19
N LEU D 427 65.74 -2.44 36.17
CA LEU D 427 66.86 -1.69 36.71
C LEU D 427 67.87 -2.65 37.34
N ALA D 428 67.35 -3.63 38.09
CA ALA D 428 68.20 -4.59 38.80
C ALA D 428 68.86 -5.58 37.85
N CYS D 429 68.08 -6.11 36.91
CA CYS D 429 68.57 -7.09 35.94
C CYS D 429 69.70 -6.52 35.09
N ARG D 430 69.53 -5.27 34.63
CA ARG D 430 70.53 -4.62 33.80
C ARG D 430 71.74 -4.20 34.62
N HIS D 431 71.58 -4.19 35.94
CA HIS D 431 72.68 -3.90 36.84
C HIS D 431 73.53 -5.16 37.04
N LEU D 432 72.86 -6.30 37.14
CA LEU D 432 73.54 -7.58 37.32
C LEU D 432 74.18 -8.06 36.01
N HIS D 433 73.40 -8.02 34.94
CA HIS D 433 73.90 -8.42 33.63
C HIS D 433 73.70 -7.28 32.63
N SER D 434 74.81 -6.72 32.16
CA SER D 434 74.80 -5.51 31.36
C SER D 434 74.41 -5.71 29.90
N HIS D 435 74.20 -6.96 29.49
CA HIS D 435 73.88 -7.22 28.08
C HIS D 435 72.74 -8.21 27.85
N ILE D 436 72.25 -8.84 28.91
CA ILE D 436 71.20 -9.84 28.75
C ILE D 436 69.94 -9.18 28.18
N ARG D 437 69.28 -9.88 27.26
CA ARG D 437 68.10 -9.34 26.61
C ARG D 437 66.95 -9.20 27.60
N ILE D 438 66.46 -7.97 27.75
CA ILE D 438 65.35 -7.70 28.65
C ILE D 438 64.13 -7.19 27.89
N VAL D 439 63.07 -7.99 27.89
CA VAL D 439 61.80 -7.57 27.32
C VAL D 439 60.83 -7.27 28.45
N ALA D 440 60.42 -6.02 28.56
CA ALA D 440 59.54 -5.58 29.63
C ALA D 440 58.14 -5.24 29.14
N ARG D 441 57.15 -5.46 29.99
CA ARG D 441 55.77 -5.09 29.69
C ARG D 441 55.38 -3.84 30.47
N ALA D 442 54.78 -2.89 29.78
CA ALA D 442 54.29 -1.68 30.43
C ALA D 442 52.77 -1.67 30.46
N ASN D 443 52.20 -1.66 31.66
CA ASN D 443 50.76 -1.58 31.82
C ASN D 443 50.25 -0.21 31.38
N GLY D 444 50.95 0.84 31.80
CA GLY D 444 50.61 2.19 31.41
C GLY D 444 51.65 2.76 30.47
N GLU D 445 51.18 3.48 29.45
CA GLU D 445 52.06 4.02 28.43
C GLU D 445 52.95 5.14 28.94
N GLU D 446 52.62 5.67 30.12
CA GLU D 446 53.45 6.72 30.72
C GLU D 446 54.75 6.15 31.28
N ASN D 447 54.76 4.85 31.57
CA ASN D 447 55.93 4.19 32.13
C ASN D 447 56.84 3.57 31.09
N VAL D 448 56.44 3.63 29.81
CA VAL D 448 57.20 3.02 28.73
C VAL D 448 58.63 3.56 28.64
N ASP D 449 58.76 4.88 28.56
CA ASP D 449 60.07 5.52 28.41
C ASP D 449 61.00 5.24 29.58
N GLN D 450 60.44 5.03 30.76
CA GLN D 450 61.23 4.79 31.95
C GLN D 450 61.75 3.35 31.99
N LEU D 451 61.04 2.45 31.31
CA LEU D 451 61.50 1.06 31.17
C LEU D 451 62.71 1.00 30.25
N TYR D 452 62.61 1.67 29.10
CA TYR D 452 63.75 1.80 28.19
C TYR D 452 64.93 2.46 28.89
N ALA D 453 64.65 3.53 29.62
CA ALA D 453 65.68 4.26 30.33
C ALA D 453 66.27 3.44 31.48
N ALA D 454 65.58 2.37 31.86
CA ALA D 454 66.04 1.50 32.94
C ALA D 454 67.03 0.46 32.42
N GLY D 455 66.93 0.14 31.15
CA GLY D 455 67.84 -0.81 30.53
C GLY D 455 67.14 -1.82 29.63
N ALA D 456 65.84 -1.66 29.46
CA ALA D 456 65.06 -2.57 28.62
C ALA D 456 65.49 -2.47 27.16
N ASP D 457 65.57 -3.61 26.50
CA ASP D 457 65.95 -3.65 25.10
C ASP D 457 64.75 -3.48 24.18
N PHE D 458 63.61 -4.03 24.60
CA PHE D 458 62.34 -3.74 23.96
C PHE D 458 61.23 -3.70 25.00
N VAL D 459 60.27 -2.80 24.81
CA VAL D 459 59.16 -2.66 25.72
C VAL D 459 57.84 -2.86 24.98
N VAL D 460 57.01 -3.77 25.48
CA VAL D 460 55.66 -3.95 24.94
C VAL D 460 54.67 -3.20 25.81
N SER D 461 53.99 -2.22 25.21
CA SER D 461 53.03 -1.40 25.93
C SER D 461 51.61 -1.91 25.74
N ASN D 462 51.07 -2.51 26.81
CA ASN D 462 49.71 -3.05 26.79
C ASN D 462 48.69 -2.07 26.24
N ALA D 463 48.72 -0.85 26.77
CA ALA D 463 47.75 0.18 26.41
C ALA D 463 47.72 0.47 24.91
N SER D 464 48.85 0.89 24.37
CA SER D 464 48.92 1.29 22.96
C SER D 464 48.69 0.13 21.99
N VAL D 465 49.23 -1.03 22.34
CA VAL D 465 49.03 -2.23 21.50
C VAL D 465 47.55 -2.61 21.46
N GLY D 466 46.91 -2.59 22.62
CA GLY D 466 45.50 -2.91 22.71
C GLY D 466 44.62 -1.88 22.03
N ALA D 467 44.96 -0.60 22.24
CA ALA D 467 44.20 0.49 21.65
C ALA D 467 44.30 0.48 20.12
N ASN D 468 45.48 0.14 19.60
CA ASN D 468 45.70 0.04 18.17
C ASN D 468 44.82 -1.03 17.52
N ILE D 469 44.72 -2.18 18.17
CA ILE D 469 43.90 -3.28 17.67
C ILE D 469 42.43 -2.89 17.66
N LEU D 470 41.95 -2.40 18.80
CA LEU D 470 40.57 -1.95 18.93
C LEU D 470 40.32 -0.75 18.03
N GLY D 471 41.33 0.10 17.90
CA GLY D 471 41.24 1.27 17.05
C GLY D 471 41.00 0.88 15.60
N ASN D 472 41.86 0.03 15.08
CA ASN D 472 41.73 -0.43 13.70
C ASN D 472 40.43 -1.20 13.49
N LEU D 473 40.00 -1.93 14.52
CA LEU D 473 38.76 -2.70 14.42
C LEU D 473 37.52 -1.82 14.41
N LEU D 474 37.66 -0.58 14.89
CA LEU D 474 36.54 0.35 14.91
C LEU D 474 36.38 1.10 13.58
N GLU D 475 37.49 1.59 13.05
CA GLU D 475 37.45 2.36 11.80
C GLU D 475 37.37 1.47 10.55
N HIS D 476 38.06 0.35 10.55
CA HIS D 476 38.00 -0.60 9.44
C HIS D 476 36.70 -1.39 9.44
N LYS D 477 35.81 -1.07 10.38
CA LYS D 477 34.50 -1.71 10.46
C LYS D 477 33.51 -1.02 9.53
N GLU D 478 33.65 0.29 9.38
CA GLU D 478 32.74 1.07 8.57
C GLU D 478 33.46 1.92 7.51
N SER D 479 34.78 1.95 7.58
CA SER D 479 35.58 2.70 6.61
C SER D 479 36.64 1.81 5.96
K K E . -37.12 61.34 -29.64
K K F . -35.79 58.40 -29.23
K K G . -34.31 55.16 -28.78
K K H . -32.86 51.97 -28.34
K K I . -39.16 65.80 -30.26
ZN ZN J . -21.01 -30.30 -22.12
CA CA K . -25.90 -10.47 -41.76
PA NAD L . -21.72 -20.65 -26.61
O1A NAD L . -21.93 -19.54 -27.68
O2A NAD L . -22.05 -22.03 -27.21
O5B NAD L . -20.24 -20.69 -26.12
C5B NAD L . -19.23 -20.29 -26.99
C4B NAD L . -18.17 -21.30 -27.30
O4B NAD L . -17.84 -21.38 -28.71
C3B NAD L . -16.91 -21.16 -26.53
O3B NAD L . -16.75 -22.20 -25.64
C2B NAD L . -15.83 -21.25 -27.49
O2B NAD L . -14.96 -22.25 -27.12
C1B NAD L . -16.48 -21.58 -28.83
N9A NAD L . -15.84 -20.92 -30.04
C8A NAD L . -15.82 -19.61 -30.35
N7A NAD L . -15.15 -19.48 -31.52
C5A NAD L . -14.77 -20.71 -31.95
C6A NAD L . -14.07 -21.20 -33.05
N6A NAD L . -13.60 -20.30 -34.05
N1A NAD L . -13.84 -22.52 -33.18
C2A NAD L . -14.29 -23.38 -32.24
N3A NAD L . -14.96 -22.94 -31.16
C4A NAD L . -15.21 -21.62 -31.00
O3 NAD L . -22.71 -20.38 -25.40
PN NAD L . -23.05 -18.90 -24.95
O1N NAD L . -23.51 -18.03 -26.13
O2N NAD L . -21.85 -18.30 -24.29
O5D NAD L . -24.18 -18.96 -23.94
C5D NAD L . -24.97 -17.87 -23.75
C4D NAD L . -25.37 -17.65 -22.34
O4D NAD L . -26.74 -17.59 -22.22
C3D NAD L . -24.91 -18.78 -21.50
O3D NAD L . -23.67 -18.47 -20.86
C2D NAD L . -25.94 -19.01 -20.54
O2D NAD L . -25.52 -18.73 -19.24
C1D NAD L . -27.03 -18.04 -20.90
N1N NAD L . -28.39 -18.57 -20.87
C2N NAD L . -28.67 -19.80 -20.38
C3N NAD L . -29.97 -20.27 -20.42
C7N NAD L . -30.36 -21.65 -19.92
O7N NAD L . -30.92 -22.45 -20.70
N7N NAD L . -30.16 -22.04 -18.56
C4N NAD L . -30.95 -19.47 -20.96
C5N NAD L . -30.65 -18.22 -21.47
C6N NAD L . -29.34 -17.79 -21.40
K K M . -41.25 70.39 -30.90
ZN ZN N . 4.52 -21.15 -41.19
CA CA O . 10.74 6.82 -39.65
P PO4 P . 7.57 -4.60 -55.11
O1 PO4 P . 6.39 -4.76 -56.04
O2 PO4 P . 8.07 -5.96 -54.69
O3 PO4 P . 8.67 -3.87 -55.83
O4 PO4 P . 7.16 -3.82 -53.89
PA NAD Q . 3.21 -10.52 -38.43
O1A NAD Q . 3.30 -8.97 -38.36
O2A NAD Q . 4.50 -11.06 -39.10
O5B NAD Q . 3.13 -11.15 -37.01
C5B NAD Q . 4.09 -10.78 -36.05
C4B NAD Q . 5.00 -11.86 -35.57
O4B NAD Q . 6.39 -11.41 -35.40
C3B NAD Q . 4.58 -12.53 -34.30
O3B NAD Q . 4.43 -13.88 -34.52
C2B NAD Q . 5.65 -12.35 -33.36
O2B NAD Q . 5.95 -13.54 -32.75
C1B NAD Q . 6.84 -11.85 -34.16
N9A NAD Q . 7.77 -10.90 -33.47
C8A NAD Q . 7.53 -9.66 -33.02
N7A NAD Q . 8.66 -9.17 -32.48
C5A NAD Q . 9.63 -10.09 -32.58
C6A NAD Q . 10.97 -10.15 -32.22
N6A NAD Q . 11.59 -9.05 -31.58
N1A NAD Q . 11.69 -11.27 -32.49
C2A NAD Q . 11.11 -12.31 -33.11
N3A NAD Q . 9.82 -12.29 -33.47
C4A NAD Q . 9.07 -11.19 -33.22
O3 NAD Q . 1.98 -10.94 -39.33
PN NAD Q . 0.63 -10.10 -39.32
O1N NAD Q . 0.88 -8.59 -39.23
O2N NAD Q . -0.20 -10.54 -38.17
O5D NAD Q . -0.12 -10.36 -40.62
C5D NAD Q . -0.77 -9.32 -41.21
C4D NAD Q . -2.24 -9.36 -41.15
O4D NAD Q . -2.81 -8.85 -42.31
C3D NAD Q . -2.73 -10.74 -41.03
O3D NAD Q . -2.82 -11.12 -39.65
C2D NAD Q . -4.01 -10.75 -41.65
O2D NAD Q . -5.05 -10.73 -40.72
C1D NAD Q . -4.07 -9.51 -42.46
N1N NAD Q . -4.30 -9.72 -43.89
C2N NAD Q . -3.85 -10.84 -44.47
C3N NAD Q . -4.01 -11.06 -45.82
C7N NAD Q . -3.45 -12.32 -46.45
O7N NAD Q . -2.92 -12.28 -47.56
N7N NAD Q . -3.39 -13.54 -45.70
C4N NAD Q . -4.65 -10.11 -46.58
C5N NAD Q . -5.11 -8.95 -45.98
C6N NAD Q . -4.93 -8.78 -44.61
K K R . 11.08 55.44 45.22
K K S . 9.62 58.64 44.77
K K T . 8.36 61.41 44.39
K K U . 6.49 65.52 43.82
K K V . 4.41 70.09 43.18
ZN ZN W . 24.60 -30.13 50.79
CA CA X . 15.73 -6.62 71.44
CA CA Y . 20.77 -9.81 31.25
P PO4 Z . 8.54 -22.38 38.82
O1 PO4 Z . 7.86 -22.30 37.47
O2 PO4 Z . 9.21 -23.73 38.95
O3 PO4 Z . 9.58 -21.29 38.92
O4 PO4 Z . 7.51 -22.21 39.91
PA NAD AA . 24.41 -19.78 46.64
O1A NAD AA . 23.74 -18.58 45.92
O2A NAD AA . 24.30 -21.04 45.75
O5B NAD AA . 25.92 -19.52 46.91
C5B NAD AA . 26.83 -19.71 45.85
C4B NAD AA . 27.72 -20.90 45.87
O4B NAD AA . 28.15 -21.30 44.53
C3B NAD AA . 28.93 -20.79 46.73
O3B NAD AA . 28.96 -21.78 47.68
C2B NAD AA . 30.08 -20.96 45.87
O2B NAD AA . 30.92 -21.92 46.40
C1B NAD AA . 29.55 -21.41 44.52
N9A NAD AA . 30.21 -20.82 43.30
C8A NAD AA . 30.23 -19.54 42.91
N7A NAD AA . 30.96 -19.46 41.77
C5A NAD AA . 31.39 -20.69 41.44
C6A NAD AA . 32.15 -21.22 40.40
N6A NAD AA . 32.66 -20.37 39.38
N1A NAD AA . 32.42 -22.54 40.37
C2A NAD AA . 31.94 -23.36 41.33
N3A NAD AA . 31.21 -22.87 42.34
C4A NAD AA . 30.92 -21.55 42.42
O3 NAD AA . 23.61 -20.07 47.98
PN NAD AA . 23.22 -18.90 48.97
O1N NAD AA . 23.18 -17.54 48.28
O2N NAD AA . 24.21 -18.86 50.10
O5D NAD AA . 21.82 -19.18 49.54
C5D NAD AA . 20.95 -18.14 49.63
C4D NAD AA . 20.62 -17.70 51.00
O4D NAD AA . 19.25 -17.57 51.15
C3D NAD AA . 21.07 -18.70 51.99
O3D NAD AA . 22.35 -18.36 52.51
C2D NAD AA . 20.08 -18.70 53.02
O2D NAD AA . 20.58 -18.21 54.23
C1D NAD AA . 18.99 -17.81 52.54
N1N NAD AA . 17.64 -18.30 52.70
C2N NAD AA . 17.42 -19.62 52.85
C3N NAD AA . 16.13 -20.11 52.97
C7N NAD AA . 15.88 -21.60 53.14
O7N NAD AA . 15.03 -22.17 52.45
N7N NAD AA . 16.72 -22.37 54.00
C4N NAD AA . 15.07 -19.22 52.94
C5N NAD AA . 15.31 -17.86 52.78
C6N NAD AA . 16.63 -17.43 52.66
K K BA . 12.51 52.31 45.65
ZN ZN CA . 50.74 -20.72 32.81
PA NAD DA . 49.56 -10.43 35.05
O1A NAD DA . 49.91 -8.93 35.23
O2A NAD DA . 50.76 -11.17 34.42
O5B NAD DA . 49.25 -11.10 36.41
C5B NAD DA . 49.92 -10.62 37.55
C4B NAD DA . 50.84 -11.59 38.21
O4B NAD DA . 52.15 -11.02 38.51
C3B NAD DA . 50.31 -12.22 39.45
O3B NAD DA . 50.05 -13.56 39.25
C2B NAD DA . 51.36 -12.12 40.44
O2B NAD DA . 51.67 -13.37 40.92
C1B NAD DA . 52.56 -11.48 39.75
N9A NAD DA . 53.33 -10.47 40.58
C8A NAD DA . 52.93 -9.27 41.00
N7A NAD DA . 53.96 -8.71 41.70
C5A NAD DA . 54.99 -9.57 41.71
C6A NAD DA . 56.27 -9.57 42.26
N6A NAD DA . 56.71 -8.43 43.00
N1A NAD DA . 57.08 -10.62 42.07
C2A NAD DA . 56.67 -11.69 41.38
N3A NAD DA . 55.44 -11.73 40.84
C4A NAD DA . 54.59 -10.70 40.99
O3 NAD DA . 48.32 -10.55 34.07
PN NAD DA . 47.06 -9.60 34.28
O1N NAD DA . 47.49 -8.13 34.37
O2N NAD DA . 46.35 -10.00 35.54
O5D NAD DA . 46.13 -9.77 33.09
C5D NAD DA . 45.26 -8.76 32.79
C4D NAD DA . 43.90 -9.24 32.47
O4D NAD DA . 43.62 -8.96 31.14
C3D NAD DA . 43.80 -10.70 32.63
O3D NAD DA . 43.27 -11.02 33.92
C2D NAD DA . 42.94 -11.15 31.59
O2D NAD DA . 41.73 -11.65 32.08
C1D NAD DA . 42.66 -9.94 30.76
N1N NAD DA . 42.68 -10.11 29.32
C2N NAD DA . 43.00 -11.28 28.75
C3N NAD DA . 43.05 -11.39 27.36
C7N NAD DA . 43.44 -12.67 26.65
O7N NAD DA . 44.13 -12.60 25.62
N7N NAD DA . 43.20 -13.96 27.22
C4N NAD DA . 42.77 -10.28 26.60
C5N NAD DA . 42.46 -9.08 27.20
C6N NAD DA . 42.41 -9.03 28.58
#